data_5YAQ
#
_entry.id   5YAQ
#
_cell.length_a   86.550
_cell.length_b   121.243
_cell.length_c   140.395
_cell.angle_alpha   90.00
_cell.angle_beta   90.00
_cell.angle_gamma   90.00
#
_symmetry.space_group_name_H-M   'P 21 21 21'
#
loop_
_entity.id
_entity.type
_entity.pdbx_description
1 polymer 'Scyllo-inositol dehydrogenase with L-glucose dehydrogenase activity'
2 non-polymer NICOTINAMIDE-ADENINE-DINUCLEOTIDE
3 non-polymer (2R,3S,4s,5R,6S)-2,3,4,5,6-pentahydroxycyclohexanone
4 water water
#
_entity_poly.entity_id   1
_entity_poly.type   'polypeptide(L)'
_entity_poly.pdbx_seq_one_letter_code
;MSNAEKALGVALIGTGFMGKCHAMAWRNVATAFGGLPPRLEVLADMPADKAHSLASSFGFARGTADWREAVSDPAVDVVS
ITTPNGLHREMAEAALAAGKHVWLEKPMALSVEDAQAMEAAARASDRRTIIGYNYTRSPAFRAAVDLIAEGAIGRPIHFR
GMYDEDYMADPDLPWSWRLTRKDGGLGALGDLGCHLVSVMVSLMGPVARVYAQADTVITDRPHQGGTARVENEDQAQALI
RFASGTSGEFSCSRVARGYRCRLAWEVQGTEGTLRFDQERMNELWLYQPGRPEIDGFRRILTGPAQPGFAAFCPGGGHNF
GFNEQKVVEAEMLRQAIAGRGKAWPDFTDGLTIERVIHGMATSAQTGQPVNFLEHHHHHH
;
_entity_poly.pdbx_strand_id   A,B,C,D
#
loop_
_chem_comp.id
_chem_comp.type
_chem_comp.name
_chem_comp.formula
ISE non-polymer (2R,3S,4s,5R,6S)-2,3,4,5,6-pentahydroxycyclohexanone 'C6 H10 O6'
NAD non-polymer NICOTINAMIDE-ADENINE-DINUCLEOTIDE 'C21 H27 N7 O14 P2'
#
# COMPACT_ATOMS: atom_id res chain seq x y z
N ALA A 7 -22.98 39.22 -7.03
CA ALA A 7 -22.29 38.05 -7.67
C ALA A 7 -21.07 38.48 -8.50
N LEU A 8 -19.96 37.77 -8.32
CA LEU A 8 -18.81 37.93 -9.19
C LEU A 8 -19.10 37.54 -10.63
N GLY A 9 -18.71 38.42 -11.54
CA GLY A 9 -18.88 38.21 -12.96
C GLY A 9 -17.62 37.56 -13.51
N VAL A 10 -17.78 36.44 -14.20
CA VAL A 10 -16.66 35.56 -14.59
C VAL A 10 -16.55 35.45 -16.07
N ALA A 11 -15.31 35.61 -16.54
CA ALA A 11 -14.90 35.25 -17.89
C ALA A 11 -13.93 34.10 -17.82
N LEU A 12 -14.05 33.16 -18.74
CA LEU A 12 -13.17 32.00 -18.81
C LEU A 12 -12.60 31.90 -20.21
N ILE A 13 -11.28 31.82 -20.32
CA ILE A 13 -10.61 31.71 -21.59
C ILE A 13 -10.01 30.30 -21.67
N GLY A 14 -10.50 29.54 -22.64
CA GLY A 14 -10.11 28.15 -22.80
C GLY A 14 -11.07 27.16 -22.17
N THR A 15 -11.18 25.99 -22.80
CA THR A 15 -12.12 24.92 -22.42
C THR A 15 -11.48 23.53 -22.34
N GLY A 16 -10.16 23.46 -22.36
CA GLY A 16 -9.44 22.20 -22.41
C GLY A 16 -9.35 21.56 -21.04
N PHE A 17 -8.22 20.92 -20.78
CA PHE A 17 -7.97 20.23 -19.49
C PHE A 17 -8.29 21.21 -18.36
N MET A 18 -7.58 22.32 -18.31
CA MET A 18 -7.79 23.28 -17.24
C MET A 18 -9.01 24.16 -17.39
N GLY A 19 -9.34 24.52 -18.62
CA GLY A 19 -10.55 25.33 -18.91
C GLY A 19 -11.82 24.73 -18.35
N LYS A 20 -12.05 23.46 -18.67
CA LYS A 20 -13.22 22.74 -18.15
C LYS A 20 -13.15 22.60 -16.63
N CYS A 21 -11.95 22.39 -16.11
CA CYS A 21 -11.72 22.34 -14.65
C CYS A 21 -12.10 23.65 -13.99
N HIS A 22 -11.68 24.77 -14.57
CA HIS A 22 -12.13 26.10 -14.09
C HIS A 22 -13.66 26.26 -14.16
N ALA A 23 -14.26 25.85 -15.26
CA ALA A 23 -15.72 25.98 -15.44
C ALA A 23 -16.49 25.25 -14.35
N MET A 24 -16.06 24.01 -14.10
CA MET A 24 -16.68 23.19 -13.05
C MET A 24 -16.53 23.86 -11.70
N ALA A 25 -15.34 24.43 -11.47
CA ALA A 25 -15.01 25.12 -10.23
C ALA A 25 -15.89 26.33 -9.94
N TRP A 26 -15.95 27.23 -10.91
CA TRP A 26 -16.79 28.42 -10.80
C TRP A 26 -18.29 28.11 -10.66
N ARG A 27 -18.73 27.04 -11.31
CA ARG A 27 -20.10 26.53 -11.21
C ARG A 27 -20.55 26.11 -9.79
N ASN A 28 -19.65 25.50 -9.03
CA ASN A 28 -20.01 24.96 -7.71
C ASN A 28 -19.40 25.63 -6.50
N VAL A 29 -18.62 26.69 -6.71
CA VAL A 29 -17.91 27.34 -5.61
C VAL A 29 -18.86 27.84 -4.51
N ALA A 30 -19.96 28.49 -4.86
CA ALA A 30 -20.96 28.86 -3.85
C ALA A 30 -21.78 27.67 -3.32
N THR A 31 -21.96 26.63 -4.12
CA THR A 31 -22.63 25.42 -3.63
C THR A 31 -21.89 24.83 -2.43
N ALA A 32 -20.57 24.72 -2.58
CA ALA A 32 -19.68 24.25 -1.53
C ALA A 32 -19.52 25.25 -0.38
N PHE A 33 -19.17 26.48 -0.69
CA PHE A 33 -18.75 27.46 0.33
C PHE A 33 -19.76 28.53 0.73
N GLY A 34 -20.95 28.54 0.15
CA GLY A 34 -21.94 29.57 0.49
C GLY A 34 -21.76 30.87 -0.28
N GLY A 35 -22.53 31.88 0.12
CA GLY A 35 -22.56 33.15 -0.55
C GLY A 35 -23.26 33.07 -1.89
N LEU A 36 -22.99 34.04 -2.75
CA LEU A 36 -23.66 34.16 -4.05
C LEU A 36 -22.93 33.40 -5.15
N PRO A 37 -23.67 32.63 -5.98
CA PRO A 37 -23.01 31.98 -7.10
C PRO A 37 -22.41 33.00 -8.03
N PRO A 38 -21.13 32.83 -8.39
CA PRO A 38 -20.60 33.68 -9.44
C PRO A 38 -21.41 33.57 -10.74
N ARG A 39 -21.52 34.71 -11.43
CA ARG A 39 -22.21 34.82 -12.72
C ARG A 39 -21.26 34.43 -13.83
N LEU A 40 -21.61 33.38 -14.56
CA LEU A 40 -20.77 32.90 -15.64
C LEU A 40 -21.16 33.67 -16.88
N GLU A 41 -20.38 34.69 -17.20
CA GLU A 41 -20.76 35.68 -18.20
C GLU A 41 -20.28 35.35 -19.59
N VAL A 42 -18.97 35.26 -19.78
CA VAL A 42 -18.44 35.02 -21.11
C VAL A 42 -17.38 33.93 -21.11
N LEU A 43 -17.53 33.02 -22.07
CA LEU A 43 -16.59 31.96 -22.28
C LEU A 43 -15.91 32.20 -23.63
N ALA A 44 -14.58 32.17 -23.62
CA ALA A 44 -13.83 32.33 -24.88
C ALA A 44 -13.07 31.06 -25.24
N ASP A 45 -13.20 30.64 -26.50
CA ASP A 45 -12.48 29.50 -27.03
C ASP A 45 -12.54 29.52 -28.54
N MET A 46 -11.74 28.69 -29.20
CA MET A 46 -11.81 28.60 -30.67
C MET A 46 -11.86 27.15 -31.16
N PRO A 47 -12.50 26.91 -32.30
CA PRO A 47 -13.25 27.90 -33.07
C PRO A 47 -14.59 28.31 -32.43
N ALA A 48 -15.25 29.27 -33.06
CA ALA A 48 -16.40 29.94 -32.47
C ALA A 48 -17.56 29.00 -32.17
N ASP A 49 -17.79 28.01 -33.01
CA ASP A 49 -18.98 27.16 -32.80
C ASP A 49 -18.77 26.25 -31.57
N LYS A 50 -17.53 25.89 -31.30
CA LYS A 50 -17.15 25.23 -30.04
C LYS A 50 -17.35 26.14 -28.82
N ALA A 51 -16.96 27.41 -28.95
CA ALA A 51 -17.18 28.38 -27.88
C ALA A 51 -18.68 28.52 -27.59
N HIS A 52 -19.49 28.65 -28.64
CA HIS A 52 -20.94 28.76 -28.49
C HIS A 52 -21.53 27.48 -27.88
N SER A 53 -21.14 26.32 -28.39
CA SER A 53 -21.68 25.04 -27.90
C SER A 53 -21.34 24.79 -26.41
N LEU A 54 -20.07 25.01 -26.07
CA LEU A 54 -19.58 24.90 -24.69
C LEU A 54 -20.06 25.97 -23.73
N ALA A 55 -20.25 27.21 -24.19
CA ALA A 55 -20.85 28.26 -23.33
C ALA A 55 -22.26 27.80 -22.91
N SER A 56 -22.99 27.18 -23.82
CA SER A 56 -24.34 26.66 -23.51
C SER A 56 -24.29 25.57 -22.40
N SER A 57 -23.51 24.54 -22.65
CA SER A 57 -23.42 23.39 -21.72
C SER A 57 -22.69 23.71 -20.41
N PHE A 58 -21.73 24.63 -20.46
CA PHE A 58 -21.03 25.09 -19.26
C PHE A 58 -21.87 26.04 -18.39
N GLY A 59 -22.95 26.60 -18.92
CA GLY A 59 -23.78 27.56 -18.19
C GLY A 59 -23.33 29.00 -18.28
N PHE A 60 -22.49 29.32 -19.27
CA PHE A 60 -22.09 30.71 -19.51
C PHE A 60 -23.17 31.43 -20.31
N ALA A 61 -23.38 32.72 -20.03
CA ALA A 61 -24.40 33.51 -20.76
C ALA A 61 -24.13 33.58 -22.27
N ARG A 62 -22.85 33.60 -22.67
CA ARG A 62 -22.48 33.60 -24.09
C ARG A 62 -21.07 33.08 -24.29
N GLY A 63 -20.83 32.59 -25.50
CA GLY A 63 -19.50 32.19 -25.94
C GLY A 63 -18.99 33.13 -27.03
N THR A 64 -17.66 33.21 -27.15
CA THR A 64 -17.00 34.00 -28.17
C THR A 64 -15.70 33.35 -28.57
N ALA A 65 -15.27 33.58 -29.80
CA ALA A 65 -13.92 33.19 -30.21
C ALA A 65 -12.88 34.26 -29.97
N ASP A 66 -13.24 35.39 -29.36
CA ASP A 66 -12.34 36.53 -29.19
C ASP A 66 -12.07 36.72 -27.70
N TRP A 67 -10.90 36.29 -27.25
CA TRP A 67 -10.56 36.40 -25.83
C TRP A 67 -10.51 37.85 -25.33
N ARG A 68 -10.07 38.76 -26.19
CA ARG A 68 -10.07 40.20 -25.84
C ARG A 68 -11.45 40.74 -25.53
N GLU A 69 -12.48 40.21 -26.19
CA GLU A 69 -13.85 40.62 -25.89
C GLU A 69 -14.24 40.17 -24.49
N ALA A 70 -13.84 38.95 -24.16
CA ALA A 70 -14.12 38.38 -22.85
C ALA A 70 -13.52 39.19 -21.71
N VAL A 71 -12.26 39.61 -21.85
CA VAL A 71 -11.57 40.34 -20.77
C VAL A 71 -12.06 41.79 -20.56
N SER A 72 -12.64 42.38 -21.61
CA SER A 72 -13.15 43.76 -21.59
C SER A 72 -14.62 43.88 -21.26
N ASP A 73 -15.32 42.76 -21.11
CA ASP A 73 -16.76 42.82 -20.87
C ASP A 73 -17.07 43.52 -19.54
N PRO A 74 -17.94 44.55 -19.57
CA PRO A 74 -18.33 45.27 -18.34
C PRO A 74 -19.00 44.43 -17.26
N ALA A 75 -19.59 43.29 -17.64
CA ALA A 75 -20.20 42.37 -16.69
C ALA A 75 -19.19 41.38 -16.04
N VAL A 76 -17.93 41.48 -16.41
CA VAL A 76 -16.87 40.60 -15.89
C VAL A 76 -16.02 41.32 -14.85
N ASP A 77 -15.79 40.65 -13.72
CA ASP A 77 -14.91 41.13 -12.65
C ASP A 77 -13.61 40.36 -12.59
N VAL A 78 -13.64 39.11 -13.05
CA VAL A 78 -12.54 38.18 -12.90
C VAL A 78 -12.43 37.33 -14.16
N VAL A 79 -11.19 37.03 -14.54
CA VAL A 79 -10.88 36.28 -15.72
C VAL A 79 -10.04 35.04 -15.37
N SER A 80 -10.58 33.86 -15.70
CA SER A 80 -9.80 32.62 -15.74
C SER A 80 -9.09 32.45 -17.07
N ILE A 81 -7.77 32.25 -17.03
CA ILE A 81 -6.92 32.10 -18.23
C ILE A 81 -6.28 30.71 -18.24
N THR A 82 -6.73 29.86 -19.16
CA THR A 82 -6.31 28.46 -19.23
C THR A 82 -5.73 28.11 -20.59
N THR A 83 -5.15 29.07 -21.27
CA THR A 83 -4.67 28.86 -22.63
C THR A 83 -3.25 28.36 -22.61
N PRO A 84 -2.70 28.05 -23.81
CA PRO A 84 -1.29 27.65 -23.86
C PRO A 84 -0.37 28.73 -23.32
N ASN A 85 0.78 28.28 -22.83
CA ASN A 85 1.70 29.10 -22.05
C ASN A 85 2.18 30.37 -22.74
N GLY A 86 2.38 30.29 -24.05
CA GLY A 86 2.84 31.41 -24.84
C GLY A 86 1.90 32.59 -24.88
N LEU A 87 0.63 32.38 -24.51
CA LEU A 87 -0.39 33.44 -24.51
C LEU A 87 -0.65 34.04 -23.12
N HIS A 88 -0.07 33.44 -22.08
CA HIS A 88 -0.35 33.84 -20.71
C HIS A 88 0.01 35.28 -20.42
N ARG A 89 1.18 35.70 -20.84
CA ARG A 89 1.61 37.06 -20.55
C ARG A 89 0.63 38.08 -21.12
N GLU A 90 0.34 37.95 -22.40
CA GLU A 90 -0.47 38.92 -23.11
C GLU A 90 -1.88 38.99 -22.53
N MET A 91 -2.45 37.81 -22.24
CA MET A 91 -3.82 37.73 -21.74
C MET A 91 -3.91 38.25 -20.33
N ALA A 92 -2.94 37.92 -19.47
CA ALA A 92 -3.01 38.42 -18.09
C ALA A 92 -2.85 39.95 -18.06
N GLU A 93 -1.85 40.46 -18.77
CA GLU A 93 -1.61 41.92 -18.84
C GLU A 93 -2.84 42.67 -19.38
N ALA A 94 -3.52 42.12 -20.38
CA ALA A 94 -4.73 42.77 -20.91
C ALA A 94 -5.87 42.76 -19.89
N ALA A 95 -6.08 41.64 -19.22
CA ALA A 95 -7.14 41.57 -18.20
C ALA A 95 -6.88 42.56 -17.07
N LEU A 96 -5.65 42.60 -16.55
CA LEU A 96 -5.28 43.57 -15.51
C LEU A 96 -5.44 45.02 -15.99
N ALA A 97 -5.00 45.32 -17.21
CA ALA A 97 -5.20 46.65 -17.84
C ALA A 97 -6.65 47.03 -17.96
N ALA A 98 -7.51 46.06 -18.27
CA ALA A 98 -8.96 46.23 -18.24
C ALA A 98 -9.62 46.29 -16.85
N GLY A 99 -8.84 46.19 -15.77
CA GLY A 99 -9.36 46.27 -14.41
C GLY A 99 -10.00 45.01 -13.88
N LYS A 100 -9.54 43.84 -14.33
CA LYS A 100 -10.11 42.54 -13.91
C LYS A 100 -9.11 41.82 -13.04
N HIS A 101 -9.62 41.11 -12.04
CA HIS A 101 -8.86 40.13 -11.28
C HIS A 101 -8.52 38.96 -12.18
N VAL A 102 -7.41 38.29 -11.91
CA VAL A 102 -6.89 37.25 -12.80
C VAL A 102 -6.58 35.94 -12.07
N TRP A 103 -7.10 34.86 -12.63
CA TRP A 103 -6.78 33.51 -12.23
C TRP A 103 -6.03 32.91 -13.42
N LEU A 104 -4.70 32.88 -13.32
CA LEU A 104 -3.84 32.42 -14.40
C LEU A 104 -3.35 31.00 -14.14
N GLU A 105 -3.49 30.14 -15.12
CA GLU A 105 -2.89 28.82 -15.08
C GLU A 105 -1.35 28.91 -15.15
N LYS A 106 -0.72 27.98 -14.45
CA LYS A 106 0.73 27.81 -14.48
C LYS A 106 1.22 27.28 -15.82
N PRO A 107 2.52 27.42 -16.12
CA PRO A 107 3.42 28.38 -15.47
C PRO A 107 3.05 29.77 -15.93
N MET A 108 3.60 30.81 -15.30
CA MET A 108 3.22 32.19 -15.62
C MET A 108 3.41 32.52 -17.09
N ALA A 109 4.57 32.20 -17.64
CA ALA A 109 4.86 32.48 -19.03
C ALA A 109 6.05 31.62 -19.49
N LEU A 110 6.65 31.94 -20.63
CA LEU A 110 7.76 31.15 -21.16
C LEU A 110 9.12 31.51 -20.56
N SER A 111 9.26 32.73 -20.06
CA SER A 111 10.58 33.24 -19.62
C SER A 111 10.43 34.00 -18.33
N VAL A 112 11.55 34.17 -17.62
CA VAL A 112 11.60 35.02 -16.41
C VAL A 112 11.28 36.48 -16.78
N GLU A 113 11.81 36.93 -17.90
CA GLU A 113 11.57 38.30 -18.40
C GLU A 113 10.08 38.57 -18.50
N ASP A 114 9.34 37.70 -19.17
CA ASP A 114 7.87 37.80 -19.25
C ASP A 114 7.19 37.85 -17.88
N ALA A 115 7.58 36.94 -16.98
CA ALA A 115 7.00 36.93 -15.64
C ALA A 115 7.30 38.22 -14.85
N GLN A 116 8.49 38.79 -15.03
CA GLN A 116 8.81 40.08 -14.41
C GLN A 116 7.89 41.21 -14.87
N ALA A 117 7.61 41.25 -16.16
CA ALA A 117 6.70 42.26 -16.70
C ALA A 117 5.30 42.05 -16.13
N MET A 118 4.81 40.81 -16.12
CA MET A 118 3.48 40.48 -15.55
C MET A 118 3.37 40.92 -14.09
N GLU A 119 4.44 40.67 -13.34
CA GLU A 119 4.48 40.97 -11.92
C GLU A 119 4.39 42.47 -11.65
N ALA A 120 5.09 43.26 -12.46
CA ALA A 120 5.01 44.74 -12.39
C ALA A 120 3.61 45.25 -12.80
N ALA A 121 3.04 44.67 -13.84
CA ALA A 121 1.64 44.96 -14.24
C ALA A 121 0.62 44.66 -13.13
N ALA A 122 0.80 43.55 -12.40
CA ALA A 122 -0.13 43.20 -11.31
C ALA A 122 -0.02 44.20 -10.17
N ARG A 123 1.21 44.55 -9.79
CA ARG A 123 1.41 45.61 -8.80
C ARG A 123 0.93 46.99 -9.26
N ALA A 124 0.97 47.25 -10.56
CA ALA A 124 0.43 48.51 -11.13
C ALA A 124 -1.10 48.57 -11.06
N SER A 125 -1.78 47.45 -11.27
CA SER A 125 -3.21 47.41 -11.07
C SER A 125 -3.43 47.21 -9.59
N ASP A 126 -4.62 47.48 -9.15
CA ASP A 126 -4.97 47.18 -7.81
C ASP A 126 -5.86 45.95 -7.82
N ARG A 127 -5.53 44.96 -8.67
CA ARG A 127 -6.38 43.76 -8.75
C ARG A 127 -5.64 42.57 -8.17
N ARG A 128 -6.44 41.63 -7.64
CA ARG A 128 -5.95 40.33 -7.19
C ARG A 128 -5.57 39.39 -8.34
N THR A 129 -4.50 38.65 -8.09
CA THR A 129 -4.04 37.61 -9.00
C THR A 129 -3.84 36.35 -8.17
N ILE A 130 -4.10 35.21 -8.79
CA ILE A 130 -3.70 33.91 -8.27
C ILE A 130 -3.28 33.03 -9.45
N ILE A 131 -2.28 32.20 -9.23
CA ILE A 131 -1.82 31.22 -10.21
C ILE A 131 -2.30 29.82 -9.84
N GLY A 132 -2.68 29.01 -10.84
CA GLY A 132 -3.36 27.70 -10.67
C GLY A 132 -2.56 26.46 -10.22
N TYR A 133 -1.84 26.65 -9.13
CA TYR A 133 -1.09 25.58 -8.49
C TYR A 133 -2.04 24.75 -7.66
N ASN A 134 -2.82 23.93 -8.35
CA ASN A 134 -3.97 23.27 -7.68
C ASN A 134 -3.59 22.15 -6.70
N TYR A 135 -2.36 21.64 -6.79
CA TYR A 135 -1.88 20.62 -5.86
C TYR A 135 -1.59 21.16 -4.46
N THR A 136 -1.56 22.49 -4.32
CA THR A 136 -1.53 23.12 -3.00
C THR A 136 -2.94 23.23 -2.36
N ARG A 137 -3.97 22.76 -3.05
CA ARG A 137 -5.35 23.00 -2.54
C ARG A 137 -6.01 21.78 -1.94
N SER A 138 -5.36 20.62 -2.02
CA SER A 138 -5.97 19.41 -1.53
C SER A 138 -6.10 19.51 -0.01
N PRO A 139 -7.15 18.90 0.54
CA PRO A 139 -7.23 18.87 1.98
C PRO A 139 -6.02 18.19 2.63
N ALA A 140 -5.49 17.14 2.01
CA ALA A 140 -4.30 16.51 2.56
C ALA A 140 -3.08 17.44 2.58
N PHE A 141 -2.82 18.17 1.50
CA PHE A 141 -1.71 19.12 1.49
C PHE A 141 -1.86 20.24 2.53
N ARG A 142 -3.04 20.84 2.56
CA ARG A 142 -3.34 21.90 3.52
C ARG A 142 -3.29 21.41 4.98
N ALA A 143 -3.73 20.17 5.18
CA ALA A 143 -3.58 19.51 6.49
C ALA A 143 -2.11 19.36 6.89
N ALA A 144 -1.28 18.93 5.94
CA ALA A 144 0.15 18.78 6.18
C ALA A 144 0.81 20.11 6.59
N VAL A 145 0.48 21.17 5.87
CA VAL A 145 0.99 22.50 6.18
C VAL A 145 0.59 22.88 7.61
N ASP A 146 -0.68 22.65 7.95
CA ASP A 146 -1.20 22.96 9.29
C ASP A 146 -0.59 22.09 10.39
N LEU A 147 -0.34 20.80 10.08
CA LEU A 147 0.36 19.90 11.02
C LEU A 147 1.77 20.39 11.30
N ILE A 148 2.49 20.80 10.26
CA ILE A 148 3.83 21.38 10.44
C ILE A 148 3.76 22.65 11.30
N ALA A 149 2.85 23.57 10.96
CA ALA A 149 2.58 24.79 11.76
C ALA A 149 2.13 24.54 13.21
N GLU A 150 1.53 23.40 13.46
CA GLU A 150 1.17 22.95 14.78
C GLU A 150 2.38 22.36 15.57
N GLY A 151 3.50 22.12 14.90
CA GLY A 151 4.68 21.46 15.47
C GLY A 151 4.73 19.93 15.40
N ALA A 152 3.85 19.32 14.61
CA ALA A 152 3.72 17.86 14.48
C ALA A 152 5.02 17.11 14.15
N ILE A 153 5.90 17.72 13.35
CA ILE A 153 7.15 17.05 12.98
C ILE A 153 8.38 17.83 13.38
N GLY A 154 8.22 18.83 14.23
CA GLY A 154 9.34 19.68 14.63
C GLY A 154 9.85 20.50 13.46
N ARG A 155 11.17 20.59 13.35
CA ARG A 155 11.81 21.36 12.29
C ARG A 155 12.13 20.50 11.07
N PRO A 156 11.71 20.93 9.86
CA PRO A 156 12.14 20.19 8.66
C PRO A 156 13.66 20.19 8.51
N ILE A 157 14.21 19.01 8.23
CA ILE A 157 15.62 18.85 7.96
C ILE A 157 15.93 18.31 6.58
N HIS A 158 14.94 17.71 5.92
CA HIS A 158 15.10 17.29 4.55
C HIS A 158 13.79 17.29 3.80
N PHE A 159 13.86 17.67 2.52
CA PHE A 159 12.75 17.56 1.58
C PHE A 159 13.16 16.64 0.44
N ARG A 160 12.30 15.68 0.09
CA ARG A 160 12.47 14.89 -1.14
C ARG A 160 11.14 14.96 -1.89
N GLY A 161 11.21 15.45 -3.13
CA GLY A 161 10.03 15.56 -3.96
C GLY A 161 10.29 15.12 -5.39
N MET A 162 9.25 14.58 -6.00
CA MET A 162 9.28 14.17 -7.39
C MET A 162 7.93 14.50 -8.05
N TYR A 163 7.92 14.61 -9.36
CA TYR A 163 6.69 14.66 -10.13
C TYR A 163 6.86 13.88 -11.44
N ASP A 164 6.42 12.63 -11.43
CA ASP A 164 6.54 11.71 -12.56
C ASP A 164 5.23 11.54 -13.27
N GLU A 165 5.29 11.66 -14.60
CA GLU A 165 4.18 11.31 -15.50
C GLU A 165 4.76 10.71 -16.76
N ASP A 166 3.94 10.02 -17.54
CA ASP A 166 4.46 9.38 -18.77
C ASP A 166 3.74 9.80 -20.03
N TYR A 167 3.13 10.98 -20.01
CA TYR A 167 2.39 11.44 -21.19
C TYR A 167 3.25 11.63 -22.46
N MET A 168 4.58 11.68 -22.33
CA MET A 168 5.48 11.77 -23.51
C MET A 168 6.36 10.55 -23.66
N ALA A 169 6.10 9.49 -22.91
CA ALA A 169 6.99 8.37 -22.92
C ALA A 169 6.97 7.63 -24.26
N ASP A 170 5.82 7.65 -24.93
CA ASP A 170 5.70 7.03 -26.26
C ASP A 170 6.47 7.88 -27.30
N PRO A 171 7.58 7.33 -27.86
CA PRO A 171 8.38 8.12 -28.83
C PRO A 171 7.67 8.46 -30.14
N ASP A 172 6.57 7.79 -30.44
CA ASP A 172 5.83 8.06 -31.67
C ASP A 172 4.80 9.16 -31.55
N LEU A 173 4.66 9.76 -30.37
CA LEU A 173 3.83 10.94 -30.25
C LEU A 173 4.51 12.07 -31.00
N PRO A 174 3.72 12.87 -31.76
CA PRO A 174 4.27 13.88 -32.67
C PRO A 174 5.02 15.04 -32.01
N TRP A 175 5.99 15.58 -32.74
CA TRP A 175 6.64 16.82 -32.39
C TRP A 175 5.64 17.96 -32.44
N SER A 176 5.95 19.01 -31.69
CA SER A 176 5.16 20.22 -31.66
C SER A 176 6.08 21.38 -31.28
N TRP A 177 5.66 22.60 -31.61
CA TRP A 177 6.41 23.83 -31.23
C TRP A 177 6.56 24.00 -29.70
N ARG A 178 5.76 23.26 -28.93
CA ARG A 178 5.94 23.20 -27.45
C ARG A 178 7.25 22.56 -27.01
N LEU A 179 7.89 21.82 -27.90
CA LEU A 179 9.16 21.15 -27.65
C LEU A 179 10.34 21.96 -28.18
N THR A 180 10.09 23.20 -28.64
CA THR A 180 11.18 24.19 -28.88
C THR A 180 11.34 25.10 -27.65
N ARG A 181 12.57 25.54 -27.39
CA ARG A 181 12.83 26.49 -26.29
C ARG A 181 12.12 27.83 -26.51
N LYS A 182 12.21 28.34 -27.74
CA LYS A 182 11.70 29.67 -28.08
C LYS A 182 10.18 29.82 -27.90
N ASP A 183 9.42 28.89 -28.48
CA ASP A 183 7.95 28.92 -28.38
C ASP A 183 7.32 27.88 -27.46
N GLY A 184 8.12 26.97 -26.92
CA GLY A 184 7.66 26.04 -25.89
C GLY A 184 8.13 26.34 -24.47
N GLY A 185 9.17 27.13 -24.33
CA GLY A 185 9.77 27.37 -23.03
C GLY A 185 10.37 26.08 -22.51
N LEU A 186 10.23 25.85 -21.21
CA LEU A 186 10.78 24.67 -20.58
C LEU A 186 9.95 23.44 -20.91
N GLY A 187 10.52 22.28 -20.66
CA GLY A 187 9.84 21.00 -20.88
C GLY A 187 9.21 20.51 -19.60
N ALA A 188 9.67 19.35 -19.11
CA ALA A 188 9.21 18.77 -17.85
C ALA A 188 9.23 19.79 -16.67
N LEU A 189 10.28 20.60 -16.60
CA LEU A 189 10.36 21.65 -15.57
C LEU A 189 9.22 22.67 -15.62
N GLY A 190 8.82 23.05 -16.83
CA GLY A 190 7.71 24.00 -17.05
C GLY A 190 6.32 23.45 -16.80
N ASP A 191 6.09 22.22 -17.26
CA ASP A 191 4.80 21.57 -17.11
C ASP A 191 4.53 20.96 -15.72
N LEU A 192 5.57 20.36 -15.16
CA LEU A 192 5.45 19.61 -13.90
C LEU A 192 6.31 20.21 -12.77
N GLY A 193 7.56 20.49 -13.08
CA GLY A 193 8.48 21.11 -12.13
C GLY A 193 7.92 22.28 -11.35
N CYS A 194 7.24 23.21 -12.03
CA CYS A 194 6.68 24.38 -11.36
C CYS A 194 5.65 24.00 -10.29
N HIS A 195 4.82 23.00 -10.57
CA HIS A 195 3.92 22.45 -9.57
C HIS A 195 4.68 21.94 -8.35
N LEU A 196 5.75 21.19 -8.57
CA LEU A 196 6.52 20.66 -7.43
C LEU A 196 7.16 21.80 -6.62
N VAL A 197 7.69 22.83 -7.30
CA VAL A 197 8.22 24.02 -6.60
C VAL A 197 7.13 24.69 -5.74
N SER A 198 5.91 24.79 -6.27
CA SER A 198 4.81 25.42 -5.52
C SER A 198 4.54 24.71 -4.19
N VAL A 199 4.53 23.39 -4.23
CA VAL A 199 4.40 22.53 -3.06
C VAL A 199 5.62 22.67 -2.13
N MET A 200 6.79 22.50 -2.74
CA MET A 200 8.07 22.52 -2.03
C MET A 200 8.30 23.78 -1.18
N VAL A 201 8.08 24.95 -1.78
CA VAL A 201 8.33 26.24 -1.08
C VAL A 201 7.25 26.51 -0.04
N SER A 202 6.06 25.98 -0.22
CA SER A 202 5.04 26.03 0.82
C SER A 202 5.44 25.22 2.05
N LEU A 203 6.21 24.15 1.87
CA LEU A 203 6.69 23.32 3.02
C LEU A 203 8.04 23.77 3.60
N MET A 204 8.94 24.19 2.73
CA MET A 204 10.35 24.43 3.13
C MET A 204 10.80 25.87 3.09
N GLY A 205 9.95 26.75 2.58
CA GLY A 205 10.35 28.13 2.41
C GLY A 205 11.16 28.34 1.16
N PRO A 206 11.71 29.54 1.00
CA PRO A 206 12.39 29.91 -0.27
C PRO A 206 13.65 29.09 -0.58
N VAL A 207 13.92 28.95 -1.87
CA VAL A 207 15.10 28.23 -2.35
C VAL A 207 16.29 29.19 -2.42
N ALA A 208 17.45 28.78 -1.91
CA ALA A 208 18.67 29.62 -1.99
C ALA A 208 19.61 29.20 -3.10
N ARG A 209 19.76 27.89 -3.31
CA ARG A 209 20.63 27.34 -4.32
C ARG A 209 20.10 26.05 -4.94
N VAL A 210 20.32 25.91 -6.24
CA VAL A 210 20.09 24.67 -6.95
C VAL A 210 21.33 24.26 -7.75
N TYR A 211 21.54 22.95 -7.80
CA TYR A 211 22.42 22.31 -8.74
C TYR A 211 21.58 21.28 -9.47
N ALA A 212 21.49 21.39 -10.80
CA ALA A 212 20.58 20.54 -11.57
C ALA A 212 21.22 19.82 -12.73
N GLN A 213 20.53 18.79 -13.17
CA GLN A 213 20.84 18.10 -14.40
C GLN A 213 19.50 17.78 -15.11
N ALA A 214 19.59 17.59 -16.41
CA ALA A 214 18.43 17.37 -17.24
C ALA A 214 18.79 16.55 -18.47
N ASP A 215 17.76 15.94 -19.05
CA ASP A 215 17.96 15.14 -20.26
C ASP A 215 16.75 15.21 -21.17
N THR A 216 17.04 15.15 -22.46
CA THR A 216 16.04 14.90 -23.45
C THR A 216 16.29 13.45 -23.80
N VAL A 217 15.31 12.60 -23.51
CA VAL A 217 15.42 11.16 -23.67
C VAL A 217 14.96 10.76 -25.07
N ILE A 218 13.87 11.35 -25.54
CA ILE A 218 13.38 11.14 -26.90
C ILE A 218 13.66 12.43 -27.65
N THR A 219 14.73 12.44 -28.45
CA THR A 219 15.27 13.66 -29.03
C THR A 219 14.62 14.05 -30.35
N ASP A 220 13.90 13.13 -30.98
CA ASP A 220 13.33 13.32 -32.30
C ASP A 220 11.97 12.67 -32.34
N ARG A 221 11.02 13.35 -32.97
CA ARG A 221 9.65 12.88 -33.04
C ARG A 221 9.06 13.13 -34.42
N PRO A 222 8.12 12.28 -34.84
CA PRO A 222 7.37 12.42 -36.09
C PRO A 222 6.83 13.82 -36.33
N HIS A 223 7.11 14.33 -37.53
CA HIS A 223 6.75 15.68 -37.94
C HIS A 223 6.49 15.66 -39.44
N GLN A 224 5.20 15.72 -39.77
CA GLN A 224 4.67 15.82 -41.14
C GLN A 224 5.47 15.06 -42.17
N GLY A 225 5.69 13.78 -41.86
CA GLY A 225 6.30 12.85 -42.79
C GLY A 225 7.74 12.48 -42.47
N GLY A 226 8.51 13.44 -41.94
CA GLY A 226 9.90 13.22 -41.49
C GLY A 226 9.93 13.31 -39.97
N THR A 227 10.93 13.99 -39.42
CA THR A 227 11.02 14.21 -37.96
C THR A 227 11.54 15.59 -37.58
N ALA A 228 11.31 15.99 -36.33
CA ALA A 228 11.89 17.25 -35.81
C ALA A 228 12.49 17.07 -34.41
N ARG A 229 13.40 17.97 -34.06
CA ARG A 229 14.24 17.84 -32.87
C ARG A 229 13.44 18.36 -31.68
N VAL A 230 13.43 17.58 -30.59
CA VAL A 230 12.86 18.02 -29.32
C VAL A 230 13.92 18.88 -28.67
N GLU A 231 13.57 20.09 -28.29
CA GLU A 231 14.57 21.02 -27.76
C GLU A 231 14.60 21.19 -26.24
N ASN A 232 13.53 20.83 -25.54
CA ASN A 232 13.53 20.97 -24.07
C ASN A 232 13.54 19.60 -23.40
N GLU A 233 13.68 19.62 -22.08
CA GLU A 233 14.01 18.43 -21.30
C GLU A 233 12.80 17.55 -21.09
N ASP A 234 13.01 16.23 -21.15
CA ASP A 234 12.01 15.25 -20.76
C ASP A 234 12.01 14.95 -19.26
N GLN A 235 13.14 15.16 -18.62
CA GLN A 235 13.26 14.96 -17.18
C GLN A 235 14.36 15.86 -16.65
N ALA A 236 14.24 16.23 -15.37
CA ALA A 236 15.28 16.98 -14.66
C ALA A 236 15.30 16.64 -13.18
N GLN A 237 16.47 16.78 -12.57
CA GLN A 237 16.67 16.60 -11.14
C GLN A 237 17.56 17.71 -10.60
N ALA A 238 17.34 18.06 -9.34
CA ALA A 238 18.11 19.10 -8.67
C ALA A 238 18.33 18.81 -7.18
N LEU A 239 19.52 19.14 -6.69
CA LEU A 239 19.79 19.23 -5.27
C LEU A 239 19.52 20.65 -4.86
N ILE A 240 18.83 20.79 -3.73
CA ILE A 240 18.36 22.09 -3.25
C ILE A 240 19.06 22.42 -1.93
N ARG A 241 19.47 23.68 -1.80
CA ARG A 241 19.77 24.25 -0.49
C ARG A 241 18.74 25.37 -0.30
N PHE A 242 17.89 25.18 0.70
CA PHE A 242 16.90 26.18 1.06
C PHE A 242 17.58 27.33 1.78
N ALA A 243 16.94 28.49 1.73
CA ALA A 243 17.39 29.68 2.45
C ALA A 243 17.63 29.42 3.95
N SER A 244 16.79 28.55 4.53
CA SER A 244 16.94 28.08 5.91
C SER A 244 18.20 27.28 6.21
N GLY A 245 18.89 26.83 5.17
CA GLY A 245 20.05 25.96 5.30
C GLY A 245 19.72 24.49 5.14
N THR A 246 18.44 24.15 5.01
CA THR A 246 18.07 22.75 4.94
C THR A 246 18.24 22.24 3.50
N SER A 247 18.31 20.93 3.37
CA SER A 247 18.52 20.28 2.06
C SER A 247 17.22 19.82 1.40
N GLY A 248 17.31 19.62 0.09
CA GLY A 248 16.20 19.13 -0.71
C GLY A 248 16.66 18.30 -1.89
N GLU A 249 15.83 17.33 -2.28
CA GLU A 249 15.93 16.64 -3.55
C GLU A 249 14.67 16.91 -4.33
N PHE A 250 14.84 17.04 -5.64
CA PHE A 250 13.79 17.53 -6.51
C PHE A 250 13.94 16.83 -7.86
N SER A 251 12.84 16.34 -8.41
CA SER A 251 12.83 15.86 -9.79
C SER A 251 11.49 16.01 -10.48
N CYS A 252 11.53 15.99 -11.81
CA CYS A 252 10.33 15.87 -12.61
C CYS A 252 10.63 15.09 -13.89
N SER A 253 9.59 14.50 -14.47
CA SER A 253 9.70 13.75 -15.71
C SER A 253 8.37 13.58 -16.37
N ARG A 254 8.39 13.68 -17.70
CA ARG A 254 7.22 13.43 -18.53
C ARG A 254 7.38 12.14 -19.32
N VAL A 255 8.40 11.36 -19.01
CA VAL A 255 8.67 10.07 -19.68
C VAL A 255 8.86 8.92 -18.67
N ALA A 256 8.33 9.08 -17.46
CA ALA A 256 8.51 8.09 -16.40
C ALA A 256 7.37 7.06 -16.49
N ARG A 257 7.67 5.94 -17.12
CA ARG A 257 6.64 4.96 -17.54
C ARG A 257 5.85 4.36 -16.38
N GLY A 258 4.52 4.41 -16.49
CA GLY A 258 3.61 3.86 -15.47
C GLY A 258 3.04 4.91 -14.52
N TYR A 259 3.65 6.09 -14.48
CA TYR A 259 3.19 7.17 -13.63
C TYR A 259 2.33 8.12 -14.41
N ARG A 260 1.25 8.56 -13.78
CA ARG A 260 0.24 9.40 -14.43
C ARG A 260 0.06 10.77 -13.80
N CYS A 261 0.17 10.83 -12.47
CA CYS A 261 0.14 12.11 -11.75
C CYS A 261 0.90 11.99 -10.45
N ARG A 262 2.13 11.50 -10.52
CA ARG A 262 2.90 11.11 -9.36
C ARG A 262 3.72 12.28 -8.83
N LEU A 263 2.99 13.29 -8.31
CA LEU A 263 3.55 14.36 -7.52
C LEU A 263 3.62 13.78 -6.12
N ALA A 264 4.82 13.46 -5.67
CA ALA A 264 5.05 12.78 -4.39
C ALA A 264 6.15 13.49 -3.65
N TRP A 265 5.91 13.74 -2.37
CA TRP A 265 6.83 14.54 -1.60
C TRP A 265 6.90 13.99 -0.22
N GLU A 266 8.00 14.26 0.45
CA GLU A 266 8.05 14.05 1.88
C GLU A 266 8.94 15.08 2.56
N VAL A 267 8.56 15.42 3.79
CA VAL A 267 9.31 16.33 4.65
C VAL A 267 9.69 15.53 5.90
N GLN A 268 11.00 15.33 6.08
CA GLN A 268 11.57 14.68 7.24
C GLN A 268 11.97 15.78 8.22
N GLY A 269 11.41 15.73 9.43
CA GLY A 269 11.71 16.73 10.44
C GLY A 269 12.42 16.16 11.65
N THR A 270 12.77 17.04 12.59
CA THR A 270 13.46 16.62 13.81
C THR A 270 12.57 15.76 14.72
N GLU A 271 11.24 15.91 14.59
CA GLU A 271 10.27 15.20 15.45
C GLU A 271 9.21 14.37 14.71
N GLY A 272 9.39 14.17 13.42
CA GLY A 272 8.44 13.37 12.64
C GLY A 272 8.72 13.49 11.16
N THR A 273 7.86 12.84 10.39
CA THR A 273 7.97 12.80 8.94
C THR A 273 6.56 12.84 8.35
N LEU A 274 6.39 13.58 7.25
CA LEU A 274 5.14 13.62 6.46
C LEU A 274 5.46 13.18 5.05
N ARG A 275 4.59 12.36 4.47
CA ARG A 275 4.77 11.85 3.10
C ARG A 275 3.43 11.83 2.38
N PHE A 276 3.46 12.14 1.10
CA PHE A 276 2.24 12.27 0.29
C PHE A 276 2.52 11.84 -1.14
N ASP A 277 1.54 11.20 -1.76
CA ASP A 277 1.58 10.89 -3.20
C ASP A 277 0.25 11.29 -3.83
N GLN A 278 0.30 12.20 -4.79
CA GLN A 278 -0.89 12.72 -5.44
C GLN A 278 -1.73 11.63 -6.13
N GLU A 279 -1.12 10.52 -6.55
CA GLU A 279 -1.92 9.44 -7.15
C GLU A 279 -2.88 8.80 -6.14
N ARG A 280 -2.63 9.02 -4.84
CA ARG A 280 -3.54 8.70 -3.76
C ARG A 280 -3.73 9.95 -2.90
N MET A 281 -4.37 10.96 -3.48
CA MET A 281 -4.41 12.29 -2.89
C MET A 281 -5.20 12.37 -1.58
N ASN A 282 -5.96 11.34 -1.27
CA ASN A 282 -6.69 11.29 -0.02
C ASN A 282 -5.95 10.72 1.17
N GLU A 283 -4.66 10.43 1.00
CA GLU A 283 -3.84 9.84 2.06
C GLU A 283 -2.65 10.72 2.39
N LEU A 284 -2.44 10.93 3.68
CA LEU A 284 -1.31 11.62 4.22
C LEU A 284 -0.68 10.75 5.29
N TRP A 285 0.61 10.45 5.09
CA TRP A 285 1.35 9.62 6.01
C TRP A 285 2.13 10.50 6.99
N LEU A 286 1.89 10.28 8.28
CA LEU A 286 2.53 11.02 9.37
C LEU A 286 3.20 10.06 10.35
N TYR A 287 4.51 10.17 10.50
CA TYR A 287 5.24 9.50 11.59
C TYR A 287 5.55 10.49 12.73
N GLN A 288 5.24 10.11 13.96
CA GLN A 288 5.73 10.78 15.17
C GLN A 288 6.21 9.69 16.12
N PRO A 289 7.29 9.93 16.89
CA PRO A 289 7.70 8.89 17.84
C PRO A 289 6.54 8.44 18.72
N GLY A 290 6.46 7.15 18.97
CA GLY A 290 5.43 6.57 19.81
C GLY A 290 6.06 5.50 20.64
N ARG A 291 5.32 4.99 21.62
CA ARG A 291 5.86 3.90 22.41
C ARG A 291 6.15 2.68 21.52
N PRO A 292 7.22 1.91 21.81
CA PRO A 292 7.72 0.88 20.89
C PRO A 292 6.67 -0.12 20.40
N GLU A 293 5.74 -0.50 21.28
CA GLU A 293 4.72 -1.48 20.95
C GLU A 293 3.76 -1.08 19.81
N ILE A 294 3.58 0.21 19.58
CA ILE A 294 2.64 0.69 18.56
C ILE A 294 3.30 1.66 17.58
N ASP A 295 4.63 1.76 17.60
CA ASP A 295 5.34 2.81 16.89
C ASP A 295 5.18 2.60 15.37
N GLY A 296 4.85 3.64 14.62
CA GLY A 296 4.76 3.53 13.18
C GLY A 296 4.07 4.69 12.51
N PHE A 297 4.22 4.78 11.19
CA PHE A 297 3.52 5.80 10.39
C PHE A 297 2.00 5.62 10.51
N ARG A 298 1.27 6.74 10.57
CA ARG A 298 -0.18 6.76 10.47
C ARG A 298 -0.62 7.11 9.06
N ARG A 299 -1.59 6.36 8.53
CA ARG A 299 -2.30 6.70 7.30
C ARG A 299 -3.46 7.61 7.67
N ILE A 300 -3.34 8.89 7.38
CA ILE A 300 -4.45 9.82 7.64
C ILE A 300 -5.31 9.89 6.36
N LEU A 301 -6.54 9.40 6.45
CA LEU A 301 -7.48 9.43 5.31
C LEU A 301 -8.24 10.74 5.33
N THR A 302 -8.28 11.44 4.20
CA THR A 302 -8.93 12.73 4.09
C THR A 302 -10.40 12.72 4.53
N GLY A 303 -10.73 13.70 5.34
CA GLY A 303 -12.07 13.87 5.87
C GLY A 303 -12.28 15.29 6.41
N PRO A 304 -13.38 15.49 7.14
CA PRO A 304 -13.75 16.84 7.59
C PRO A 304 -12.80 17.55 8.56
N ALA A 305 -11.86 16.85 9.18
CA ALA A 305 -10.84 17.52 9.99
C ALA A 305 -9.83 18.30 9.13
N GLN A 306 -9.81 18.08 7.81
CA GLN A 306 -8.80 18.69 6.95
C GLN A 306 -9.38 19.91 6.24
N PRO A 307 -8.56 20.92 5.97
CA PRO A 307 -9.08 22.15 5.43
C PRO A 307 -9.81 21.95 4.11
N GLY A 308 -10.99 22.52 4.04
CA GLY A 308 -11.76 22.58 2.83
C GLY A 308 -12.73 21.43 2.64
N PHE A 309 -12.45 20.27 3.24
CA PHE A 309 -13.19 19.05 2.92
C PHE A 309 -14.65 19.12 3.34
N ALA A 310 -14.91 19.74 4.50
CA ALA A 310 -16.25 19.78 5.08
C ALA A 310 -17.24 20.51 4.17
N ALA A 311 -16.72 21.41 3.33
CA ALA A 311 -17.54 22.15 2.39
C ALA A 311 -18.08 21.28 1.25
N PHE A 312 -17.47 20.12 1.02
CA PHE A 312 -17.88 19.16 -0.02
C PHE A 312 -18.56 17.90 0.50
N CYS A 313 -18.29 17.53 1.76
CA CYS A 313 -18.83 16.30 2.30
C CYS A 313 -18.64 16.27 3.81
N PRO A 314 -19.67 15.87 4.57
CA PRO A 314 -19.53 15.81 6.03
C PRO A 314 -18.88 14.53 6.57
N GLY A 315 -18.74 13.48 5.76
CA GLY A 315 -18.17 12.21 6.26
C GLY A 315 -16.79 11.94 5.70
N GLY A 316 -15.88 11.46 6.53
CA GLY A 316 -14.53 11.14 6.08
C GLY A 316 -14.51 9.98 5.12
N GLY A 317 -13.44 9.94 4.31
CA GLY A 317 -13.16 8.78 3.47
C GLY A 317 -13.90 8.75 2.15
N HIS A 318 -14.72 9.76 1.91
CA HIS A 318 -15.40 9.94 0.64
C HIS A 318 -14.46 10.75 -0.20
N ASN A 319 -13.66 10.05 -1.02
CA ASN A 319 -12.48 10.64 -1.67
C ASN A 319 -12.77 11.98 -2.36
N PHE A 320 -12.03 13.00 -1.92
CA PHE A 320 -11.96 14.31 -2.54
C PHE A 320 -11.29 14.15 -3.92
N GLY A 321 -11.81 14.82 -4.93
CA GLY A 321 -11.29 14.63 -6.30
C GLY A 321 -10.35 15.71 -6.76
N PHE A 322 -9.58 15.41 -7.81
CA PHE A 322 -8.67 16.37 -8.41
C PHE A 322 -9.41 17.67 -8.74
N ASN A 323 -10.57 17.56 -9.37
CA ASN A 323 -11.26 18.76 -9.82
C ASN A 323 -11.74 19.63 -8.66
N GLU A 324 -12.05 19.01 -7.53
CA GLU A 324 -12.47 19.76 -6.35
C GLU A 324 -11.36 20.65 -5.73
N GLN A 325 -10.10 20.33 -6.02
CA GLN A 325 -8.98 21.23 -5.67
C GLN A 325 -9.21 22.60 -6.31
N LYS A 326 -9.75 22.58 -7.52
CA LYS A 326 -10.02 23.82 -8.26
C LYS A 326 -11.16 24.68 -7.70
N VAL A 327 -12.16 24.04 -7.10
CA VAL A 327 -13.25 24.72 -6.40
C VAL A 327 -12.68 25.47 -5.18
N VAL A 328 -11.79 24.81 -4.44
CA VAL A 328 -11.08 25.43 -3.32
C VAL A 328 -10.28 26.65 -3.80
N GLU A 329 -9.60 26.48 -4.93
CA GLU A 329 -8.76 27.53 -5.49
C GLU A 329 -9.64 28.72 -5.88
N ALA A 330 -10.82 28.43 -6.45
CA ALA A 330 -11.81 29.47 -6.76
C ALA A 330 -12.28 30.22 -5.52
N GLU A 331 -12.54 29.48 -4.45
CA GLU A 331 -12.97 30.11 -3.21
C GLU A 331 -11.92 31.04 -2.61
N MET A 332 -10.65 30.61 -2.66
CA MET A 332 -9.53 31.43 -2.19
C MET A 332 -9.49 32.74 -2.94
N LEU A 333 -9.65 32.68 -4.26
CA LEU A 333 -9.71 33.89 -5.03
C LEU A 333 -10.90 34.78 -4.70
N ARG A 334 -12.09 34.21 -4.55
CA ARG A 334 -13.30 34.96 -4.21
C ARG A 334 -13.09 35.72 -2.92
N GLN A 335 -12.52 35.04 -1.92
CA GLN A 335 -12.23 35.61 -0.61
C GLN A 335 -11.23 36.76 -0.67
N ALA A 336 -10.18 36.58 -1.46
CA ALA A 336 -9.20 37.63 -1.72
C ALA A 336 -9.82 38.85 -2.40
N ILE A 337 -10.61 38.62 -3.44
CA ILE A 337 -11.34 39.71 -4.12
C ILE A 337 -12.22 40.45 -3.12
N ALA A 338 -12.91 39.70 -2.27
CA ALA A 338 -13.76 40.30 -1.24
C ALA A 338 -13.00 40.94 -0.08
N GLY A 339 -11.67 40.82 -0.06
CA GLY A 339 -10.82 41.49 0.90
C GLY A 339 -10.67 40.73 2.20
N ARG A 340 -10.92 39.42 2.18
CA ARG A 340 -10.68 38.60 3.37
C ARG A 340 -9.32 37.89 3.35
N GLY A 341 -9.26 36.75 2.66
CA GLY A 341 -8.07 35.91 2.68
C GLY A 341 -7.06 36.42 1.68
N LYS A 342 -5.87 35.89 1.72
CA LYS A 342 -4.97 36.13 0.61
C LYS A 342 -4.94 34.95 -0.34
N ALA A 343 -4.76 35.28 -1.61
CA ALA A 343 -4.61 34.32 -2.68
C ALA A 343 -3.12 34.08 -2.81
N TRP A 344 -2.69 32.84 -2.63
CA TRP A 344 -1.29 32.48 -2.84
C TRP A 344 -1.27 31.43 -3.97
N PRO A 345 -0.34 31.52 -4.94
CA PRO A 345 0.60 32.61 -5.11
C PRO A 345 0.04 33.68 -6.05
N ASP A 346 0.21 34.95 -5.68
CA ASP A 346 -0.03 36.05 -6.61
C ASP A 346 1.15 36.14 -7.59
N PHE A 347 1.13 37.12 -8.50
CA PHE A 347 2.18 37.23 -9.54
C PHE A 347 3.58 37.51 -8.96
N THR A 348 3.64 38.13 -7.80
CA THR A 348 4.91 38.36 -7.09
C THR A 348 5.47 37.04 -6.54
N ASP A 349 4.65 36.30 -5.80
CA ASP A 349 5.03 34.96 -5.32
C ASP A 349 5.33 34.02 -6.50
N GLY A 350 4.53 34.15 -7.56
CA GLY A 350 4.71 33.38 -8.78
C GLY A 350 6.02 33.59 -9.50
N LEU A 351 6.45 34.84 -9.56
CA LEU A 351 7.71 35.18 -10.20
C LEU A 351 8.89 34.43 -9.55
N THR A 352 8.88 34.34 -8.23
CA THR A 352 9.88 33.54 -7.49
C THR A 352 9.95 32.10 -7.96
N ILE A 353 8.79 31.48 -8.15
CA ILE A 353 8.71 30.10 -8.63
C ILE A 353 9.32 29.98 -10.01
N GLU A 354 8.98 30.93 -10.88
CA GLU A 354 9.54 31.04 -12.22
C GLU A 354 11.07 31.18 -12.21
N ARG A 355 11.60 31.99 -11.32
CA ARG A 355 13.07 32.07 -11.18
C ARG A 355 13.70 30.73 -10.81
N VAL A 356 13.04 29.96 -9.94
CA VAL A 356 13.59 28.70 -9.47
C VAL A 356 13.64 27.68 -10.62
N ILE A 357 12.54 27.53 -11.35
CA ILE A 357 12.58 26.55 -12.44
C ILE A 357 13.55 26.94 -13.54
N HIS A 358 13.60 28.23 -13.91
CA HIS A 358 14.57 28.69 -14.92
C HIS A 358 16.03 28.61 -14.44
N GLY A 359 16.25 28.79 -13.13
CA GLY A 359 17.58 28.61 -12.55
C GLY A 359 18.01 27.16 -12.55
N MET A 360 17.06 26.25 -12.31
CA MET A 360 17.35 24.84 -12.49
C MET A 360 17.72 24.56 -13.94
N ALA A 361 16.99 25.12 -14.90
CA ALA A 361 17.35 24.90 -16.31
C ALA A 361 18.71 25.48 -16.66
N THR A 362 19.00 26.69 -16.17
CA THR A 362 20.31 27.33 -16.38
C THR A 362 21.48 26.48 -15.80
N SER A 363 21.30 26.06 -14.55
CA SER A 363 22.20 25.14 -13.90
C SER A 363 22.48 23.88 -14.73
N ALA A 364 21.43 23.19 -15.16
CA ALA A 364 21.57 21.98 -15.99
C ALA A 364 22.36 22.27 -17.27
N GLN A 365 22.08 23.41 -17.89
CA GLN A 365 22.81 23.81 -19.10
C GLN A 365 24.28 24.10 -18.86
N THR A 366 24.58 24.81 -17.78
CA THR A 366 25.94 25.29 -17.52
C THR A 366 26.83 24.36 -16.72
N GLY A 367 26.25 23.41 -15.99
CA GLY A 367 27.03 22.53 -15.12
C GLY A 367 27.43 23.18 -13.82
N GLN A 368 26.83 24.31 -13.50
CA GLN A 368 27.19 25.11 -12.33
C GLN A 368 25.96 25.33 -11.46
N PRO A 369 26.14 25.43 -10.12
CA PRO A 369 25.01 25.79 -9.27
C PRO A 369 24.51 27.19 -9.55
N VAL A 370 23.25 27.43 -9.23
CA VAL A 370 22.68 28.75 -9.40
C VAL A 370 22.15 29.17 -8.05
N ASN A 371 22.47 30.41 -7.68
CA ASN A 371 22.08 31.02 -6.41
C ASN A 371 20.97 32.01 -6.62
N PHE A 372 20.09 32.10 -5.63
CA PHE A 372 18.96 33.03 -5.63
C PHE A 372 19.07 34.00 -4.45
N ALA B 7 -34.67 22.61 -21.12
CA ALA B 7 -33.87 22.13 -19.97
C ALA B 7 -34.79 21.39 -18.99
N LEU B 8 -34.30 20.32 -18.36
CA LEU B 8 -35.04 19.70 -17.26
C LEU B 8 -35.17 20.60 -16.04
N GLY B 9 -36.38 20.70 -15.52
CA GLY B 9 -36.67 21.49 -14.32
C GLY B 9 -36.48 20.60 -13.10
N VAL B 10 -35.71 21.11 -12.13
CA VAL B 10 -35.31 20.32 -10.98
C VAL B 10 -35.88 20.88 -9.69
N ALA B 11 -36.46 19.98 -8.90
CA ALA B 11 -36.76 20.24 -7.50
C ALA B 11 -35.82 19.37 -6.68
N LEU B 12 -35.36 19.91 -5.57
CA LEU B 12 -34.48 19.21 -4.67
C LEU B 12 -35.09 19.30 -3.29
N ILE B 13 -35.29 18.16 -2.65
CA ILE B 13 -35.82 18.13 -1.28
C ILE B 13 -34.70 17.65 -0.35
N GLY B 14 -34.33 18.50 0.62
CA GLY B 14 -33.23 18.19 1.52
C GLY B 14 -31.93 18.82 1.04
N THR B 15 -31.06 19.10 1.98
CA THR B 15 -29.80 19.81 1.69
C THR B 15 -28.61 19.35 2.54
N GLY B 16 -28.69 18.16 3.11
CA GLY B 16 -27.64 17.66 3.98
C GLY B 16 -26.57 17.00 3.14
N PHE B 17 -26.00 15.91 3.67
CA PHE B 17 -24.96 15.14 2.99
C PHE B 17 -25.33 14.95 1.51
N MET B 18 -26.45 14.24 1.27
CA MET B 18 -26.83 13.92 -0.10
C MET B 18 -27.49 15.06 -0.84
N GLY B 19 -28.20 15.93 -0.12
CA GLY B 19 -28.85 17.09 -0.75
C GLY B 19 -27.87 17.95 -1.49
N LYS B 20 -26.79 18.33 -0.80
CA LYS B 20 -25.72 19.13 -1.37
C LYS B 20 -24.99 18.40 -2.52
N CYS B 21 -24.80 17.10 -2.35
CA CYS B 21 -24.21 16.24 -3.39
C CYS B 21 -25.04 16.22 -4.66
N HIS B 22 -26.36 16.05 -4.52
CA HIS B 22 -27.28 16.18 -5.68
C HIS B 22 -27.20 17.57 -6.31
N ALA B 23 -27.19 18.61 -5.48
CA ALA B 23 -27.15 19.99 -5.97
C ALA B 23 -25.88 20.20 -6.78
N MET B 24 -24.75 19.74 -6.26
CA MET B 24 -23.49 19.83 -7.00
C MET B 24 -23.52 19.06 -8.33
N ALA B 25 -24.16 17.90 -8.32
CA ALA B 25 -24.29 17.07 -9.50
C ALA B 25 -25.16 17.72 -10.57
N TRP B 26 -26.31 18.23 -10.17
CA TRP B 26 -27.22 18.90 -11.11
C TRP B 26 -26.56 20.13 -11.75
N ARG B 27 -25.77 20.86 -10.97
CA ARG B 27 -25.04 22.04 -11.45
C ARG B 27 -24.02 21.70 -12.50
N ASN B 28 -23.31 20.58 -12.34
CA ASN B 28 -22.22 20.24 -13.26
C ASN B 28 -22.50 19.16 -14.30
N VAL B 29 -23.70 18.60 -14.30
CA VAL B 29 -24.00 17.50 -15.21
C VAL B 29 -23.82 17.85 -16.69
N ALA B 30 -24.35 19.00 -17.11
CA ALA B 30 -24.17 19.41 -18.51
C ALA B 30 -22.74 19.89 -18.76
N THR B 31 -22.10 20.47 -17.75
CA THR B 31 -20.69 20.86 -17.90
C THR B 31 -19.84 19.65 -18.30
N ALA B 32 -20.03 18.54 -17.59
CA ALA B 32 -19.31 17.31 -17.86
C ALA B 32 -19.73 16.64 -19.16
N PHE B 33 -21.03 16.48 -19.37
CA PHE B 33 -21.58 15.61 -20.41
C PHE B 33 -22.27 16.32 -21.57
N GLY B 34 -22.36 17.64 -21.54
CA GLY B 34 -23.02 18.40 -22.59
C GLY B 34 -24.52 18.47 -22.42
N GLY B 35 -25.15 18.99 -23.46
CA GLY B 35 -26.59 19.25 -23.50
C GLY B 35 -26.93 20.54 -22.79
N LEU B 36 -28.18 20.66 -22.37
CA LEU B 36 -28.63 21.86 -21.66
C LEU B 36 -28.49 21.70 -20.15
N PRO B 37 -27.93 22.72 -19.45
CA PRO B 37 -27.93 22.62 -18.00
C PRO B 37 -29.37 22.55 -17.46
N PRO B 38 -29.63 21.65 -16.52
CA PRO B 38 -30.93 21.60 -15.86
C PRO B 38 -31.24 22.92 -15.18
N ARG B 39 -32.53 23.29 -15.17
CA ARG B 39 -32.96 24.49 -14.48
C ARG B 39 -33.22 24.13 -13.04
N LEU B 40 -32.50 24.78 -12.16
CA LEU B 40 -32.67 24.56 -10.74
C LEU B 40 -33.84 25.42 -10.25
N GLU B 41 -35.02 24.81 -10.16
CA GLU B 41 -36.28 25.57 -9.91
C GLU B 41 -36.62 25.79 -8.44
N VAL B 42 -36.72 24.69 -7.68
CA VAL B 42 -37.20 24.77 -6.29
C VAL B 42 -36.41 23.88 -5.37
N LEU B 43 -36.04 24.43 -4.21
CA LEU B 43 -35.35 23.71 -3.17
C LEU B 43 -36.24 23.72 -1.94
N ALA B 44 -36.52 22.54 -1.38
CA ALA B 44 -37.29 22.45 -0.15
C ALA B 44 -36.47 21.91 0.99
N ASP B 45 -36.57 22.61 2.11
CA ASP B 45 -35.92 22.24 3.33
C ASP B 45 -36.65 22.97 4.45
N MET B 46 -36.40 22.55 5.69
CA MET B 46 -36.94 23.21 6.88
C MET B 46 -35.79 23.60 7.83
N PRO B 47 -35.87 24.73 8.52
CA PRO B 47 -36.97 25.72 8.41
C PRO B 47 -36.81 26.58 7.15
N ALA B 48 -37.80 27.43 6.93
CA ALA B 48 -37.91 28.23 5.71
C ALA B 48 -36.67 29.11 5.48
N ASP B 49 -36.19 29.74 6.55
CA ASP B 49 -34.98 30.56 6.53
C ASP B 49 -33.81 29.84 5.88
N LYS B 50 -33.57 28.62 6.32
CA LYS B 50 -32.50 27.79 5.74
C LYS B 50 -32.74 27.45 4.24
N ALA B 51 -33.98 27.12 3.90
CA ALA B 51 -34.35 26.83 2.50
C ALA B 51 -34.08 28.00 1.55
N HIS B 52 -34.39 29.23 1.98
CA HIS B 52 -34.10 30.42 1.16
C HIS B 52 -32.62 30.71 1.07
N SER B 53 -31.91 30.51 2.17
CA SER B 53 -30.46 30.70 2.18
C SER B 53 -29.76 29.69 1.26
N LEU B 54 -30.08 28.41 1.44
CA LEU B 54 -29.46 27.38 0.60
C LEU B 54 -29.91 27.44 -0.87
N ALA B 55 -31.15 27.86 -1.12
CA ALA B 55 -31.62 28.12 -2.51
C ALA B 55 -30.73 29.13 -3.22
N SER B 56 -30.43 30.21 -2.51
CA SER B 56 -29.53 31.24 -2.98
C SER B 56 -28.12 30.71 -3.29
N SER B 57 -27.47 30.09 -2.31
CA SER B 57 -26.10 29.59 -2.52
C SER B 57 -26.00 28.40 -3.49
N PHE B 58 -27.04 27.56 -3.53
CA PHE B 58 -27.06 26.39 -4.44
C PHE B 58 -27.49 26.82 -5.82
N GLY B 59 -28.04 28.02 -5.97
CA GLY B 59 -28.45 28.50 -7.30
C GLY B 59 -29.85 28.08 -7.72
N PHE B 60 -30.75 27.79 -6.76
CA PHE B 60 -32.15 27.48 -7.10
C PHE B 60 -33.00 28.75 -7.14
N ALA B 61 -33.90 28.83 -8.13
CA ALA B 61 -34.73 30.01 -8.35
C ALA B 61 -35.56 30.39 -7.13
N ARG B 62 -36.04 29.42 -6.35
CA ARG B 62 -36.64 29.74 -5.06
C ARG B 62 -36.52 28.60 -4.07
N GLY B 63 -36.74 28.94 -2.80
CA GLY B 63 -36.78 27.99 -1.73
C GLY B 63 -38.15 28.01 -1.05
N THR B 64 -38.46 26.91 -0.36
CA THR B 64 -39.72 26.75 0.37
C THR B 64 -39.52 25.76 1.51
N ALA B 65 -40.35 25.90 2.55
CA ALA B 65 -40.45 24.88 3.59
C ALA B 65 -41.58 23.88 3.33
N ASP B 66 -42.24 23.97 2.17
CA ASP B 66 -43.34 23.09 1.82
C ASP B 66 -42.97 22.20 0.64
N TRP B 67 -42.47 21.01 0.96
CA TRP B 67 -42.04 20.07 -0.07
C TRP B 67 -43.15 19.67 -1.05
N ARG B 68 -44.39 19.58 -0.57
CA ARG B 68 -45.50 19.15 -1.43
C ARG B 68 -45.73 20.11 -2.58
N GLU B 69 -45.60 21.39 -2.28
CA GLU B 69 -45.68 22.45 -3.27
C GLU B 69 -44.56 22.32 -4.34
N ALA B 70 -43.33 22.05 -3.91
CA ALA B 70 -42.19 21.88 -4.82
C ALA B 70 -42.42 20.75 -5.82
N VAL B 71 -42.96 19.65 -5.31
CA VAL B 71 -43.15 18.44 -6.11
C VAL B 71 -44.22 18.59 -7.20
N SER B 72 -45.15 19.51 -7.00
CA SER B 72 -46.24 19.73 -7.96
C SER B 72 -46.12 21.05 -8.72
N ASP B 73 -45.02 21.78 -8.52
CA ASP B 73 -44.69 22.96 -9.33
C ASP B 73 -44.63 22.55 -10.80
N PRO B 74 -45.40 23.22 -11.68
CA PRO B 74 -45.37 22.84 -13.09
C PRO B 74 -44.05 23.15 -13.81
N ALA B 75 -43.19 23.99 -13.22
CA ALA B 75 -41.83 24.20 -13.75
C ALA B 75 -40.84 23.05 -13.45
N VAL B 76 -41.26 22.10 -12.61
CA VAL B 76 -40.42 20.95 -12.24
C VAL B 76 -40.77 19.71 -13.06
N ASP B 77 -39.74 19.01 -13.54
CA ASP B 77 -39.88 17.74 -14.29
C ASP B 77 -39.37 16.53 -13.50
N VAL B 78 -38.37 16.75 -12.66
CA VAL B 78 -37.69 15.69 -11.91
C VAL B 78 -37.46 16.16 -10.47
N VAL B 79 -37.57 15.23 -9.54
CA VAL B 79 -37.37 15.54 -8.11
C VAL B 79 -36.29 14.68 -7.52
N SER B 80 -35.27 15.35 -6.94
CA SER B 80 -34.28 14.74 -6.07
C SER B 80 -34.82 14.67 -4.64
N ILE B 81 -34.82 13.46 -4.06
CA ILE B 81 -35.33 13.24 -2.71
C ILE B 81 -34.20 12.73 -1.86
N THR B 82 -33.75 13.57 -0.93
CA THR B 82 -32.56 13.29 -0.11
C THR B 82 -32.87 13.36 1.37
N THR B 83 -34.12 13.10 1.74
CA THR B 83 -34.56 13.20 3.13
C THR B 83 -34.30 11.90 3.85
N PRO B 84 -34.51 11.86 5.18
CA PRO B 84 -34.33 10.59 5.90
C PRO B 84 -35.24 9.49 5.38
N ASN B 85 -34.85 8.25 5.64
CA ASN B 85 -35.49 7.08 5.02
C ASN B 85 -37.01 6.98 5.26
N GLY B 86 -37.46 7.44 6.44
CA GLY B 86 -38.89 7.41 6.81
C GLY B 86 -39.80 8.34 6.03
N LEU B 87 -39.21 9.28 5.27
CA LEU B 87 -39.98 10.20 4.43
C LEU B 87 -39.93 9.86 2.93
N HIS B 88 -39.10 8.91 2.55
CA HIS B 88 -38.91 8.58 1.13
C HIS B 88 -40.20 8.16 0.46
N ARG B 89 -40.93 7.24 1.10
CA ARG B 89 -42.15 6.69 0.52
C ARG B 89 -43.19 7.75 0.18
N GLU B 90 -43.53 8.56 1.16
CA GLU B 90 -44.50 9.63 1.01
C GLU B 90 -44.09 10.65 -0.06
N MET B 91 -42.82 11.07 -0.02
CA MET B 91 -42.32 12.04 -1.00
C MET B 91 -42.26 11.48 -2.41
N ALA B 92 -41.78 10.25 -2.56
CA ALA B 92 -41.67 9.62 -3.88
C ALA B 92 -43.04 9.36 -4.51
N GLU B 93 -43.98 8.83 -3.73
CA GLU B 93 -45.33 8.56 -4.24
C GLU B 93 -46.00 9.85 -4.69
N ALA B 94 -45.86 10.92 -3.92
CA ALA B 94 -46.44 12.22 -4.29
C ALA B 94 -45.81 12.79 -5.55
N ALA B 95 -44.50 12.70 -5.70
CA ALA B 95 -43.83 13.19 -6.91
C ALA B 95 -44.27 12.43 -8.15
N LEU B 96 -44.32 11.11 -8.02
CA LEU B 96 -44.76 10.26 -9.10
C LEU B 96 -46.23 10.53 -9.46
N ALA B 97 -47.07 10.75 -8.46
CA ALA B 97 -48.49 11.06 -8.67
C ALA B 97 -48.67 12.40 -9.37
N ALA B 98 -47.78 13.37 -9.09
CA ALA B 98 -47.71 14.65 -9.84
C ALA B 98 -47.05 14.57 -11.22
N GLY B 99 -46.68 13.37 -11.67
CA GLY B 99 -46.08 13.20 -12.99
C GLY B 99 -44.61 13.57 -13.10
N LYS B 100 -43.86 13.47 -11.99
CA LYS B 100 -42.44 13.91 -11.97
C LYS B 100 -41.55 12.68 -11.94
N HIS B 101 -40.45 12.75 -12.67
CA HIS B 101 -39.38 11.76 -12.54
C HIS B 101 -38.75 11.89 -11.13
N VAL B 102 -38.16 10.83 -10.62
CA VAL B 102 -37.64 10.83 -9.24
C VAL B 102 -36.25 10.27 -9.18
N TRP B 103 -35.37 10.98 -8.46
CA TRP B 103 -34.03 10.53 -8.14
C TRP B 103 -34.07 10.38 -6.64
N LEU B 104 -34.10 9.12 -6.21
CA LEU B 104 -34.35 8.80 -4.81
C LEU B 104 -33.11 8.27 -4.14
N GLU B 105 -32.83 8.77 -2.95
CA GLU B 105 -31.75 8.25 -2.16
C GLU B 105 -32.08 6.90 -1.58
N LYS B 106 -31.04 6.10 -1.41
CA LYS B 106 -31.13 4.76 -0.82
C LYS B 106 -31.28 4.85 0.69
N PRO B 107 -31.68 3.77 1.37
CA PRO B 107 -32.47 2.69 0.79
C PRO B 107 -33.84 3.25 0.41
N MET B 108 -34.67 2.44 -0.22
CA MET B 108 -35.95 2.95 -0.72
C MET B 108 -36.79 3.50 0.42
N ALA B 109 -36.98 2.71 1.46
CA ALA B 109 -37.80 3.13 2.59
C ALA B 109 -37.49 2.22 3.78
N LEU B 110 -38.42 2.04 4.69
CA LEU B 110 -38.14 1.30 5.91
C LEU B 110 -38.38 -0.18 5.78
N SER B 111 -39.31 -0.58 4.91
CA SER B 111 -39.76 -1.98 4.84
C SER B 111 -39.88 -2.40 3.40
N VAL B 112 -40.04 -3.72 3.18
CA VAL B 112 -40.21 -4.25 1.82
C VAL B 112 -41.57 -3.80 1.31
N GLU B 113 -42.55 -3.75 2.22
CA GLU B 113 -43.90 -3.30 1.89
C GLU B 113 -43.92 -1.87 1.37
N ASP B 114 -43.20 -0.98 2.05
CA ASP B 114 -42.99 0.39 1.57
C ASP B 114 -42.41 0.38 0.17
N ALA B 115 -41.39 -0.43 -0.04
CA ALA B 115 -40.74 -0.52 -1.34
C ALA B 115 -41.65 -1.06 -2.45
N GLN B 116 -42.51 -2.03 -2.13
CA GLN B 116 -43.49 -2.55 -3.09
C GLN B 116 -44.50 -1.46 -3.50
N ALA B 117 -44.92 -0.66 -2.52
CA ALA B 117 -45.80 0.47 -2.77
C ALA B 117 -45.17 1.47 -3.73
N MET B 118 -43.92 1.81 -3.43
CA MET B 118 -43.19 2.75 -4.26
C MET B 118 -42.99 2.20 -5.67
N GLU B 119 -42.69 0.91 -5.77
CA GLU B 119 -42.51 0.24 -7.05
C GLU B 119 -43.78 0.31 -7.90
N ALA B 120 -44.91 0.02 -7.26
CA ALA B 120 -46.19 0.10 -7.94
C ALA B 120 -46.50 1.53 -8.39
N ALA B 121 -46.29 2.52 -7.52
CA ALA B 121 -46.47 3.93 -7.90
C ALA B 121 -45.60 4.32 -9.10
N ALA B 122 -44.36 3.82 -9.14
CA ALA B 122 -43.49 4.18 -10.25
C ALA B 122 -44.00 3.58 -11.56
N ARG B 123 -44.38 2.31 -11.52
CA ARG B 123 -44.92 1.65 -12.70
C ARG B 123 -46.21 2.28 -13.22
N ALA B 124 -47.07 2.71 -12.31
CA ALA B 124 -48.31 3.41 -12.68
C ALA B 124 -48.06 4.81 -13.26
N SER B 125 -47.00 5.49 -12.83
CA SER B 125 -46.73 6.88 -13.23
C SER B 125 -46.20 7.01 -14.63
N ASP B 126 -45.59 5.94 -15.14
CA ASP B 126 -44.81 5.98 -16.38
C ASP B 126 -43.78 7.13 -16.34
N ARG B 127 -43.08 7.26 -15.22
CA ARG B 127 -41.98 8.20 -15.10
C ARG B 127 -40.73 7.40 -14.74
N ARG B 128 -39.58 7.96 -15.08
CA ARG B 128 -38.31 7.34 -14.77
C ARG B 128 -37.96 7.53 -13.29
N THR B 129 -37.32 6.50 -12.76
CA THR B 129 -36.80 6.48 -11.40
C THR B 129 -35.36 6.01 -11.44
N ILE B 130 -34.56 6.48 -10.49
CA ILE B 130 -33.24 5.95 -10.23
C ILE B 130 -33.01 6.07 -8.71
N ILE B 131 -32.37 5.06 -8.14
CA ILE B 131 -32.04 5.11 -6.72
C ILE B 131 -30.56 5.42 -6.60
N GLY B 132 -30.21 6.21 -5.57
CA GLY B 132 -28.85 6.73 -5.37
C GLY B 132 -27.70 5.81 -5.00
N TYR B 133 -27.59 4.68 -5.69
CA TYR B 133 -26.49 3.73 -5.47
C TYR B 133 -25.24 4.18 -6.21
N ASN B 134 -24.64 5.25 -5.68
CA ASN B 134 -23.59 5.95 -6.40
C ASN B 134 -22.24 5.24 -6.46
N TYR B 135 -22.03 4.18 -5.66
CA TYR B 135 -20.77 3.41 -5.77
C TYR B 135 -20.77 2.51 -7.01
N THR B 136 -21.92 2.35 -7.67
CA THR B 136 -21.93 1.74 -9.02
C THR B 136 -21.55 2.71 -10.15
N ARG B 137 -21.18 3.95 -9.83
CA ARG B 137 -20.90 4.95 -10.87
C ARG B 137 -19.41 5.28 -11.05
N SER B 138 -18.55 4.73 -10.21
CA SER B 138 -17.11 5.02 -10.33
C SER B 138 -16.57 4.46 -11.65
N PRO B 139 -15.62 5.17 -12.28
CA PRO B 139 -14.95 4.58 -13.44
C PRO B 139 -14.35 3.20 -13.17
N ALA B 140 -13.77 3.01 -11.99
CA ALA B 140 -13.16 1.72 -11.65
C ALA B 140 -14.18 0.59 -11.56
N PHE B 141 -15.31 0.84 -10.90
CA PHE B 141 -16.36 -0.17 -10.83
C PHE B 141 -16.93 -0.53 -12.20
N ARG B 142 -17.22 0.49 -13.00
CA ARG B 142 -17.79 0.29 -14.32
C ARG B 142 -16.81 -0.44 -15.24
N ALA B 143 -15.53 -0.10 -15.14
CA ALA B 143 -14.47 -0.83 -15.86
C ALA B 143 -14.39 -2.30 -15.42
N ALA B 144 -14.57 -2.56 -14.12
CA ALA B 144 -14.59 -3.92 -13.61
C ALA B 144 -15.71 -4.79 -14.23
N VAL B 145 -16.92 -4.23 -14.28
CA VAL B 145 -18.07 -4.90 -14.86
C VAL B 145 -17.76 -5.23 -16.31
N ASP B 146 -17.20 -4.27 -17.05
CA ASP B 146 -16.85 -4.50 -18.45
C ASP B 146 -15.78 -5.58 -18.57
N LEU B 147 -14.78 -5.54 -17.70
CA LEU B 147 -13.73 -6.55 -17.71
C LEU B 147 -14.29 -7.96 -17.50
N ILE B 148 -15.22 -8.09 -16.55
CA ILE B 148 -15.85 -9.38 -16.28
C ILE B 148 -16.59 -9.83 -17.56
N ALA B 149 -17.45 -8.99 -18.12
CA ALA B 149 -18.14 -9.27 -19.38
C ALA B 149 -17.21 -9.65 -20.56
N GLU B 150 -16.02 -9.08 -20.60
CA GLU B 150 -15.09 -9.43 -21.65
C GLU B 150 -14.33 -10.74 -21.39
N GLY B 151 -14.55 -11.36 -20.23
CA GLY B 151 -13.88 -12.62 -19.90
C GLY B 151 -12.47 -12.42 -19.37
N ALA B 152 -12.16 -11.20 -18.91
CA ALA B 152 -10.84 -10.90 -18.37
C ALA B 152 -10.46 -11.77 -17.18
N ILE B 153 -11.43 -12.21 -16.37
CA ILE B 153 -11.12 -13.11 -15.21
C ILE B 153 -11.79 -14.48 -15.31
N GLY B 154 -12.30 -14.79 -16.49
CA GLY B 154 -13.05 -15.99 -16.75
C GLY B 154 -14.37 -15.97 -16.03
N ARG B 155 -14.75 -17.13 -15.50
CA ARG B 155 -16.04 -17.31 -14.88
C ARG B 155 -15.88 -17.04 -13.39
N PRO B 156 -16.72 -16.16 -12.81
CA PRO B 156 -16.58 -15.94 -11.37
C PRO B 156 -16.81 -17.21 -10.52
N ILE B 157 -15.88 -17.50 -9.62
CA ILE B 157 -15.97 -18.63 -8.66
C ILE B 157 -16.22 -18.20 -7.21
N HIS B 158 -15.94 -16.94 -6.89
CA HIS B 158 -16.19 -16.42 -5.55
C HIS B 158 -16.28 -14.89 -5.52
N PHE B 159 -17.19 -14.41 -4.65
CA PHE B 159 -17.30 -13.00 -4.33
C PHE B 159 -17.09 -12.82 -2.82
N ARG B 160 -16.26 -11.85 -2.44
CA ARG B 160 -16.13 -11.44 -1.04
C ARG B 160 -16.28 -9.93 -1.05
N GLY B 161 -17.29 -9.46 -0.33
CA GLY B 161 -17.57 -8.04 -0.20
C GLY B 161 -17.78 -7.60 1.23
N MET B 162 -17.40 -6.36 1.52
CA MET B 162 -17.58 -5.76 2.84
C MET B 162 -17.90 -4.30 2.68
N TYR B 163 -18.53 -3.71 3.68
CA TYR B 163 -18.68 -2.28 3.73
C TYR B 163 -18.58 -1.82 5.19
N ASP B 164 -17.35 -1.44 5.55
CA ASP B 164 -17.01 -0.98 6.89
C ASP B 164 -16.92 0.54 6.96
N GLU B 165 -17.64 1.11 7.93
CA GLU B 165 -17.47 2.50 8.35
C GLU B 165 -17.56 2.53 9.88
N ASP B 166 -17.11 3.64 10.47
CA ASP B 166 -17.10 3.76 11.93
C ASP B 166 -17.87 4.97 12.45
N TYR B 167 -18.79 5.49 11.65
CA TYR B 167 -19.53 6.69 12.05
C TYR B 167 -20.38 6.48 13.32
N MET B 168 -20.68 5.23 13.71
CA MET B 168 -21.29 4.98 15.04
C MET B 168 -20.42 4.26 16.06
N ALA B 169 -19.11 4.17 15.80
CA ALA B 169 -18.26 3.38 16.65
C ALA B 169 -18.07 4.01 18.03
N ASP B 170 -18.11 5.34 18.11
CA ASP B 170 -17.97 6.03 19.37
C ASP B 170 -19.28 5.91 20.13
N PRO B 171 -19.26 5.23 21.30
CA PRO B 171 -20.49 5.04 22.08
C PRO B 171 -21.10 6.33 22.68
N ASP B 172 -20.32 7.41 22.69
CA ASP B 172 -20.76 8.72 23.14
C ASP B 172 -21.58 9.48 22.09
N LEU B 173 -21.50 9.06 20.82
CA LEU B 173 -22.34 9.68 19.79
C LEU B 173 -23.81 9.52 20.18
N PRO B 174 -24.59 10.61 20.11
CA PRO B 174 -25.94 10.58 20.62
C PRO B 174 -26.85 9.76 19.74
N TRP B 175 -27.89 9.23 20.34
CA TRP B 175 -28.91 8.56 19.62
C TRP B 175 -29.37 9.57 18.55
N SER B 176 -29.24 9.22 17.28
CA SER B 176 -29.64 10.12 16.19
C SER B 176 -30.79 9.54 15.38
N TRP B 177 -30.70 9.65 14.06
CA TRP B 177 -31.74 9.14 13.18
C TRP B 177 -31.48 7.69 12.78
N ARG B 178 -30.58 7.50 11.82
CA ARG B 178 -30.24 6.14 11.34
C ARG B 178 -30.54 4.97 12.35
N LEU B 179 -30.66 5.27 13.63
CA LEU B 179 -30.99 4.23 14.61
C LEU B 179 -32.49 3.92 14.56
N THR B 180 -32.91 2.88 15.30
CA THR B 180 -34.31 2.45 15.41
C THR B 180 -35.03 2.04 14.11
N ARG B 181 -36.36 1.92 14.19
CA ARG B 181 -37.19 1.53 13.08
C ARG B 181 -37.94 2.65 12.38
N LYS B 182 -38.35 3.69 13.11
CA LYS B 182 -38.71 4.96 12.46
C LYS B 182 -37.50 5.37 11.63
N ASP B 183 -37.55 6.56 11.05
CA ASP B 183 -36.39 7.21 10.42
C ASP B 183 -35.46 6.31 9.58
N GLY B 184 -34.72 5.39 10.21
CA GLY B 184 -33.74 4.55 9.51
C GLY B 184 -34.26 3.18 9.06
N GLY B 185 -35.02 2.51 9.92
CA GLY B 185 -35.49 1.13 9.65
C GLY B 185 -34.46 0.08 10.05
N LEU B 186 -33.90 -0.64 9.08
CA LEU B 186 -32.72 -1.45 9.32
C LEU B 186 -31.54 -0.54 9.66
N GLY B 187 -30.55 -1.09 10.34
CA GLY B 187 -29.36 -0.31 10.74
C GLY B 187 -28.31 -0.38 9.65
N ALA B 188 -27.16 -1.02 9.93
CA ALA B 188 -26.07 -1.12 8.97
C ALA B 188 -26.50 -1.74 7.65
N LEU B 189 -27.41 -2.72 7.68
CA LEU B 189 -27.93 -3.33 6.45
C LEU B 189 -28.66 -2.31 5.55
N GLY B 190 -29.41 -1.41 6.17
CA GLY B 190 -30.16 -0.38 5.46
C GLY B 190 -29.32 0.76 4.95
N ASP B 191 -28.30 1.11 5.70
CA ASP B 191 -27.49 2.26 5.38
C ASP B 191 -26.27 1.96 4.52
N LEU B 192 -25.66 0.80 4.77
CA LEU B 192 -24.47 0.34 4.07
C LEU B 192 -24.68 -0.95 3.25
N GLY B 193 -25.34 -1.94 3.85
CA GLY B 193 -25.60 -3.21 3.16
C GLY B 193 -26.25 -3.07 1.80
N CYS B 194 -27.24 -2.19 1.70
CA CYS B 194 -27.89 -1.91 0.43
C CYS B 194 -26.88 -1.51 -0.66
N HIS B 195 -25.92 -0.65 -0.32
CA HIS B 195 -24.86 -0.27 -1.26
C HIS B 195 -24.05 -1.48 -1.73
N LEU B 196 -23.67 -2.32 -0.77
CA LEU B 196 -22.87 -3.47 -1.08
C LEU B 196 -23.63 -4.43 -1.97
N VAL B 197 -24.94 -4.58 -1.74
CA VAL B 197 -25.78 -5.42 -2.61
C VAL B 197 -25.83 -4.84 -4.03
N SER B 198 -26.04 -3.53 -4.18
CA SER B 198 -26.08 -2.89 -5.52
C SER B 198 -24.84 -3.23 -6.35
N VAL B 199 -23.68 -3.20 -5.68
CA VAL B 199 -22.40 -3.52 -6.28
C VAL B 199 -22.29 -5.01 -6.57
N MET B 200 -22.51 -5.82 -5.54
CA MET B 200 -22.46 -7.27 -5.62
C MET B 200 -23.28 -7.88 -6.75
N VAL B 201 -24.56 -7.51 -6.84
CA VAL B 201 -25.43 -8.05 -7.89
C VAL B 201 -25.05 -7.57 -9.28
N SER B 202 -24.46 -6.39 -9.39
CA SER B 202 -23.99 -5.91 -10.69
C SER B 202 -22.81 -6.77 -11.20
N LEU B 203 -22.01 -7.30 -10.29
CA LEU B 203 -20.86 -8.09 -10.65
C LEU B 203 -21.18 -9.57 -10.80
N MET B 204 -22.05 -10.09 -9.92
CA MET B 204 -22.29 -11.53 -9.80
C MET B 204 -23.65 -12.01 -10.25
N GLY B 205 -24.57 -11.10 -10.48
CA GLY B 205 -25.95 -11.45 -10.77
C GLY B 205 -26.77 -11.59 -9.51
N PRO B 206 -28.04 -11.96 -9.67
CA PRO B 206 -28.96 -12.05 -8.54
C PRO B 206 -28.56 -13.07 -7.48
N VAL B 207 -29.01 -12.77 -6.27
CA VAL B 207 -28.79 -13.60 -5.09
C VAL B 207 -29.90 -14.64 -4.98
N ALA B 208 -29.52 -15.91 -4.79
CA ALA B 208 -30.46 -17.03 -4.67
C ALA B 208 -30.75 -17.38 -3.22
N ARG B 209 -29.73 -17.24 -2.38
CA ARG B 209 -29.85 -17.64 -0.98
C ARG B 209 -28.91 -16.85 -0.10
N VAL B 210 -29.37 -16.59 1.12
CA VAL B 210 -28.52 -15.98 2.16
C VAL B 210 -28.67 -16.72 3.49
N TYR B 211 -27.57 -16.81 4.22
CA TYR B 211 -27.57 -17.19 5.64
C TYR B 211 -26.84 -16.09 6.37
N ALA B 212 -27.52 -15.42 7.31
CA ALA B 212 -26.97 -14.22 7.92
C ALA B 212 -26.98 -14.22 9.45
N GLN B 213 -26.11 -13.37 9.99
CA GLN B 213 -26.10 -13.06 11.40
C GLN B 213 -25.89 -11.57 11.55
N ALA B 214 -26.25 -11.04 12.72
CA ALA B 214 -26.15 -9.61 12.97
C ALA B 214 -25.98 -9.36 14.44
N ASP B 215 -25.48 -8.17 14.75
CA ASP B 215 -25.31 -7.79 16.15
C ASP B 215 -25.57 -6.32 16.34
N THR B 216 -26.02 -5.99 17.54
CA THR B 216 -26.01 -4.62 18.05
C THR B 216 -24.88 -4.57 19.07
N VAL B 217 -23.83 -3.82 18.74
CA VAL B 217 -22.61 -3.75 19.54
C VAL B 217 -22.73 -2.68 20.62
N ILE B 218 -23.20 -1.51 20.23
CA ILE B 218 -23.54 -0.44 21.19
C ILE B 218 -25.07 -0.40 21.32
N THR B 219 -25.54 -0.88 22.46
CA THR B 219 -26.96 -1.17 22.70
C THR B 219 -27.75 0.04 23.19
N ASP B 220 -27.04 1.05 23.68
CA ASP B 220 -27.67 2.23 24.25
C ASP B 220 -26.82 3.43 23.92
N ARG B 221 -27.47 4.57 23.82
CA ARG B 221 -26.78 5.81 23.58
C ARG B 221 -27.37 6.95 24.40
N PRO B 222 -26.58 8.03 24.59
CA PRO B 222 -27.06 9.31 25.14
C PRO B 222 -28.16 9.97 24.29
N HIS B 223 -29.24 10.34 24.96
CA HIS B 223 -30.36 11.00 24.32
C HIS B 223 -30.78 12.11 25.28
N GLN B 224 -30.28 13.30 25.01
CA GLN B 224 -30.57 14.57 25.76
C GLN B 224 -30.69 14.43 27.26
N GLY B 225 -29.65 13.82 27.83
CA GLY B 225 -29.50 13.68 29.28
C GLY B 225 -29.97 12.36 29.84
N GLY B 226 -30.66 11.56 29.03
CA GLY B 226 -31.03 10.21 29.42
C GLY B 226 -30.26 9.25 28.54
N THR B 227 -30.77 8.03 28.43
CA THR B 227 -30.18 7.04 27.57
C THR B 227 -31.31 6.36 26.83
N ALA B 228 -31.07 6.05 25.56
CA ALA B 228 -32.10 5.46 24.71
C ALA B 228 -31.49 4.26 24.03
N ARG B 229 -32.31 3.23 23.85
CA ARG B 229 -31.88 1.97 23.32
C ARG B 229 -31.69 2.06 21.80
N VAL B 230 -30.68 1.36 21.30
CA VAL B 230 -30.45 1.20 19.88
C VAL B 230 -31.20 -0.06 19.45
N GLU B 231 -32.14 0.07 18.53
CA GLU B 231 -32.97 -1.09 18.18
C GLU B 231 -32.55 -1.86 16.92
N ASN B 232 -31.86 -1.19 16.00
CA ASN B 232 -31.35 -1.89 14.80
C ASN B 232 -29.84 -2.25 14.91
N GLU B 233 -29.38 -3.04 13.95
CA GLU B 233 -28.07 -3.68 14.00
C GLU B 233 -26.90 -2.74 13.63
N ASP B 234 -25.79 -2.90 14.34
CA ASP B 234 -24.55 -2.19 14.02
C ASP B 234 -23.70 -2.89 12.96
N GLN B 235 -23.89 -4.19 12.81
CA GLN B 235 -23.15 -4.97 11.83
C GLN B 235 -23.94 -6.23 11.48
N ALA B 236 -23.63 -6.81 10.31
CA ALA B 236 -24.24 -8.03 9.82
C ALA B 236 -23.33 -8.70 8.78
N GLN B 237 -23.40 -10.01 8.69
CA GLN B 237 -22.61 -10.79 7.73
C GLN B 237 -23.52 -11.85 7.15
N ALA B 238 -23.20 -12.31 5.95
CA ALA B 238 -24.02 -13.32 5.31
C ALA B 238 -23.14 -14.15 4.36
N LEU B 239 -23.45 -15.43 4.26
CA LEU B 239 -22.95 -16.28 3.19
C LEU B 239 -23.98 -16.26 2.10
N ILE B 240 -23.51 -16.18 0.87
CA ILE B 240 -24.38 -16.06 -0.30
C ILE B 240 -24.19 -17.25 -1.22
N ARG B 241 -25.29 -17.71 -1.81
CA ARG B 241 -25.29 -18.43 -3.09
C ARG B 241 -26.03 -17.59 -4.13
N PHE B 242 -25.37 -17.26 -5.23
CA PHE B 242 -25.99 -16.50 -6.30
C PHE B 242 -26.80 -17.47 -7.15
N ALA B 243 -27.75 -16.94 -7.92
CA ALA B 243 -28.48 -17.73 -8.94
C ALA B 243 -27.56 -18.54 -9.88
N SER B 244 -26.38 -18.02 -10.17
CA SER B 244 -25.34 -18.72 -10.93
C SER B 244 -24.82 -20.00 -10.29
N GLY B 245 -25.03 -20.19 -9.00
CA GLY B 245 -24.43 -21.28 -8.20
C GLY B 245 -23.18 -20.84 -7.43
N THR B 246 -22.66 -19.66 -7.73
CA THR B 246 -21.40 -19.22 -7.19
C THR B 246 -21.55 -18.77 -5.74
N SER B 247 -20.46 -18.89 -4.98
CA SER B 247 -20.47 -18.57 -3.56
C SER B 247 -20.14 -17.12 -3.33
N GLY B 248 -20.60 -16.60 -2.20
CA GLY B 248 -20.33 -15.24 -1.82
C GLY B 248 -20.22 -15.04 -0.32
N GLU B 249 -19.42 -14.06 0.06
CA GLU B 249 -19.36 -13.57 1.42
C GLU B 249 -19.67 -12.08 1.37
N PHE B 250 -20.32 -11.62 2.42
CA PHE B 250 -20.93 -10.31 2.45
C PHE B 250 -20.92 -9.81 3.88
N SER B 251 -20.51 -8.55 4.08
CA SER B 251 -20.68 -7.93 5.38
C SER B 251 -20.90 -6.44 5.34
N CYS B 252 -21.45 -5.89 6.42
CA CYS B 252 -21.46 -4.45 6.62
C CYS B 252 -21.35 -4.12 8.10
N SER B 253 -20.90 -2.90 8.37
CA SER B 253 -20.72 -2.44 9.73
C SER B 253 -20.61 -0.92 9.81
N ARG B 254 -21.27 -0.33 10.81
CA ARG B 254 -21.15 1.10 11.12
C ARG B 254 -20.32 1.35 12.38
N VAL B 255 -19.73 0.29 12.93
CA VAL B 255 -18.90 0.38 14.14
C VAL B 255 -17.48 -0.19 13.92
N ALA B 256 -17.04 -0.28 12.66
CA ALA B 256 -15.75 -0.89 12.34
C ALA B 256 -14.66 0.17 12.37
N ARG B 257 -13.96 0.20 13.50
CA ARG B 257 -13.09 1.32 13.88
C ARG B 257 -11.91 1.52 12.94
N GLY B 258 -11.77 2.76 12.46
CA GLY B 258 -10.69 3.17 11.56
C GLY B 258 -11.10 3.24 10.10
N TYR B 259 -12.20 2.57 9.74
CA TYR B 259 -12.73 2.63 8.39
C TYR B 259 -13.75 3.75 8.24
N ARG B 260 -13.68 4.44 7.11
CA ARG B 260 -14.51 5.59 6.84
C ARG B 260 -15.48 5.40 5.66
N CYS B 261 -15.04 4.67 4.64
CA CYS B 261 -15.87 4.37 3.48
C CYS B 261 -15.30 3.15 2.78
N ARG B 262 -15.11 2.10 3.57
CA ARG B 262 -14.43 0.89 3.13
C ARG B 262 -15.43 -0.09 2.51
N LEU B 263 -15.99 0.31 1.37
CA LEU B 263 -16.76 -0.56 0.51
C LEU B 263 -15.71 -1.26 -0.35
N ALA B 264 -15.47 -2.53 -0.05
CA ALA B 264 -14.38 -3.28 -0.68
C ALA B 264 -14.88 -4.62 -1.13
N TRP B 265 -14.47 -5.03 -2.31
CA TRP B 265 -14.98 -6.26 -2.88
C TRP B 265 -13.93 -6.91 -3.74
N GLU B 266 -14.11 -8.19 -3.96
CA GLU B 266 -13.30 -8.87 -4.92
C GLU B 266 -14.10 -9.97 -5.55
N VAL B 267 -13.78 -10.20 -6.83
CA VAL B 267 -14.37 -11.28 -7.60
C VAL B 267 -13.22 -12.18 -8.02
N GLN B 268 -13.24 -13.42 -7.54
CA GLN B 268 -12.23 -14.44 -7.90
C GLN B 268 -12.84 -15.27 -8.99
N GLY B 269 -12.10 -15.43 -10.09
CA GLY B 269 -12.61 -16.17 -11.22
C GLY B 269 -11.67 -17.27 -11.63
N THR B 270 -12.15 -18.06 -12.60
CA THR B 270 -11.37 -19.18 -13.14
C THR B 270 -10.08 -18.74 -13.80
N GLU B 271 -10.04 -17.53 -14.36
CA GLU B 271 -8.87 -17.01 -15.09
C GLU B 271 -8.28 -15.70 -14.53
N GLY B 272 -8.69 -15.31 -13.34
CA GLY B 272 -8.10 -14.16 -12.71
C GLY B 272 -8.87 -13.69 -11.51
N THR B 273 -8.53 -12.49 -11.04
CA THR B 273 -9.16 -11.90 -9.86
C THR B 273 -9.23 -10.39 -10.03
N LEU B 274 -10.36 -9.82 -9.60
CA LEU B 274 -10.54 -8.38 -9.55
C LEU B 274 -10.76 -7.99 -8.09
N ARG B 275 -10.09 -6.93 -7.66
CA ARG B 275 -10.22 -6.47 -6.28
C ARG B 275 -10.28 -4.95 -6.24
N PHE B 276 -11.13 -4.42 -5.33
CA PHE B 276 -11.40 -2.96 -5.22
C PHE B 276 -11.70 -2.56 -3.76
N ASP B 277 -11.30 -1.35 -3.40
CA ASP B 277 -11.60 -0.72 -2.11
C ASP B 277 -11.93 0.76 -2.38
N GLN B 278 -13.15 1.17 -2.05
CA GLN B 278 -13.69 2.52 -2.26
C GLN B 278 -12.87 3.61 -1.57
N GLU B 279 -12.17 3.28 -0.49
CA GLU B 279 -11.27 4.25 0.16
C GLU B 279 -10.11 4.65 -0.75
N ARG B 280 -9.79 3.81 -1.76
CA ARG B 280 -8.87 4.14 -2.84
C ARG B 280 -9.61 3.93 -4.15
N MET B 281 -10.63 4.75 -4.37
CA MET B 281 -11.61 4.50 -5.42
C MET B 281 -11.09 4.64 -6.85
N ASN B 282 -9.85 5.13 -6.99
CA ASN B 282 -9.14 5.22 -8.29
C ASN B 282 -8.24 4.04 -8.68
N GLU B 283 -8.29 2.96 -7.90
CA GLU B 283 -7.47 1.77 -8.11
C GLU B 283 -8.35 0.52 -8.27
N LEU B 284 -8.08 -0.21 -9.35
CA LEU B 284 -8.69 -1.50 -9.59
C LEU B 284 -7.56 -2.49 -9.77
N TRP B 285 -7.56 -3.54 -8.96
CA TRP B 285 -6.52 -4.56 -8.97
C TRP B 285 -6.98 -5.76 -9.79
N LEU B 286 -6.18 -6.12 -10.79
CA LEU B 286 -6.49 -7.22 -11.72
C LEU B 286 -5.33 -8.20 -11.78
N TYR B 287 -5.61 -9.46 -11.44
CA TYR B 287 -4.67 -10.52 -11.65
C TYR B 287 -5.15 -11.33 -12.86
N GLN B 288 -4.23 -11.61 -13.76
CA GLN B 288 -4.42 -12.58 -14.84
C GLN B 288 -3.13 -13.39 -14.91
N PRO B 289 -3.21 -14.68 -15.29
CA PRO B 289 -1.97 -15.47 -15.33
C PRO B 289 -0.94 -14.83 -16.24
N GLY B 290 0.33 -14.90 -15.87
CA GLY B 290 1.40 -14.40 -16.72
C GLY B 290 2.62 -15.29 -16.59
N ARG B 291 3.65 -14.97 -17.37
CA ARG B 291 4.92 -15.69 -17.22
C ARG B 291 5.46 -15.51 -15.77
N PRO B 292 6.05 -16.59 -15.21
CA PRO B 292 6.43 -16.61 -13.79
C PRO B 292 7.28 -15.45 -13.33
N GLU B 293 8.16 -15.00 -14.20
CA GLU B 293 9.07 -13.94 -13.86
C GLU B 293 8.37 -12.59 -13.60
N ILE B 294 7.22 -12.35 -14.21
CA ILE B 294 6.54 -11.04 -14.10
C ILE B 294 5.12 -11.15 -13.55
N ASP B 295 4.82 -12.31 -12.96
CA ASP B 295 3.46 -12.66 -12.62
C ASP B 295 2.99 -11.85 -11.39
N GLY B 296 1.80 -11.28 -11.45
CA GLY B 296 1.23 -10.58 -10.27
C GLY B 296 0.07 -9.65 -10.59
N PHE B 297 -0.61 -9.19 -9.55
CA PHE B 297 -1.70 -8.24 -9.67
C PHE B 297 -1.21 -6.94 -10.30
N ARG B 298 -2.04 -6.37 -11.17
CA ARG B 298 -1.82 -5.06 -11.75
C ARG B 298 -2.65 -4.05 -10.99
N ARG B 299 -2.03 -2.91 -10.66
CA ARG B 299 -2.76 -1.75 -10.17
C ARG B 299 -3.23 -0.92 -11.37
N ILE B 300 -4.52 -0.95 -11.68
CA ILE B 300 -5.05 -0.11 -12.76
C ILE B 300 -5.48 1.19 -12.12
N LEU B 301 -4.78 2.26 -12.47
CA LEU B 301 -5.09 3.60 -11.99
C LEU B 301 -6.14 4.23 -12.91
N THR B 302 -7.15 4.83 -12.31
CA THR B 302 -8.28 5.34 -13.04
C THR B 302 -7.84 6.46 -13.99
N GLY B 303 -8.39 6.41 -15.20
CA GLY B 303 -8.04 7.33 -16.27
C GLY B 303 -9.07 7.24 -17.39
N PRO B 304 -8.81 7.93 -18.52
CA PRO B 304 -9.83 8.06 -19.57
C PRO B 304 -10.26 6.77 -20.29
N ALA B 305 -9.50 5.69 -20.13
CA ALA B 305 -9.91 4.37 -20.62
C ALA B 305 -11.13 3.81 -19.92
N GLN B 306 -11.48 4.35 -18.75
CA GLN B 306 -12.59 3.81 -17.97
C GLN B 306 -13.86 4.61 -18.16
N PRO B 307 -15.05 3.96 -18.12
CA PRO B 307 -16.29 4.68 -18.37
C PRO B 307 -16.52 5.92 -17.51
N GLY B 308 -16.85 7.04 -18.17
CA GLY B 308 -17.24 8.25 -17.50
C GLY B 308 -16.08 9.22 -17.25
N PHE B 309 -14.85 8.72 -17.13
CA PHE B 309 -13.74 9.53 -16.61
C PHE B 309 -13.45 10.69 -17.54
N ALA B 310 -13.37 10.39 -18.83
CA ALA B 310 -13.06 11.38 -19.87
C ALA B 310 -13.97 12.60 -19.88
N ALA B 311 -15.20 12.46 -19.40
CA ALA B 311 -16.08 13.63 -19.25
C ALA B 311 -15.63 14.60 -18.15
N PHE B 312 -14.72 14.16 -17.26
CA PHE B 312 -14.24 15.00 -16.15
C PHE B 312 -12.80 15.48 -16.27
N CYS B 313 -11.98 14.77 -17.03
CA CYS B 313 -10.55 15.01 -17.13
C CYS B 313 -9.99 14.18 -18.29
N PRO B 314 -9.13 14.76 -19.13
CA PRO B 314 -8.51 13.99 -20.21
C PRO B 314 -7.25 13.21 -19.81
N GLY B 315 -6.72 13.43 -18.60
CA GLY B 315 -5.46 12.81 -18.17
C GLY B 315 -5.67 11.81 -17.05
N GLY B 316 -5.17 10.60 -17.23
CA GLY B 316 -5.22 9.56 -16.19
C GLY B 316 -4.52 9.95 -14.91
N GLY B 317 -4.90 9.29 -13.82
CA GLY B 317 -4.27 9.54 -12.50
C GLY B 317 -4.66 10.82 -11.76
N HIS B 318 -5.49 11.66 -12.37
CA HIS B 318 -6.09 12.83 -11.67
C HIS B 318 -7.35 12.34 -10.99
N ASN B 319 -7.23 12.05 -9.71
CA ASN B 319 -8.24 11.23 -9.05
C ASN B 319 -9.68 11.72 -9.20
N PHE B 320 -10.53 10.81 -9.66
CA PHE B 320 -11.98 11.02 -9.68
C PHE B 320 -12.48 10.96 -8.24
N GLY B 321 -13.41 11.83 -7.87
CA GLY B 321 -13.87 11.89 -6.48
C GLY B 321 -15.26 11.33 -6.26
N PHE B 322 -15.59 11.15 -4.98
CA PHE B 322 -16.88 10.69 -4.57
C PHE B 322 -18.02 11.49 -5.17
N ASN B 323 -17.94 12.80 -5.07
CA ASN B 323 -19.03 13.65 -5.59
C ASN B 323 -19.26 13.51 -7.09
N GLU B 324 -18.21 13.26 -7.84
CA GLU B 324 -18.34 13.07 -9.29
C GLU B 324 -19.11 11.80 -9.69
N GLN B 325 -19.15 10.78 -8.82
CA GLN B 325 -20.04 9.64 -9.01
C GLN B 325 -21.49 10.12 -9.20
N LYS B 326 -21.88 11.12 -8.42
CA LYS B 326 -23.23 11.63 -8.45
C LYS B 326 -23.53 12.40 -9.73
N VAL B 327 -22.51 13.02 -10.32
CA VAL B 327 -22.65 13.68 -11.64
C VAL B 327 -22.98 12.63 -12.72
N VAL B 328 -22.27 11.51 -12.67
CA VAL B 328 -22.49 10.39 -13.56
C VAL B 328 -23.93 9.86 -13.38
N GLU B 329 -24.37 9.73 -12.13
CA GLU B 329 -25.73 9.28 -11.83
C GLU B 329 -26.79 10.24 -12.39
N ALA B 330 -26.57 11.54 -12.25
CA ALA B 330 -27.43 12.59 -12.85
C ALA B 330 -27.54 12.40 -14.36
N GLU B 331 -26.40 12.14 -15.00
CA GLU B 331 -26.37 11.96 -16.44
C GLU B 331 -27.14 10.73 -16.89
N MET B 332 -27.01 9.64 -16.15
CA MET B 332 -27.77 8.44 -16.42
C MET B 332 -29.27 8.70 -16.30
N LEU B 333 -29.68 9.51 -15.32
CA LEU B 333 -31.07 9.87 -15.18
C LEU B 333 -31.54 10.77 -16.33
N ARG B 334 -30.76 11.79 -16.69
CA ARG B 334 -31.08 12.62 -17.88
C ARG B 334 -31.30 11.82 -19.15
N GLN B 335 -30.39 10.89 -19.40
CA GLN B 335 -30.44 10.08 -20.63
C GLN B 335 -31.66 9.17 -20.64
N ALA B 336 -31.98 8.64 -19.46
CA ALA B 336 -33.17 7.83 -19.26
C ALA B 336 -34.44 8.66 -19.46
N ILE B 337 -34.46 9.88 -18.94
CA ILE B 337 -35.62 10.75 -19.14
C ILE B 337 -35.78 11.08 -20.63
N ALA B 338 -34.67 11.32 -21.31
CA ALA B 338 -34.70 11.64 -22.75
C ALA B 338 -35.00 10.40 -23.62
N GLY B 339 -34.99 9.21 -23.03
CA GLY B 339 -35.22 7.97 -23.78
C GLY B 339 -34.03 7.38 -24.49
N ARG B 340 -32.82 7.89 -24.21
CA ARG B 340 -31.58 7.39 -24.85
C ARG B 340 -30.82 6.37 -24.02
N GLY B 341 -31.44 5.78 -23.01
CA GLY B 341 -30.72 4.88 -22.12
C GLY B 341 -31.55 4.41 -20.96
N LYS B 342 -31.03 3.43 -20.24
CA LYS B 342 -31.69 2.84 -19.08
C LYS B 342 -31.07 3.31 -17.77
N ALA B 343 -31.92 3.71 -16.83
CA ALA B 343 -31.48 4.08 -15.49
C ALA B 343 -31.54 2.83 -14.64
N TRP B 344 -30.42 2.54 -13.96
CA TRP B 344 -30.32 1.42 -13.05
C TRP B 344 -29.73 1.90 -11.71
N PRO B 345 -30.31 1.51 -10.56
CA PRO B 345 -31.54 0.72 -10.49
C PRO B 345 -32.77 1.61 -10.40
N ASP B 346 -33.80 1.25 -11.15
CA ASP B 346 -35.11 1.88 -11.02
C ASP B 346 -35.82 1.28 -9.80
N PHE B 347 -37.06 1.68 -9.54
CA PHE B 347 -37.76 1.21 -8.33
C PHE B 347 -38.02 -0.30 -8.30
N THR B 348 -38.16 -0.90 -9.49
CA THR B 348 -38.29 -2.35 -9.66
C THR B 348 -36.99 -3.08 -9.29
N ASP B 349 -35.90 -2.63 -9.90
CA ASP B 349 -34.55 -3.14 -9.57
C ASP B 349 -34.29 -2.92 -8.08
N GLY B 350 -34.69 -1.75 -7.58
CA GLY B 350 -34.50 -1.38 -6.18
C GLY B 350 -35.22 -2.30 -5.20
N LEU B 351 -36.44 -2.72 -5.54
CA LEU B 351 -37.22 -3.64 -4.73
C LEU B 351 -36.49 -4.95 -4.47
N THR B 352 -35.79 -5.46 -5.48
CA THR B 352 -35.00 -6.69 -5.31
C THR B 352 -33.90 -6.50 -4.28
N ILE B 353 -33.24 -5.35 -4.34
CA ILE B 353 -32.20 -4.99 -3.39
C ILE B 353 -32.75 -4.94 -1.97
N GLU B 354 -33.91 -4.33 -1.80
CA GLU B 354 -34.60 -4.29 -0.51
C GLU B 354 -34.93 -5.68 0.03
N ARG B 355 -35.40 -6.57 -0.84
CA ARG B 355 -35.70 -7.96 -0.46
C ARG B 355 -34.47 -8.69 0.01
N VAL B 356 -33.34 -8.47 -0.66
CA VAL B 356 -32.08 -9.08 -0.23
C VAL B 356 -31.71 -8.66 1.20
N ILE B 357 -31.62 -7.36 1.43
CA ILE B 357 -31.23 -6.85 2.76
C ILE B 357 -32.22 -7.25 3.87
N HIS B 358 -33.52 -7.13 3.60
CA HIS B 358 -34.53 -7.57 4.56
C HIS B 358 -34.55 -9.08 4.77
N GLY B 359 -34.22 -9.83 3.72
CA GLY B 359 -34.06 -11.29 3.80
C GLY B 359 -32.89 -11.72 4.66
N MET B 360 -31.77 -11.00 4.53
CA MET B 360 -30.64 -11.16 5.44
C MET B 360 -31.06 -10.82 6.88
N ALA B 361 -31.82 -9.75 7.08
CA ALA B 361 -32.32 -9.42 8.44
C ALA B 361 -33.16 -10.56 9.01
N THR B 362 -34.07 -11.08 8.20
CA THR B 362 -34.89 -12.23 8.58
C THR B 362 -34.01 -13.40 8.97
N SER B 363 -33.05 -13.72 8.11
CA SER B 363 -32.18 -14.85 8.36
C SER B 363 -31.48 -14.68 9.69
N ALA B 364 -30.97 -13.48 9.95
CA ALA B 364 -30.26 -13.24 11.23
C ALA B 364 -31.18 -13.39 12.43
N GLN B 365 -32.44 -12.99 12.28
CA GLN B 365 -33.41 -13.14 13.33
C GLN B 365 -33.81 -14.59 13.58
N THR B 366 -33.93 -15.39 12.52
CA THR B 366 -34.43 -16.75 12.64
C THR B 366 -33.34 -17.80 12.87
N GLY B 367 -32.08 -17.49 12.56
CA GLY B 367 -31.03 -18.50 12.50
C GLY B 367 -31.18 -19.49 11.35
N GLN B 368 -32.00 -19.16 10.34
CA GLN B 368 -32.29 -20.04 9.20
C GLN B 368 -31.89 -19.36 7.90
N PRO B 369 -31.42 -20.13 6.89
CA PRO B 369 -31.21 -19.54 5.57
C PRO B 369 -32.50 -19.06 4.96
N VAL B 370 -32.40 -18.13 4.03
CA VAL B 370 -33.56 -17.55 3.34
C VAL B 370 -33.25 -17.70 1.88
N ASN B 371 -34.16 -18.33 1.14
CA ASN B 371 -34.07 -18.42 -0.30
C ASN B 371 -34.87 -17.33 -0.98
N PHE B 372 -34.38 -16.90 -2.14
CA PHE B 372 -35.10 -16.00 -3.02
C PHE B 372 -35.42 -16.75 -4.32
N ALA C 7 34.97 -30.21 4.05
CA ALA C 7 34.15 -29.05 4.49
C ALA C 7 35.02 -27.84 4.75
N LEU C 8 34.45 -26.65 4.51
CA LEU C 8 35.15 -25.40 4.75
C LEU C 8 35.24 -25.16 6.24
N GLY C 9 36.42 -24.77 6.69
CA GLY C 9 36.66 -24.46 8.09
C GLY C 9 36.44 -23.00 8.33
N VAL C 10 35.52 -22.66 9.24
CA VAL C 10 35.11 -21.27 9.47
C VAL C 10 35.62 -20.68 10.79
N ALA C 11 36.17 -19.47 10.68
CA ALA C 11 36.42 -18.61 11.81
C ALA C 11 35.46 -17.42 11.74
N LEU C 12 34.93 -17.05 12.89
CA LEU C 12 34.04 -15.91 13.01
C LEU C 12 34.55 -14.95 14.08
N ILE C 13 34.76 -13.70 13.69
CA ILE C 13 35.21 -12.68 14.61
C ILE C 13 34.06 -11.70 14.83
N GLY C 14 33.63 -11.59 16.08
CA GLY C 14 32.49 -10.73 16.46
C GLY C 14 31.21 -11.55 16.51
N THR C 15 30.29 -11.15 17.40
CA THR C 15 29.03 -11.89 17.65
C THR C 15 27.79 -10.99 17.74
N GLY C 16 27.90 -9.77 17.23
CA GLY C 16 26.84 -8.78 17.33
C GLY C 16 25.76 -8.92 16.29
N PHE C 17 25.28 -7.78 15.81
CA PHE C 17 24.28 -7.73 14.76
C PHE C 17 24.73 -8.65 13.65
N MET C 18 25.88 -8.37 13.03
CA MET C 18 26.33 -9.18 11.91
C MET C 18 27.00 -10.50 12.30
N GLY C 19 27.71 -10.57 13.42
CA GLY C 19 28.31 -11.83 13.85
C GLY C 19 27.26 -12.92 13.93
N LYS C 20 26.15 -12.64 14.62
CA LYS C 20 25.04 -13.63 14.75
C LYS C 20 24.45 -13.93 13.38
N CYS C 21 24.26 -12.90 12.56
CA CYS C 21 23.77 -13.10 11.18
C CYS C 21 24.70 -14.00 10.35
N HIS C 22 26.02 -13.77 10.41
CA HIS C 22 27.00 -14.66 9.73
C HIS C 22 26.95 -16.09 10.24
N ALA C 23 26.88 -16.23 11.56
CA ALA C 23 26.81 -17.55 12.20
C ALA C 23 25.57 -18.32 11.74
N MET C 24 24.42 -17.67 11.70
CA MET C 24 23.19 -18.32 11.18
C MET C 24 23.35 -18.76 9.72
N ALA C 25 24.05 -17.95 8.93
CA ALA C 25 24.26 -18.21 7.50
C ALA C 25 25.17 -19.41 7.26
N TRP C 26 26.33 -19.37 7.89
CA TRP C 26 27.25 -20.53 7.88
C TRP C 26 26.59 -21.85 8.31
N ARG C 27 25.73 -21.79 9.32
CA ARG C 27 25.03 -22.98 9.80
C ARG C 27 24.01 -23.56 8.84
N ASN C 28 23.36 -22.73 8.02
CA ASN C 28 22.34 -23.23 7.09
C ASN C 28 22.68 -23.24 5.61
N VAL C 29 23.86 -22.75 5.23
CA VAL C 29 24.24 -22.65 3.81
C VAL C 29 24.15 -23.99 3.08
N ALA C 30 24.65 -25.07 3.67
CA ALA C 30 24.54 -26.41 3.02
C ALA C 30 23.12 -26.98 3.09
N THR C 31 22.37 -26.61 4.11
CA THR C 31 20.96 -27.02 4.19
C THR C 31 20.18 -26.47 2.99
N ALA C 32 20.35 -25.18 2.76
CA ALA C 32 19.73 -24.52 1.61
C ALA C 32 20.26 -24.98 0.26
N PHE C 33 21.57 -25.04 0.10
CA PHE C 33 22.19 -25.13 -1.23
C PHE C 33 22.93 -26.41 -1.57
N GLY C 34 23.04 -27.32 -0.60
CA GLY C 34 23.68 -28.60 -0.83
C GLY C 34 25.16 -28.61 -0.51
N GLY C 35 25.83 -29.67 -0.95
CA GLY C 35 27.23 -29.90 -0.58
C GLY C 35 27.41 -30.13 0.91
N LEU C 36 28.61 -29.83 1.40
CA LEU C 36 28.98 -30.18 2.77
C LEU C 36 28.80 -29.02 3.75
N PRO C 37 28.22 -29.28 4.94
CA PRO C 37 28.14 -28.20 5.92
C PRO C 37 29.52 -27.67 6.33
N PRO C 38 29.69 -26.33 6.30
CA PRO C 38 30.93 -25.78 6.83
C PRO C 38 31.17 -26.13 8.30
N ARG C 39 32.43 -26.32 8.64
CA ARG C 39 32.83 -26.66 9.99
C ARG C 39 33.07 -25.38 10.76
N LEU C 40 32.37 -25.24 11.88
CA LEU C 40 32.49 -24.05 12.70
C LEU C 40 33.59 -24.25 13.72
N GLU C 41 34.77 -23.74 13.40
CA GLU C 41 35.98 -24.04 14.14
C GLU C 41 36.24 -23.09 15.29
N VAL C 42 36.34 -21.81 14.98
CA VAL C 42 36.74 -20.84 16.02
C VAL C 42 35.86 -19.60 16.00
N LEU C 43 35.37 -19.24 17.18
CA LEU C 43 34.66 -17.97 17.39
C LEU C 43 35.51 -17.07 18.26
N ALA C 44 35.65 -15.81 17.85
CA ALA C 44 36.43 -14.82 18.60
C ALA C 44 35.58 -13.62 18.99
N ASP C 45 35.72 -13.23 20.25
CA ASP C 45 35.01 -12.08 20.81
C ASP C 45 35.60 -11.79 22.18
N MET C 46 35.26 -10.64 22.75
CA MET C 46 35.71 -10.24 24.09
C MET C 46 34.55 -9.83 25.00
N PRO C 47 34.58 -10.14 26.30
CA PRO C 47 35.66 -10.88 26.96
C PRO C 47 35.56 -12.37 26.71
N ALA C 48 36.52 -13.12 27.26
CA ALA C 48 36.62 -14.57 27.08
C ALA C 48 35.33 -15.31 27.41
N ASP C 49 34.68 -14.92 28.51
CA ASP C 49 33.44 -15.57 28.99
C ASP C 49 32.34 -15.49 27.94
N LYS C 50 32.22 -14.32 27.33
CA LYS C 50 31.29 -14.11 26.24
C LYS C 50 31.61 -14.93 24.99
N ALA C 51 32.88 -15.04 24.60
CA ALA C 51 33.29 -15.90 23.47
C ALA C 51 33.02 -17.38 23.70
N HIS C 52 33.27 -17.86 24.92
CA HIS C 52 33.06 -19.28 25.26
C HIS C 52 31.58 -19.63 25.24
N SER C 53 30.77 -18.75 25.81
CA SER C 53 29.32 -18.90 25.84
C SER C 53 28.68 -18.91 24.46
N LEU C 54 29.04 -17.93 23.64
CA LEU C 54 28.53 -17.83 22.29
C LEU C 54 29.07 -18.94 21.40
N ALA C 55 30.32 -19.37 21.61
CA ALA C 55 30.82 -20.54 20.91
C ALA C 55 29.92 -21.74 21.11
N SER C 56 29.49 -21.93 22.37
CA SER C 56 28.66 -23.07 22.74
C SER C 56 27.30 -22.96 22.03
N SER C 57 26.65 -21.81 22.16
CA SER C 57 25.30 -21.60 21.58
C SER C 57 25.27 -21.47 20.06
N PHE C 58 26.31 -20.87 19.46
CA PHE C 58 26.47 -20.81 18.00
C PHE C 58 26.98 -22.12 17.39
N GLY C 59 27.48 -23.05 18.21
CA GLY C 59 27.98 -24.33 17.73
C GLY C 59 29.40 -24.32 17.15
N PHE C 60 30.25 -23.41 17.63
CA PHE C 60 31.67 -23.39 17.21
C PHE C 60 32.49 -24.28 18.15
N ALA C 61 33.44 -25.04 17.60
CA ALA C 61 34.30 -25.96 18.39
C ALA C 61 34.98 -25.27 19.58
N ARG C 62 35.39 -24.02 19.39
CA ARG C 62 35.89 -23.21 20.52
C ARG C 62 35.71 -21.71 20.33
N GLY C 63 35.72 -21.04 21.47
CA GLY C 63 35.72 -19.59 21.56
C GLY C 63 37.08 -19.10 22.05
N THR C 64 37.44 -17.87 21.69
CA THR C 64 38.65 -17.24 22.18
C THR C 64 38.46 -15.74 22.28
N ALA C 65 39.27 -15.11 23.14
CA ALA C 65 39.27 -13.66 23.26
C ALA C 65 40.36 -13.00 22.42
N ASP C 66 41.04 -13.80 21.59
CA ASP C 66 42.24 -13.41 20.86
C ASP C 66 42.03 -13.72 19.38
N TRP C 67 41.49 -12.74 18.67
CA TRP C 67 41.15 -12.91 17.26
C TRP C 67 42.34 -13.31 16.37
N ARG C 68 43.56 -12.98 16.79
CA ARG C 68 44.75 -13.41 16.04
C ARG C 68 44.94 -14.91 15.99
N GLU C 69 44.75 -15.56 17.13
CA GLU C 69 44.80 -17.03 17.21
C GLU C 69 43.78 -17.65 16.25
N ALA C 70 42.58 -17.08 16.25
CA ALA C 70 41.49 -17.48 15.33
C ALA C 70 41.85 -17.45 13.86
N VAL C 71 42.41 -16.34 13.40
CA VAL C 71 42.79 -16.21 11.97
C VAL C 71 43.99 -17.06 11.57
N SER C 72 44.80 -17.43 12.56
CA SER C 72 45.99 -18.29 12.38
C SER C 72 45.75 -19.78 12.47
N ASP C 73 44.59 -20.20 12.96
CA ASP C 73 44.33 -21.64 13.16
C ASP C 73 44.38 -22.41 11.83
N PRO C 74 45.16 -23.52 11.75
CA PRO C 74 45.22 -24.34 10.51
C PRO C 74 43.93 -25.09 10.12
N ALA C 75 42.98 -25.22 11.05
CA ALA C 75 41.63 -25.75 10.75
C ALA C 75 40.67 -24.73 10.09
N VAL C 76 41.10 -23.47 10.02
CA VAL C 76 40.33 -22.36 9.44
C VAL C 76 40.75 -22.14 7.99
N ASP C 77 39.78 -22.07 7.09
CA ASP C 77 40.04 -21.69 5.68
C ASP C 77 39.45 -20.32 5.32
N VAL C 78 38.42 -19.89 6.04
CA VAL C 78 37.72 -18.64 5.76
C VAL C 78 37.45 -17.94 7.08
N VAL C 79 37.52 -16.63 7.05
CA VAL C 79 37.33 -15.80 8.22
C VAL C 79 36.21 -14.79 7.94
N SER C 80 35.14 -14.86 8.76
CA SER C 80 34.08 -13.86 8.79
C SER C 80 34.49 -12.77 9.76
N ILE C 81 34.55 -11.53 9.27
CA ILE C 81 34.95 -10.37 10.07
C ILE C 81 33.78 -9.39 10.23
N THR C 82 33.22 -9.37 11.44
CA THR C 82 31.99 -8.61 11.75
C THR C 82 32.20 -7.59 12.87
N THR C 83 33.45 -7.20 13.08
CA THR C 83 33.83 -6.24 14.11
C THR C 83 33.56 -4.79 13.69
N PRO C 84 33.74 -3.82 14.61
CA PRO C 84 33.54 -2.43 14.21
C PRO C 84 34.52 -1.96 13.12
N ASN C 85 34.10 -0.93 12.38
CA ASN C 85 34.78 -0.50 11.16
C ASN C 85 36.28 -0.19 11.30
N GLY C 86 36.67 0.39 12.43
CA GLY C 86 38.08 0.67 12.76
C GLY C 86 39.01 -0.54 12.95
N LEU C 87 38.44 -1.74 13.06
CA LEU C 87 39.23 -2.96 13.14
C LEU C 87 39.32 -3.74 11.83
N HIS C 88 38.48 -3.43 10.84
CA HIS C 88 38.41 -4.23 9.60
C HIS C 88 39.76 -4.42 8.91
N ARG C 89 40.46 -3.31 8.75
CA ARG C 89 41.72 -3.32 8.01
C ARG C 89 42.74 -4.26 8.66
N GLU C 90 43.06 -4.01 9.92
CA GLU C 90 44.02 -4.84 10.65
C GLU C 90 43.63 -6.33 10.58
N MET C 91 42.36 -6.63 10.84
CA MET C 91 41.91 -8.05 10.86
C MET C 91 41.94 -8.71 9.49
N ALA C 92 41.50 -7.96 8.48
CA ALA C 92 41.49 -8.46 7.09
C ALA C 92 42.90 -8.70 6.52
N GLU C 93 43.82 -7.78 6.81
CA GLU C 93 45.21 -7.95 6.38
C GLU C 93 45.85 -9.15 7.07
N ALA C 94 45.64 -9.25 8.38
CA ALA C 94 46.10 -10.43 9.14
C ALA C 94 45.52 -11.73 8.59
N ALA C 95 44.22 -11.75 8.28
CA ALA C 95 43.60 -12.96 7.71
C ALA C 95 44.17 -13.34 6.35
N LEU C 96 44.32 -12.35 5.47
CA LEU C 96 44.88 -12.60 4.14
C LEU C 96 46.34 -13.06 4.21
N ALA C 97 47.11 -12.43 5.09
CA ALA C 97 48.51 -12.82 5.30
C ALA C 97 48.65 -14.24 5.86
N ALA C 98 47.67 -14.68 6.66
CA ALA C 98 47.61 -16.06 7.17
C ALA C 98 47.03 -17.09 6.18
N GLY C 99 46.83 -16.70 4.91
CA GLY C 99 46.33 -17.60 3.88
C GLY C 99 44.86 -17.97 4.01
N LYS C 100 44.03 -17.06 4.55
CA LYS C 100 42.59 -17.31 4.69
C LYS C 100 41.75 -16.45 3.74
N HIS C 101 40.66 -17.05 3.24
CA HIS C 101 39.64 -16.30 2.52
C HIS C 101 38.93 -15.38 3.52
N VAL C 102 38.36 -14.27 3.05
CA VAL C 102 37.72 -13.31 3.94
C VAL C 102 36.32 -12.91 3.50
N TRP C 103 35.40 -12.98 4.46
CA TRP C 103 34.07 -12.44 4.36
C TRP C 103 34.04 -11.23 5.32
N LEU C 104 34.13 -10.04 4.75
CA LEU C 104 34.31 -8.80 5.49
C LEU C 104 33.03 -8.00 5.44
N GLU C 105 32.59 -7.56 6.61
CA GLU C 105 31.47 -6.64 6.69
C GLU C 105 31.82 -5.27 6.10
N LYS C 106 30.82 -4.66 5.45
CA LYS C 106 30.89 -3.27 4.97
C LYS C 106 30.90 -2.25 6.14
N PRO C 107 31.32 -1.00 5.90
CA PRO C 107 32.16 -0.65 4.75
C PRO C 107 33.57 -1.23 4.97
N MET C 108 34.45 -1.16 3.96
CA MET C 108 35.76 -1.84 4.04
C MET C 108 36.57 -1.35 5.23
N ALA C 109 36.62 -0.03 5.40
CA ALA C 109 37.35 0.56 6.50
C ALA C 109 36.89 2.00 6.69
N LEU C 110 37.68 2.80 7.41
CA LEU C 110 37.34 4.18 7.69
C LEU C 110 37.60 5.11 6.53
N SER C 111 38.58 4.79 5.69
CA SER C 111 39.02 5.71 4.64
C SER C 111 39.33 5.01 3.34
N VAL C 112 39.38 5.78 2.27
CA VAL C 112 39.78 5.27 0.96
C VAL C 112 41.19 4.66 1.02
N GLU C 113 42.08 5.30 1.80
CA GLU C 113 43.47 4.88 1.94
C GLU C 113 43.56 3.49 2.58
N ASP C 114 42.80 3.28 3.66
CA ASP C 114 42.71 1.94 4.30
C ASP C 114 42.23 0.94 3.26
N ALA C 115 41.16 1.28 2.57
CA ALA C 115 40.60 0.39 1.52
C ALA C 115 41.59 0.04 0.40
N GLN C 116 42.38 1.02 -0.06
CA GLN C 116 43.41 0.83 -1.11
C GLN C 116 44.43 -0.16 -0.61
N ALA C 117 44.80 0.01 0.65
CA ALA C 117 45.79 -0.83 1.27
C ALA C 117 45.28 -2.26 1.43
N MET C 118 43.99 -2.40 1.78
CA MET C 118 43.38 -3.73 1.91
C MET C 118 43.21 -4.38 0.54
N GLU C 119 42.87 -3.57 -0.45
CA GLU C 119 42.71 -4.09 -1.79
C GLU C 119 44.06 -4.60 -2.35
N ALA C 120 45.14 -3.90 -2.03
CA ALA C 120 46.50 -4.31 -2.41
C ALA C 120 46.87 -5.64 -1.76
N ALA C 121 46.63 -5.74 -0.46
CA ALA C 121 46.82 -7.01 0.28
C ALA C 121 46.06 -8.16 -0.36
N ALA C 122 44.80 -7.92 -0.75
CA ALA C 122 43.95 -8.99 -1.32
C ALA C 122 44.48 -9.48 -2.65
N ARG C 123 44.82 -8.54 -3.52
CA ARG C 123 45.46 -8.81 -4.83
C ARG C 123 46.67 -9.72 -4.77
N ALA C 124 47.57 -9.43 -3.83
CA ALA C 124 48.75 -10.27 -3.57
C ALA C 124 48.45 -11.61 -2.90
N SER C 125 47.23 -11.81 -2.39
CA SER C 125 46.91 -12.98 -1.56
C SER C 125 46.49 -14.22 -2.30
N ASP C 126 45.87 -14.08 -3.47
CA ASP C 126 45.29 -15.22 -4.17
C ASP C 126 44.11 -15.95 -3.42
N ARG C 127 43.70 -15.38 -2.29
CA ARG C 127 42.49 -15.80 -1.60
C ARG C 127 41.33 -14.94 -2.04
N ARG C 128 40.14 -15.53 -1.92
CA ARG C 128 38.85 -14.94 -2.25
C ARG C 128 38.41 -13.97 -1.17
N THR C 129 37.86 -12.85 -1.60
CA THR C 129 37.23 -11.95 -0.67
C THR C 129 35.82 -11.64 -1.13
N ILE C 130 34.97 -11.30 -0.17
CA ILE C 130 33.63 -10.80 -0.45
C ILE C 130 33.31 -9.81 0.68
N ILE C 131 32.61 -8.74 0.32
CA ILE C 131 32.16 -7.78 1.30
C ILE C 131 30.64 -7.93 1.49
N GLY C 132 30.18 -7.70 2.74
CA GLY C 132 28.83 -7.98 3.22
C GLY C 132 27.68 -7.08 2.75
N TYR C 133 27.61 -6.88 1.44
CA TYR C 133 26.57 -6.07 0.82
C TYR C 133 25.33 -6.93 0.57
N ASN C 134 24.69 -7.26 1.68
CA ASN C 134 23.65 -8.29 1.69
C ASN C 134 22.34 -7.88 1.00
N TYR C 135 22.13 -6.59 0.77
CA TYR C 135 20.93 -6.16 0.09
C TYR C 135 20.99 -6.45 -1.41
N THR C 136 22.15 -6.85 -1.92
CA THR C 136 22.27 -7.38 -3.28
C THR C 136 21.87 -8.85 -3.43
N ARG C 137 21.53 -9.51 -2.32
CA ARG C 137 21.27 -10.95 -2.30
C ARG C 137 19.79 -11.35 -2.27
N SER C 138 18.87 -10.39 -2.06
CA SER C 138 17.45 -10.73 -2.04
C SER C 138 16.99 -11.31 -3.38
N PRO C 139 16.06 -12.29 -3.37
CA PRO C 139 15.50 -12.74 -4.64
C PRO C 139 14.89 -11.64 -5.49
N ALA C 140 14.22 -10.67 -4.87
CA ALA C 140 13.66 -9.53 -5.61
C ALA C 140 14.74 -8.69 -6.31
N PHE C 141 15.82 -8.40 -5.62
CA PHE C 141 16.88 -7.60 -6.21
C PHE C 141 17.53 -8.33 -7.37
N ARG C 142 17.85 -9.59 -7.14
CA ARG C 142 18.44 -10.44 -8.17
C ARG C 142 17.50 -10.66 -9.38
N ALA C 143 16.20 -10.78 -9.13
CA ALA C 143 15.19 -10.83 -10.19
C ALA C 143 15.14 -9.52 -11.00
N ALA C 144 15.21 -8.38 -10.31
CA ALA C 144 15.24 -7.08 -10.98
C ALA C 144 16.42 -6.91 -11.93
N VAL C 145 17.62 -7.27 -11.46
CA VAL C 145 18.83 -7.22 -12.26
C VAL C 145 18.66 -8.06 -13.53
N ASP C 146 18.12 -9.26 -13.37
CA ASP C 146 17.88 -10.15 -14.51
C ASP C 146 16.85 -9.59 -15.45
N LEU C 147 15.76 -9.01 -14.91
CA LEU C 147 14.76 -8.38 -15.76
C LEU C 147 15.33 -7.26 -16.61
N ILE C 148 16.21 -6.43 -16.04
CA ILE C 148 16.86 -5.35 -16.79
C ILE C 148 17.71 -5.94 -17.91
N ALA C 149 18.56 -6.93 -17.59
CA ALA C 149 19.34 -7.64 -18.64
C ALA C 149 18.44 -8.25 -19.72
N GLU C 150 17.27 -8.75 -19.35
CA GLU C 150 16.36 -9.32 -20.35
C GLU C 150 15.63 -8.33 -21.23
N GLY C 151 15.69 -7.03 -20.93
CA GLY C 151 15.01 -5.99 -21.72
C GLY C 151 13.62 -5.64 -21.20
N ALA C 152 13.30 -6.11 -20.02
CA ALA C 152 11.97 -5.87 -19.41
C ALA C 152 11.58 -4.39 -19.31
N ILE C 153 12.55 -3.49 -19.11
CA ILE C 153 12.26 -2.05 -19.06
C ILE C 153 12.99 -1.22 -20.13
N GLY C 154 13.50 -1.89 -21.16
CA GLY C 154 14.33 -1.25 -22.18
C GLY C 154 15.61 -0.71 -21.59
N ARG C 155 16.05 0.43 -22.12
CA ARG C 155 17.27 1.08 -21.65
C ARG C 155 16.94 1.92 -20.40
N PRO C 156 17.70 1.74 -19.30
CA PRO C 156 17.52 2.64 -18.14
C PRO C 156 17.78 4.09 -18.50
N ILE C 157 16.88 4.98 -18.08
CA ILE C 157 17.05 6.43 -18.28
C ILE C 157 17.08 7.26 -17.02
N HIS C 158 16.76 6.68 -15.86
CA HIS C 158 16.95 7.39 -14.59
C HIS C 158 16.95 6.40 -13.45
N PHE C 159 17.82 6.63 -12.48
CA PHE C 159 17.84 5.88 -11.23
C PHE C 159 17.45 6.87 -10.12
N ARG C 160 16.54 6.47 -9.24
CA ARG C 160 16.36 7.19 -7.97
C ARG C 160 16.45 6.20 -6.81
N GLY C 161 17.37 6.44 -5.89
CA GLY C 161 17.53 5.57 -4.72
C GLY C 161 17.66 6.38 -3.44
N MET C 162 17.27 5.74 -2.34
CA MET C 162 17.37 6.30 -1.00
C MET C 162 17.65 5.15 -0.02
N TYR C 163 18.21 5.49 1.12
CA TYR C 163 18.29 4.56 2.25
C TYR C 163 18.09 5.37 3.55
N ASP C 164 16.84 5.40 4.02
CA ASP C 164 16.48 6.06 5.28
C ASP C 164 16.35 5.09 6.47
N GLU C 165 16.97 5.46 7.58
CA GLU C 165 16.76 4.82 8.89
C GLU C 165 16.74 5.94 9.92
N ASP C 166 16.29 5.64 11.15
CA ASP C 166 16.18 6.68 12.17
C ASP C 166 16.91 6.31 13.45
N TYR C 167 17.88 5.41 13.38
CA TYR C 167 18.54 4.94 14.60
C TYR C 167 19.33 6.02 15.36
N MET C 168 19.69 7.10 14.68
CA MET C 168 20.30 8.24 15.32
C MET C 168 19.38 9.47 15.46
N ALA C 169 18.07 9.32 15.23
CA ALA C 169 17.18 10.49 15.19
C ALA C 169 16.99 11.17 16.55
N ASP C 170 16.94 10.39 17.61
CA ASP C 170 16.77 10.91 18.95
C ASP C 170 18.03 11.69 19.39
N PRO C 171 17.90 13.01 19.64
CA PRO C 171 19.09 13.83 20.03
C PRO C 171 19.70 13.48 21.39
N ASP C 172 18.96 12.77 22.23
CA ASP C 172 19.48 12.30 23.51
C ASP C 172 20.29 11.02 23.45
N LEU C 173 20.38 10.38 22.29
CA LEU C 173 21.29 9.26 22.12
C LEU C 173 22.72 9.73 22.34
N PRO C 174 23.49 9.01 23.19
CA PRO C 174 24.82 9.46 23.60
C PRO C 174 25.84 9.49 22.49
N TRP C 175 26.72 10.49 22.55
CA TRP C 175 27.83 10.66 21.65
C TRP C 175 28.68 9.43 21.68
N SER C 176 29.48 9.26 20.64
CA SER C 176 30.45 8.19 20.61
C SER C 176 31.48 8.43 19.52
N TRP C 177 32.55 7.65 19.59
CA TRP C 177 33.74 7.87 18.78
C TRP C 177 33.56 7.51 17.30
N ARG C 178 32.48 6.79 17.06
CA ARG C 178 32.00 6.57 15.69
C ARG C 178 31.52 7.85 15.07
N LEU C 179 31.07 8.79 15.89
CA LEU C 179 30.67 10.10 15.41
C LEU C 179 31.86 11.06 15.26
N THR C 180 33.09 10.57 15.42
CA THR C 180 34.32 11.32 15.06
C THR C 180 34.83 10.84 13.73
N ARG C 181 35.38 11.80 12.98
CA ARG C 181 35.89 11.56 11.65
C ARG C 181 37.09 10.64 11.75
N LYS C 182 37.97 10.92 12.72
CA LYS C 182 39.14 10.08 12.99
C LYS C 182 38.83 8.57 13.10
N ASP C 183 38.16 8.15 14.17
CA ASP C 183 37.94 6.72 14.44
C ASP C 183 36.54 6.24 14.07
N GLY C 184 35.70 7.13 13.52
CA GLY C 184 34.37 6.74 13.00
C GLY C 184 34.25 6.61 11.50
N GLY C 185 35.00 7.44 10.77
CA GLY C 185 34.90 7.53 9.32
C GLY C 185 33.68 8.37 8.96
N LEU C 186 33.08 8.04 7.83
CA LEU C 186 31.85 8.68 7.38
C LEU C 186 30.67 8.24 8.27
N GLY C 187 29.60 9.04 8.27
CA GLY C 187 28.40 8.71 9.04
C GLY C 187 27.43 7.92 8.19
N ALA C 188 26.33 8.56 7.82
CA ALA C 188 25.27 7.87 7.08
C ALA C 188 25.78 7.31 5.74
N LEU C 189 26.69 8.03 5.08
CA LEU C 189 27.34 7.51 3.85
C LEU C 189 28.11 6.21 4.06
N GLY C 190 28.79 6.09 5.19
CA GLY C 190 29.56 4.93 5.55
C GLY C 190 28.73 3.77 6.04
N ASP C 191 27.65 4.06 6.76
CA ASP C 191 26.80 3.03 7.31
C ASP C 191 25.70 2.54 6.36
N LEU C 192 25.12 3.46 5.61
CA LEU C 192 23.96 3.17 4.72
C LEU C 192 24.25 3.45 3.26
N GLY C 193 24.93 4.56 2.99
CA GLY C 193 25.25 4.98 1.63
C GLY C 193 25.94 3.92 0.80
N CYS C 194 26.93 3.26 1.40
CA CYS C 194 27.66 2.18 0.75
C CYS C 194 26.72 1.05 0.28
N HIS C 195 25.74 0.69 1.11
CA HIS C 195 24.74 -0.33 0.71
C HIS C 195 23.98 0.15 -0.53
N LEU C 196 23.53 1.40 -0.51
CA LEU C 196 22.78 1.92 -1.66
C LEU C 196 23.65 1.95 -2.92
N VAL C 197 24.93 2.33 -2.79
CA VAL C 197 25.84 2.29 -3.95
C VAL C 197 25.92 0.87 -4.49
N SER C 198 26.05 -0.12 -3.61
CA SER C 198 26.20 -1.50 -4.01
C SER C 198 25.07 -1.97 -4.91
N VAL C 199 23.85 -1.56 -4.57
CA VAL C 199 22.65 -1.86 -5.32
C VAL C 199 22.62 -1.04 -6.59
N MET C 200 22.93 0.25 -6.47
CA MET C 200 22.81 1.19 -7.60
C MET C 200 23.72 0.82 -8.78
N VAL C 201 25.00 0.55 -8.47
CA VAL C 201 25.95 0.16 -9.51
C VAL C 201 25.64 -1.19 -10.12
N SER C 202 25.05 -2.11 -9.34
CA SER C 202 24.67 -3.40 -9.86
C SER C 202 23.53 -3.23 -10.88
N LEU C 203 22.65 -2.24 -10.69
CA LEU C 203 21.54 -1.98 -11.60
C LEU C 203 21.92 -1.11 -12.77
N MET C 204 22.76 -0.10 -12.54
CA MET C 204 23.02 0.96 -13.52
C MET C 204 24.41 0.99 -14.17
N GLY C 205 25.34 0.23 -13.62
CA GLY C 205 26.73 0.30 -14.04
C GLY C 205 27.52 1.31 -13.22
N PRO C 206 28.83 1.46 -13.56
CA PRO C 206 29.73 2.33 -12.81
C PRO C 206 29.26 3.80 -12.75
N VAL C 207 29.49 4.42 -11.60
CA VAL C 207 29.33 5.87 -11.41
C VAL C 207 30.48 6.65 -12.09
N ALA C 208 30.13 7.63 -12.91
CA ALA C 208 31.11 8.48 -13.56
C ALA C 208 31.30 9.80 -12.84
N ARG C 209 30.22 10.36 -12.28
CA ARG C 209 30.28 11.66 -11.62
C ARG C 209 29.22 11.80 -10.52
N VAL C 210 29.55 12.51 -9.45
CA VAL C 210 28.61 12.87 -8.42
C VAL C 210 28.71 14.36 -8.10
N TYR C 211 27.58 14.95 -7.71
CA TYR C 211 27.56 16.24 -7.04
C TYR C 211 26.70 16.00 -5.81
N ALA C 212 27.24 16.29 -4.63
CA ALA C 212 26.57 15.94 -3.37
C ALA C 212 26.47 17.08 -2.40
N GLN C 213 25.62 16.90 -1.40
CA GLN C 213 25.54 17.79 -0.23
C GLN C 213 25.32 16.88 0.97
N ALA C 214 25.66 17.37 2.16
CA ALA C 214 25.53 16.58 3.38
C ALA C 214 25.24 17.51 4.54
N ASP C 215 24.64 16.99 5.59
CA ASP C 215 24.38 17.77 6.81
C ASP C 215 24.60 16.90 8.04
N THR C 216 25.01 17.56 9.11
CA THR C 216 24.91 17.04 10.46
C THR C 216 23.75 17.79 11.08
N VAL C 217 22.69 17.07 11.42
CA VAL C 217 21.46 17.66 11.91
C VAL C 217 21.54 17.85 13.41
N ILE C 218 21.98 16.81 14.12
CA ILE C 218 22.21 16.86 15.54
C ILE C 218 23.71 16.95 15.76
N THR C 219 24.17 18.14 16.13
CA THR C 219 25.60 18.43 16.12
C THR C 219 26.32 18.11 17.42
N ASP C 220 25.55 17.91 18.49
CA ASP C 220 26.09 17.72 19.83
C ASP C 220 25.18 16.71 20.56
N ARG C 221 25.75 15.71 21.37
CA ARG C 221 24.99 14.66 22.06
C ARG C 221 25.66 14.53 23.38
N PRO C 222 24.86 14.13 24.38
CA PRO C 222 25.25 13.94 25.77
C PRO C 222 26.56 13.20 25.82
N HIS C 223 27.54 13.73 26.53
CA HIS C 223 28.78 13.08 26.57
C HIS C 223 29.30 13.08 27.98
N GLN C 224 28.90 12.08 28.77
CA GLN C 224 29.26 11.97 30.21
C GLN C 224 29.38 13.34 30.87
N GLY C 225 28.32 13.78 31.54
CA GLY C 225 28.32 15.10 32.17
C GLY C 225 27.80 16.17 31.25
N GLY C 226 28.62 16.55 30.26
CA GLY C 226 28.28 17.60 29.31
C GLY C 226 27.92 16.99 27.97
N THR C 227 28.35 17.67 26.90
CA THR C 227 28.07 17.22 25.55
C THR C 227 29.30 17.40 24.70
N ALA C 228 29.17 17.19 23.39
CA ALA C 228 30.38 17.07 22.63
C ALA C 228 29.99 17.15 21.20
N ARG C 229 30.90 16.80 20.29
CA ARG C 229 30.46 17.12 18.96
C ARG C 229 30.40 15.92 18.06
N VAL C 230 29.42 15.98 17.16
CA VAL C 230 29.26 14.96 16.16
C VAL C 230 30.05 15.46 14.96
N GLU C 231 30.93 14.62 14.47
CA GLU C 231 31.80 15.04 13.38
C GLU C 231 31.40 14.59 11.98
N ASN C 232 30.67 13.49 11.86
CA ASN C 232 30.27 13.02 10.53
C ASN C 232 28.79 13.24 10.23
N GLU C 233 28.39 12.99 8.99
CA GLU C 233 27.10 13.46 8.51
C GLU C 233 25.94 12.55 8.92
N ASP C 234 24.79 13.16 9.17
CA ASP C 234 23.57 12.46 9.51
C ASP C 234 22.82 12.04 8.27
N GLN C 235 23.05 12.80 7.20
CA GLN C 235 22.37 12.58 5.93
C GLN C 235 23.17 13.19 4.77
N ALA C 236 22.95 12.64 3.58
CA ALA C 236 23.62 13.10 2.36
C ALA C 236 22.80 12.74 1.13
N GLN C 237 22.90 13.59 0.11
CA GLN C 237 22.18 13.42 -1.13
C GLN C 237 23.13 13.72 -2.26
N ALA C 238 22.89 13.11 -3.40
CA ALA C 238 23.73 13.33 -4.57
C ALA C 238 22.99 13.14 -5.88
N LEU C 239 23.38 13.92 -6.89
CA LEU C 239 23.06 13.65 -8.26
C LEU C 239 24.22 12.91 -8.90
N ILE C 240 23.86 11.98 -9.77
CA ILE C 240 24.78 11.01 -10.34
C ILE C 240 24.71 11.11 -11.85
N ARG C 241 25.86 10.97 -12.51
CA ARG C 241 25.93 10.55 -13.91
C ARG C 241 26.64 9.20 -13.94
N PHE C 242 26.01 8.22 -14.59
CA PHE C 242 26.62 6.91 -14.79
C PHE C 242 27.50 6.93 -16.04
N ALA C 243 28.34 5.92 -16.17
CA ALA C 243 29.25 5.76 -17.32
C ALA C 243 28.49 5.64 -18.65
N SER C 244 27.27 5.13 -18.57
CA SER C 244 26.33 5.15 -19.69
C SER C 244 25.84 6.55 -20.10
N GLY C 245 26.04 7.57 -19.27
CA GLY C 245 25.48 8.90 -19.48
C GLY C 245 24.19 9.14 -18.71
N THR C 246 23.64 8.08 -18.13
CA THR C 246 22.32 8.11 -17.52
C THR C 246 22.37 8.85 -16.20
N SER C 247 21.29 9.52 -15.87
CA SER C 247 21.18 10.28 -14.61
C SER C 247 20.76 9.41 -13.42
N GLY C 248 21.03 9.95 -12.22
CA GLY C 248 20.63 9.32 -10.99
C GLY C 248 20.47 10.33 -9.85
N GLU C 249 19.65 9.93 -8.89
CA GLU C 249 19.47 10.60 -7.60
C GLU C 249 19.76 9.57 -6.53
N PHE C 250 20.34 10.06 -5.44
CA PHE C 250 20.86 9.19 -4.39
C PHE C 250 20.73 9.95 -3.07
N SER C 251 20.31 9.26 -2.02
CA SER C 251 20.32 9.79 -0.67
C SER C 251 20.51 8.68 0.38
N CYS C 252 21.02 9.08 1.55
CA CYS C 252 20.96 8.25 2.73
C CYS C 252 20.73 9.14 3.95
N SER C 253 20.19 8.54 5.01
CA SER C 253 20.01 9.25 6.28
C SER C 253 19.85 8.27 7.43
N ARG C 254 20.44 8.65 8.57
CA ARG C 254 20.30 7.91 9.84
C ARG C 254 19.42 8.69 10.85
N VAL C 255 18.77 9.76 10.37
CA VAL C 255 17.87 10.59 11.21
C VAL C 255 16.47 10.80 10.59
N ALA C 256 16.11 9.93 9.65
CA ALA C 256 14.86 10.06 8.92
C ALA C 256 13.76 9.31 9.68
N ARG C 257 13.00 10.07 10.46
CA ARG C 257 12.11 9.50 11.46
C ARG C 257 11.02 8.61 10.90
N GLY C 258 10.92 7.41 11.49
CA GLY C 258 9.89 6.43 11.16
C GLY C 258 10.36 5.34 10.20
N TYR C 259 11.50 5.57 9.54
CA TYR C 259 12.11 4.57 8.68
C TYR C 259 13.09 3.74 9.46
N ARG C 260 13.08 2.44 9.16
CA ARG C 260 13.86 1.44 9.88
C ARG C 260 14.91 0.74 9.00
N CYS C 261 14.55 0.44 7.76
CA CYS C 261 15.46 -0.18 6.80
C CYS C 261 14.99 0.14 5.39
N ARG C 262 14.74 1.42 5.16
CA ARG C 262 14.07 1.89 3.94
C ARG C 262 15.13 2.16 2.88
N LEU C 263 15.78 1.09 2.45
CA LEU C 263 16.59 1.09 1.24
C LEU C 263 15.60 0.87 0.10
N ALA C 264 15.36 1.94 -0.65
CA ALA C 264 14.36 1.93 -1.70
C ALA C 264 14.94 2.54 -2.98
N TRP C 265 14.64 1.91 -4.11
CA TRP C 265 15.20 2.34 -5.38
C TRP C 265 14.20 2.13 -6.49
N GLU C 266 14.50 2.79 -7.60
CA GLU C 266 13.67 2.78 -8.76
C GLU C 266 14.54 2.93 -10.00
N VAL C 267 14.27 2.11 -11.01
CA VAL C 267 14.92 2.25 -12.33
C VAL C 267 13.84 2.49 -13.36
N GLN C 268 13.92 3.67 -13.98
CA GLN C 268 12.99 4.10 -15.03
C GLN C 268 13.71 3.86 -16.33
N GLY C 269 13.05 3.15 -17.24
CA GLY C 269 13.64 2.82 -18.52
C GLY C 269 12.81 3.31 -19.67
N THR C 270 13.31 3.13 -20.88
CA THR C 270 12.58 3.53 -22.08
C THR C 270 11.31 2.71 -22.30
N GLU C 271 11.26 1.49 -21.77
CA GLU C 271 10.12 0.57 -21.98
C GLU C 271 9.47 0.10 -20.70
N GLY C 272 9.81 0.70 -19.56
CA GLY C 272 9.18 0.31 -18.32
C GLY C 272 9.84 0.90 -17.09
N THR C 273 9.36 0.47 -15.94
CA THR C 273 9.87 0.95 -14.65
C THR C 273 9.92 -0.20 -13.64
N LEU C 274 11.01 -0.29 -12.90
CA LEU C 274 11.11 -1.17 -11.73
C LEU C 274 11.29 -0.36 -10.45
N ARG C 275 10.61 -0.79 -9.38
CA ARG C 275 10.62 -0.11 -8.08
C ARG C 275 10.60 -1.14 -6.94
N PHE C 276 11.33 -0.82 -5.87
CA PHE C 276 11.59 -1.72 -4.76
C PHE C 276 11.79 -0.90 -3.48
N ASP C 277 11.35 -1.49 -2.36
CA ASP C 277 11.56 -0.93 -1.03
C ASP C 277 11.91 -2.12 -0.12
N GLN C 278 13.06 -2.07 0.53
CA GLN C 278 13.57 -3.19 1.35
C GLN C 278 12.69 -3.42 2.59
N GLU C 279 11.95 -2.41 3.04
CA GLU C 279 11.01 -2.61 4.15
C GLU C 279 9.88 -3.59 3.78
N ARG C 280 9.64 -3.74 2.46
CA ARG C 280 8.81 -4.80 1.88
C ARG C 280 9.62 -5.59 0.86
N MET C 281 10.63 -6.30 1.33
CA MET C 281 11.66 -6.90 0.50
C MET C 281 11.17 -8.02 -0.41
N ASN C 282 9.92 -8.49 -0.20
CA ASN C 282 9.31 -9.53 -1.03
C ASN C 282 8.47 -9.01 -2.19
N GLU C 283 8.51 -7.69 -2.46
CA GLU C 283 7.75 -7.10 -3.54
C GLU C 283 8.64 -6.33 -4.53
N LEU C 284 8.44 -6.60 -5.82
CA LEU C 284 9.10 -5.88 -6.88
C LEU C 284 8.01 -5.35 -7.81
N TRP C 285 8.00 -4.05 -8.03
CA TRP C 285 6.97 -3.42 -8.84
C TRP C 285 7.51 -3.24 -10.23
N LEU C 286 6.80 -3.75 -11.23
CA LEU C 286 7.21 -3.67 -12.62
C LEU C 286 6.11 -3.06 -13.46
N TYR C 287 6.40 -1.93 -14.10
CA TYR C 287 5.51 -1.38 -15.13
C TYR C 287 6.08 -1.65 -16.52
N GLN C 288 5.23 -2.16 -17.40
CA GLN C 288 5.51 -2.25 -18.82
C GLN C 288 4.25 -1.76 -19.55
N PRO C 289 4.40 -1.11 -20.73
CA PRO C 289 3.18 -0.66 -21.42
C PRO C 289 2.20 -1.80 -21.68
N GLY C 290 0.91 -1.52 -21.53
CA GLY C 290 -0.13 -2.53 -21.68
C GLY C 290 -1.30 -1.91 -22.41
N ARG C 291 -2.30 -2.71 -22.75
CA ARG C 291 -3.48 -2.14 -23.41
C ARG C 291 -4.24 -1.22 -22.40
N PRO C 292 -4.84 -0.11 -22.88
CA PRO C 292 -5.40 0.93 -21.99
C PRO C 292 -6.29 0.41 -20.87
N GLU C 293 -7.11 -0.58 -21.15
CA GLU C 293 -8.01 -1.13 -20.16
C GLU C 293 -7.34 -1.88 -18.98
N ILE C 294 -6.17 -2.45 -19.19
CA ILE C 294 -5.51 -3.19 -18.11
C ILE C 294 -4.15 -2.61 -17.71
N ASP C 295 -3.84 -1.41 -18.16
CA ASP C 295 -2.52 -0.84 -18.01
C ASP C 295 -2.22 -0.51 -16.52
N GLY C 296 -1.01 -0.85 -16.06
CA GLY C 296 -0.56 -0.48 -14.71
C GLY C 296 0.55 -1.34 -14.17
N PHE C 297 1.18 -0.86 -13.08
CA PHE C 297 2.24 -1.58 -12.40
C PHE C 297 1.80 -2.95 -11.91
N ARG C 298 2.69 -3.94 -12.05
CA ARG C 298 2.48 -5.27 -11.49
C ARG C 298 3.23 -5.40 -10.19
N ARG C 299 2.57 -5.96 -9.18
CA ARG C 299 3.22 -6.33 -7.94
C ARG C 299 3.75 -7.75 -8.06
N ILE C 300 5.06 -7.92 -8.19
CA ILE C 300 5.64 -9.24 -8.29
C ILE C 300 6.00 -9.71 -6.88
N LEU C 301 5.33 -10.75 -6.39
CA LEU C 301 5.59 -11.24 -5.05
C LEU C 301 6.68 -12.31 -5.12
N THR C 302 7.66 -12.23 -4.23
CA THR C 302 8.83 -13.12 -4.23
C THR C 302 8.42 -14.60 -4.12
N GLY C 303 8.95 -15.41 -5.03
CA GLY C 303 8.67 -16.82 -5.10
C GLY C 303 9.79 -17.53 -5.84
N PRO C 304 9.60 -18.83 -6.13
CA PRO C 304 10.68 -19.66 -6.67
C PRO C 304 11.14 -19.30 -8.08
N ALA C 305 10.38 -18.47 -8.79
CA ALA C 305 10.83 -17.91 -10.06
C ALA C 305 12.02 -16.96 -9.90
N GLN C 306 12.29 -16.47 -8.68
CA GLN C 306 13.35 -15.52 -8.50
C GLN C 306 14.63 -16.18 -7.99
N PRO C 307 15.80 -15.68 -8.39
CA PRO C 307 17.06 -16.29 -7.98
C PRO C 307 17.20 -16.55 -6.47
N GLY C 308 17.58 -17.77 -6.13
CA GLY C 308 17.87 -18.12 -4.75
C GLY C 308 16.68 -18.57 -3.93
N PHE C 309 15.46 -18.18 -4.31
CA PHE C 309 14.31 -18.42 -3.44
C PHE C 309 14.05 -19.90 -3.22
N ALA C 310 14.12 -20.69 -4.30
CA ALA C 310 13.78 -22.12 -4.27
C ALA C 310 14.66 -22.97 -3.35
N ALA C 311 15.87 -22.50 -3.03
CA ALA C 311 16.72 -23.18 -2.07
C ALA C 311 16.16 -23.10 -0.65
N PHE C 312 15.21 -22.18 -0.41
CA PHE C 312 14.65 -21.96 0.93
C PHE C 312 13.20 -22.36 1.09
N CYS C 313 12.45 -22.34 -0.01
CA CYS C 313 11.04 -22.66 0.02
C CYS C 313 10.54 -22.90 -1.40
N PRO C 314 9.73 -23.95 -1.59
CA PRO C 314 9.21 -24.24 -2.94
C PRO C 314 7.97 -23.46 -3.32
N GLY C 315 7.34 -22.79 -2.34
CA GLY C 315 6.09 -22.07 -2.55
C GLY C 315 6.25 -20.57 -2.55
N GLY C 316 5.72 -19.92 -3.58
CA GLY C 316 5.73 -18.47 -3.66
C GLY C 316 4.98 -17.83 -2.50
N GLY C 317 5.33 -16.59 -2.18
CA GLY C 317 4.59 -15.78 -1.22
C GLY C 317 4.93 -16.05 0.23
N HIS C 318 5.79 -17.03 0.51
CA HIS C 318 6.31 -17.30 1.85
C HIS C 318 7.56 -16.44 2.05
N ASN C 319 7.39 -15.34 2.78
CA ASN C 319 8.33 -14.23 2.77
C ASN C 319 9.78 -14.59 3.13
N PHE C 320 10.68 -14.23 2.22
CA PHE C 320 12.11 -14.41 2.37
C PHE C 320 12.55 -13.32 3.34
N GLY C 321 13.41 -13.66 4.28
CA GLY C 321 13.78 -12.71 5.32
C GLY C 321 15.14 -12.08 5.10
N PHE C 322 15.36 -11.00 5.84
CA PHE C 322 16.66 -10.35 5.86
C PHE C 322 17.83 -11.33 6.13
N ASN C 323 17.71 -12.19 7.13
CA ASN C 323 18.85 -13.06 7.49
C ASN C 323 19.18 -14.06 6.38
N GLU C 324 18.18 -14.47 5.63
CA GLU C 324 18.38 -15.41 4.54
C GLU C 324 19.21 -14.81 3.38
N GLN C 325 19.20 -13.48 3.25
CA GLN C 325 20.17 -12.80 2.36
C GLN C 325 21.60 -13.21 2.67
N LYS C 326 21.93 -13.32 3.96
CA LYS C 326 23.27 -13.71 4.40
C LYS C 326 23.66 -15.14 4.04
N VAL C 327 22.67 -16.02 3.98
CA VAL C 327 22.85 -17.42 3.60
C VAL C 327 23.24 -17.47 2.11
N VAL C 328 22.57 -16.65 1.30
CA VAL C 328 22.87 -16.54 -0.13
C VAL C 328 24.29 -16.03 -0.37
N GLU C 329 24.68 -15.05 0.44
CA GLU C 329 26.01 -14.45 0.41
C GLU C 329 27.08 -15.49 0.78
N ALA C 330 26.83 -16.25 1.85
CA ALA C 330 27.67 -17.40 2.22
C ALA C 330 27.83 -18.36 1.07
N GLU C 331 26.74 -18.72 0.41
CA GLU C 331 26.81 -19.63 -0.75
C GLU C 331 27.68 -19.08 -1.88
N MET C 332 27.51 -17.80 -2.21
CA MET C 332 28.30 -17.19 -3.27
C MET C 332 29.80 -17.28 -2.98
N LEU C 333 30.18 -17.04 -1.73
CA LEU C 333 31.58 -17.15 -1.29
C LEU C 333 32.08 -18.61 -1.36
N ARG C 334 31.29 -19.50 -0.80
CA ARG C 334 31.50 -20.94 -0.92
C ARG C 334 31.82 -21.40 -2.36
N GLN C 335 30.98 -21.02 -3.30
CA GLN C 335 31.19 -21.34 -4.72
C GLN C 335 32.44 -20.67 -5.30
N ALA C 336 32.72 -19.44 -4.88
CA ALA C 336 33.96 -18.74 -5.29
C ALA C 336 35.20 -19.44 -4.79
N ILE C 337 35.19 -19.86 -3.53
CA ILE C 337 36.29 -20.64 -2.95
C ILE C 337 36.50 -21.98 -3.72
N ALA C 338 35.40 -22.60 -4.14
CA ALA C 338 35.46 -23.83 -4.93
C ALA C 338 35.85 -23.63 -6.39
N GLY C 339 36.15 -22.40 -6.79
CA GLY C 339 36.42 -22.07 -8.19
C GLY C 339 35.24 -22.13 -9.13
N ARG C 340 34.01 -22.07 -8.61
CA ARG C 340 32.80 -22.26 -9.43
C ARG C 340 31.96 -20.99 -9.67
N GLY C 341 32.61 -19.82 -9.65
CA GLY C 341 31.94 -18.53 -9.86
C GLY C 341 32.61 -17.44 -9.05
N LYS C 342 32.92 -16.31 -9.69
CA LYS C 342 33.44 -15.13 -8.99
C LYS C 342 32.37 -14.59 -8.03
N ALA C 343 32.77 -14.24 -6.81
CA ALA C 343 31.89 -13.53 -5.85
C ALA C 343 32.03 -12.03 -6.03
N TRP C 344 30.92 -11.32 -5.79
CA TRP C 344 30.84 -9.86 -5.87
C TRP C 344 30.21 -9.29 -4.60
N PRO C 345 30.70 -8.17 -4.07
CA PRO C 345 31.94 -7.52 -4.48
C PRO C 345 33.15 -8.01 -3.69
N ASP C 346 34.23 -8.32 -4.41
CA ASP C 346 35.54 -8.55 -3.78
C ASP C 346 36.17 -7.21 -3.37
N PHE C 347 37.35 -7.25 -2.78
CA PHE C 347 38.01 -6.02 -2.31
C PHE C 347 38.30 -5.03 -3.43
N THR C 348 38.49 -5.51 -4.66
CA THR C 348 38.66 -4.61 -5.80
C THR C 348 37.36 -3.90 -6.15
N ASP C 349 36.29 -4.67 -6.30
CA ASP C 349 34.93 -4.11 -6.54
C ASP C 349 34.54 -3.17 -5.40
N GLY C 350 34.79 -3.60 -4.16
CA GLY C 350 34.49 -2.80 -2.98
C GLY C 350 35.25 -1.49 -2.85
N LEU C 351 36.50 -1.46 -3.30
CA LEU C 351 37.27 -0.22 -3.30
C LEU C 351 36.62 0.87 -4.16
N THR C 352 36.07 0.48 -5.29
CA THR C 352 35.33 1.43 -6.13
C THR C 352 34.14 2.02 -5.39
N ILE C 353 33.44 1.19 -4.62
CA ILE C 353 32.29 1.63 -3.84
C ILE C 353 32.76 2.61 -2.77
N GLU C 354 33.86 2.27 -2.09
CA GLU C 354 34.47 3.19 -1.13
C GLU C 354 34.83 4.53 -1.78
N ARG C 355 35.41 4.52 -2.98
CA ARG C 355 35.74 5.77 -3.70
C ARG C 355 34.52 6.62 -3.95
N VAL C 356 33.44 5.98 -4.41
CA VAL C 356 32.17 6.67 -4.60
C VAL C 356 31.71 7.39 -3.32
N ILE C 357 31.54 6.68 -2.22
CA ILE C 357 30.98 7.30 -1.01
C ILE C 357 31.87 8.41 -0.48
N HIS C 358 33.17 8.19 -0.55
CA HIS C 358 34.12 9.20 -0.08
C HIS C 358 34.18 10.36 -1.07
N GLY C 359 33.98 10.05 -2.34
CA GLY C 359 33.80 11.07 -3.38
C GLY C 359 32.61 11.98 -3.14
N MET C 360 31.49 11.41 -2.73
CA MET C 360 30.31 12.17 -2.36
C MET C 360 30.60 13.07 -1.16
N ALA C 361 31.28 12.53 -0.14
CA ALA C 361 31.66 13.32 1.04
C ALA C 361 32.53 14.52 0.64
N THR C 362 33.43 14.28 -0.32
CA THR C 362 34.35 15.32 -0.83
C THR C 362 33.56 16.37 -1.61
N SER C 363 32.66 15.91 -2.48
CA SER C 363 31.78 16.81 -3.22
C SER C 363 30.98 17.72 -2.29
N ALA C 364 30.41 17.14 -1.22
CA ALA C 364 29.61 17.88 -0.25
C ALA C 364 30.43 18.93 0.51
N GLN C 365 31.66 18.57 0.86
CA GLN C 365 32.55 19.50 1.56
C GLN C 365 32.96 20.68 0.66
N THR C 366 33.14 20.43 -0.64
CA THR C 366 33.65 21.48 -1.54
C THR C 366 32.58 22.24 -2.30
N GLY C 367 31.38 21.72 -2.36
CA GLY C 367 30.38 22.25 -3.27
C GLY C 367 30.76 22.10 -4.73
N GLN C 368 31.59 21.10 -5.04
CA GLN C 368 32.08 20.88 -6.39
C GLN C 368 31.78 19.45 -6.82
N PRO C 369 31.54 19.23 -8.12
CA PRO C 369 31.40 17.86 -8.60
C PRO C 369 32.71 17.07 -8.51
N VAL C 370 32.58 15.75 -8.42
CA VAL C 370 33.73 14.85 -8.37
C VAL C 370 33.55 13.84 -9.49
N ASN C 371 34.58 13.69 -10.29
CA ASN C 371 34.58 12.73 -11.40
C ASN C 371 35.41 11.51 -11.06
N PHE C 372 34.95 10.36 -11.53
CA PHE C 372 35.63 9.09 -11.27
C PHE C 372 36.24 8.54 -12.57
N ALA D 7 21.33 -31.15 25.37
CA ALA D 7 21.10 -30.96 23.91
C ALA D 7 20.08 -31.97 23.40
N LEU D 8 18.99 -31.46 22.84
CA LEU D 8 17.96 -32.33 22.29
C LEU D 8 18.44 -33.05 21.04
N GLY D 9 18.22 -34.36 20.99
CA GLY D 9 18.44 -35.12 19.78
C GLY D 9 17.20 -35.09 18.91
N VAL D 10 17.39 -34.84 17.62
CA VAL D 10 16.31 -34.64 16.68
C VAL D 10 16.25 -35.72 15.62
N ALA D 11 15.05 -36.23 15.37
CA ALA D 11 14.76 -37.00 14.18
C ALA D 11 13.84 -36.16 13.31
N LEU D 12 14.02 -36.28 12.01
CA LEU D 12 13.21 -35.57 11.03
C LEU D 12 12.72 -36.60 10.03
N ILE D 13 11.40 -36.67 9.85
CA ILE D 13 10.78 -37.53 8.84
C ILE D 13 10.17 -36.63 7.78
N GLY D 14 10.69 -36.74 6.56
CA GLY D 14 10.26 -35.92 5.41
C GLY D 14 11.27 -34.81 5.19
N THR D 15 11.48 -34.45 3.93
CA THR D 15 12.46 -33.42 3.56
C THR D 15 11.96 -32.45 2.51
N GLY D 16 10.64 -32.34 2.37
CA GLY D 16 10.07 -31.48 1.35
C GLY D 16 9.95 -30.06 1.88
N PHE D 17 8.84 -29.42 1.55
CA PHE D 17 8.54 -28.04 1.95
C PHE D 17 8.77 -27.91 3.45
N MET D 18 8.03 -28.68 4.23
CA MET D 18 8.16 -28.55 5.66
C MET D 18 9.36 -29.26 6.25
N GLY D 19 9.79 -30.38 5.66
CA GLY D 19 10.97 -31.10 6.19
C GLY D 19 12.19 -30.21 6.20
N LYS D 20 12.41 -29.53 5.08
CA LYS D 20 13.54 -28.62 4.99
C LYS D 20 13.40 -27.42 5.91
N CYS D 21 12.19 -26.90 6.05
CA CYS D 21 11.92 -25.81 6.99
C CYS D 21 12.26 -26.20 8.44
N HIS D 22 11.78 -27.37 8.88
CA HIS D 22 12.17 -27.93 10.20
C HIS D 22 13.68 -28.13 10.34
N ALA D 23 14.32 -28.66 9.30
CA ALA D 23 15.77 -28.86 9.31
C ALA D 23 16.52 -27.55 9.61
N MET D 24 16.14 -26.49 8.87
CA MET D 24 16.73 -25.15 9.09
C MET D 24 16.40 -24.56 10.46
N ALA D 25 15.19 -24.82 10.96
CA ALA D 25 14.79 -24.38 12.31
C ALA D 25 15.62 -25.03 13.43
N TRP D 26 15.70 -26.34 13.37
CA TRP D 26 16.49 -27.09 14.34
C TRP D 26 17.97 -26.70 14.33
N ARG D 27 18.48 -26.40 13.13
CA ARG D 27 19.88 -26.03 12.93
C ARG D 27 20.25 -24.71 13.62
N ASN D 28 19.31 -23.76 13.71
CA ASN D 28 19.58 -22.42 14.24
C ASN D 28 18.83 -22.05 15.51
N VAL D 29 18.07 -22.96 16.12
CA VAL D 29 17.30 -22.58 17.31
C VAL D 29 18.18 -22.02 18.44
N ALA D 30 19.33 -22.66 18.71
CA ALA D 30 20.23 -22.18 19.76
C ALA D 30 21.01 -20.94 19.30
N THR D 31 21.31 -20.87 18.01
CA THR D 31 21.98 -19.66 17.49
C THR D 31 21.14 -18.42 17.86
N ALA D 32 19.81 -18.53 17.67
CA ALA D 32 18.91 -17.42 17.90
C ALA D 32 18.64 -17.21 19.39
N PHE D 33 18.33 -18.29 20.10
CA PHE D 33 17.79 -18.22 21.47
C PHE D 33 18.71 -18.65 22.60
N GLY D 34 19.95 -19.06 22.29
CA GLY D 34 20.89 -19.57 23.29
C GLY D 34 20.65 -21.02 23.69
N GLY D 35 21.36 -21.46 24.74
CA GLY D 35 21.32 -22.85 25.19
C GLY D 35 22.17 -23.70 24.27
N LEU D 36 21.89 -24.98 24.24
CA LEU D 36 22.71 -25.93 23.51
C LEU D 36 22.10 -26.23 22.15
N PRO D 37 22.93 -26.24 21.09
CA PRO D 37 22.38 -26.63 19.78
C PRO D 37 21.83 -28.04 19.79
N PRO D 38 20.60 -28.24 19.27
CA PRO D 38 20.09 -29.60 19.07
C PRO D 38 20.99 -30.41 18.17
N ARG D 39 21.11 -31.69 18.46
CA ARG D 39 21.90 -32.59 17.61
C ARG D 39 20.98 -33.19 16.58
N LEU D 40 21.37 -33.09 15.31
CA LEU D 40 20.59 -33.62 14.20
C LEU D 40 21.04 -35.06 14.01
N GLU D 41 20.19 -36.00 14.45
CA GLU D 41 20.54 -37.42 14.54
C GLU D 41 20.16 -38.24 13.33
N VAL D 42 18.87 -38.26 13.00
CA VAL D 42 18.36 -39.12 11.92
C VAL D 42 17.36 -38.38 11.06
N LEU D 43 17.50 -38.56 9.75
CA LEU D 43 16.63 -38.00 8.75
C LEU D 43 16.04 -39.17 7.97
N ALA D 44 14.72 -39.23 7.85
CA ALA D 44 14.09 -40.32 7.11
C ALA D 44 13.41 -39.76 5.88
N ASP D 45 13.65 -40.38 4.73
CA ASP D 45 12.93 -40.03 3.48
C ASP D 45 13.16 -41.13 2.43
N MET D 46 12.36 -41.15 1.36
CA MET D 46 12.49 -42.16 0.30
C MET D 46 12.73 -41.46 -1.05
N PRO D 47 13.54 -42.02 -1.96
CA PRO D 47 14.29 -43.27 -1.75
C PRO D 47 15.53 -43.07 -0.88
N ALA D 48 16.21 -44.17 -0.58
CA ALA D 48 17.34 -44.14 0.35
C ALA D 48 18.45 -43.19 -0.09
N ASP D 49 18.76 -43.16 -1.38
CA ASP D 49 19.90 -42.36 -1.84
C ASP D 49 19.58 -40.87 -1.64
N LYS D 50 18.32 -40.51 -1.78
CA LYS D 50 17.90 -39.16 -1.44
C LYS D 50 18.08 -38.87 0.05
N ALA D 51 17.62 -39.79 0.89
CA ALA D 51 17.85 -39.66 2.33
C ALA D 51 19.32 -39.55 2.69
N HIS D 52 20.20 -40.29 2.02
CA HIS D 52 21.64 -40.19 2.31
C HIS D 52 22.20 -38.85 1.90
N SER D 53 21.77 -38.39 0.73
CA SER D 53 22.24 -37.10 0.21
C SER D 53 21.87 -35.95 1.14
N LEU D 54 20.59 -35.89 1.47
CA LEU D 54 20.07 -34.78 2.26
C LEU D 54 20.54 -34.86 3.69
N ALA D 55 20.77 -36.07 4.21
CA ALA D 55 21.33 -36.20 5.56
C ALA D 55 22.70 -35.54 5.62
N SER D 56 23.46 -35.69 4.55
CA SER D 56 24.78 -35.09 4.46
C SER D 56 24.72 -33.56 4.41
N SER D 57 23.99 -33.01 3.46
CA SER D 57 23.85 -31.56 3.33
C SER D 57 23.10 -30.88 4.49
N PHE D 58 22.08 -31.55 5.05
CA PHE D 58 21.32 -31.01 6.20
C PHE D 58 22.11 -31.12 7.53
N GLY D 59 23.11 -32.00 7.54
CA GLY D 59 23.97 -32.22 8.71
C GLY D 59 23.44 -33.25 9.70
N PHE D 60 22.65 -34.20 9.24
CA PHE D 60 22.15 -35.25 10.10
C PHE D 60 23.16 -36.39 10.11
N ALA D 61 23.32 -37.02 11.28
CA ALA D 61 24.27 -38.13 11.44
C ALA D 61 23.97 -39.28 10.51
N ARG D 62 22.69 -39.57 10.23
CA ARG D 62 22.36 -40.48 9.12
C ARG D 62 21.04 -40.24 8.45
N GLY D 63 20.94 -40.79 7.25
CA GLY D 63 19.71 -40.83 6.50
C GLY D 63 19.26 -42.27 6.27
N THR D 64 17.96 -42.47 6.30
CA THR D 64 17.39 -43.78 6.11
C THR D 64 16.08 -43.64 5.36
N ALA D 65 15.74 -44.69 4.62
CA ALA D 65 14.45 -44.81 3.95
C ALA D 65 13.34 -45.41 4.84
N ASP D 66 13.67 -45.71 6.09
CA ASP D 66 12.78 -46.38 7.01
C ASP D 66 12.46 -45.42 8.17
N TRP D 67 11.27 -44.82 8.12
CA TRP D 67 10.89 -43.87 9.15
C TRP D 67 10.88 -44.44 10.57
N ARG D 68 10.56 -45.72 10.72
CA ARG D 68 10.62 -46.33 12.06
C ARG D 68 12.02 -46.29 12.63
N GLU D 69 13.02 -46.33 11.76
CA GLU D 69 14.41 -46.18 12.17
C GLU D 69 14.68 -44.83 12.84
N ALA D 70 14.10 -43.75 12.31
CA ALA D 70 14.22 -42.42 12.94
C ALA D 70 13.58 -42.32 14.32
N VAL D 71 12.37 -42.87 14.47
CA VAL D 71 11.61 -42.71 15.72
C VAL D 71 12.17 -43.55 16.88
N SER D 72 12.86 -44.66 16.56
CA SER D 72 13.36 -45.59 17.58
C SER D 72 14.82 -45.33 18.03
N ASP D 73 15.49 -44.33 17.45
CA ASP D 73 16.89 -44.00 17.75
C ASP D 73 17.01 -43.50 19.21
N PRO D 74 17.82 -44.20 20.05
CA PRO D 74 17.99 -43.78 21.46
C PRO D 74 18.54 -42.38 21.64
N ALA D 75 19.33 -41.91 20.67
CA ALA D 75 19.87 -40.54 20.72
C ALA D 75 18.80 -39.46 20.42
N VAL D 76 17.65 -39.87 19.89
CA VAL D 76 16.55 -38.94 19.59
C VAL D 76 15.69 -38.67 20.82
N ASP D 77 15.45 -37.39 21.07
CA ASP D 77 14.47 -36.94 22.06
C ASP D 77 13.16 -36.43 21.47
N VAL D 78 13.21 -35.90 20.26
CA VAL D 78 12.08 -35.26 19.60
C VAL D 78 12.07 -35.62 18.10
N VAL D 79 10.87 -35.85 17.57
CA VAL D 79 10.64 -36.24 16.17
C VAL D 79 9.80 -35.16 15.46
N SER D 80 10.38 -34.57 14.42
CA SER D 80 9.65 -33.73 13.49
C SER D 80 9.01 -34.61 12.44
N ILE D 81 7.69 -34.53 12.28
CA ILE D 81 6.95 -35.33 11.30
C ILE D 81 6.38 -34.37 10.24
N THR D 82 6.88 -34.47 9.02
CA THR D 82 6.56 -33.53 7.95
C THR D 82 6.12 -34.29 6.70
N THR D 83 5.49 -35.44 6.91
CA THR D 83 5.02 -36.29 5.83
C THR D 83 3.61 -35.88 5.43
N PRO D 84 3.08 -36.48 4.35
CA PRO D 84 1.67 -36.28 4.01
C PRO D 84 0.72 -36.69 5.13
N ASN D 85 -0.44 -36.04 5.14
CA ASN D 85 -1.39 -36.12 6.24
C ASN D 85 -1.82 -37.55 6.56
N GLY D 86 -1.92 -38.39 5.52
CA GLY D 86 -2.33 -39.79 5.67
C GLY D 86 -1.39 -40.65 6.50
N LEU D 87 -0.17 -40.18 6.71
CA LEU D 87 0.83 -40.87 7.52
C LEU D 87 1.00 -40.30 8.94
N HIS D 88 0.38 -39.17 9.23
CA HIS D 88 0.60 -38.47 10.50
C HIS D 88 0.24 -39.32 11.73
N ARG D 89 -0.94 -39.91 11.71
CA ARG D 89 -1.41 -40.70 12.85
C ARG D 89 -0.45 -41.83 13.25
N GLU D 90 -0.18 -42.72 12.29
CA GLU D 90 0.76 -43.83 12.48
C GLU D 90 2.13 -43.36 13.01
N MET D 91 2.69 -42.32 12.39
CA MET D 91 4.03 -41.86 12.77
C MET D 91 4.05 -41.20 14.14
N ALA D 92 3.05 -40.38 14.43
CA ALA D 92 2.99 -39.67 15.70
C ALA D 92 2.75 -40.65 16.85
N GLU D 93 1.80 -41.56 16.68
CA GLU D 93 1.51 -42.54 17.73
C GLU D 93 2.75 -43.40 18.02
N ALA D 94 3.46 -43.84 16.99
CA ALA D 94 4.71 -44.58 17.17
C ALA D 94 5.80 -43.74 17.89
N ALA D 95 5.99 -42.49 17.50
CA ALA D 95 6.93 -41.59 18.18
C ALA D 95 6.61 -41.43 19.67
N LEU D 96 5.33 -41.20 19.96
CA LEU D 96 4.88 -41.01 21.32
C LEU D 96 5.03 -42.29 22.14
N ALA D 97 4.67 -43.43 21.56
CA ALA D 97 4.85 -44.74 22.23
C ALA D 97 6.32 -44.98 22.54
N ALA D 98 7.20 -44.55 21.63
CA ALA D 98 8.64 -44.69 21.74
C ALA D 98 9.27 -43.79 22.80
N GLY D 99 8.48 -42.91 23.40
CA GLY D 99 8.91 -41.99 24.44
C GLY D 99 9.49 -40.68 23.89
N LYS D 100 9.09 -40.29 22.68
CA LYS D 100 9.65 -39.09 22.04
C LYS D 100 8.60 -37.98 22.08
N HIS D 101 9.09 -36.77 22.29
CA HIS D 101 8.31 -35.54 22.02
C HIS D 101 8.06 -35.44 20.53
N VAL D 102 6.97 -34.78 20.13
CA VAL D 102 6.57 -34.77 18.71
C VAL D 102 6.22 -33.37 18.24
N TRP D 103 6.89 -32.97 17.16
CA TRP D 103 6.54 -31.78 16.39
C TRP D 103 5.86 -32.23 15.12
N LEU D 104 4.52 -32.17 15.12
CA LEU D 104 3.71 -32.69 14.03
C LEU D 104 3.20 -31.60 13.12
N GLU D 105 3.37 -31.77 11.83
CA GLU D 105 2.76 -30.86 10.88
C GLU D 105 1.23 -30.97 10.87
N LYS D 106 0.62 -29.84 10.59
CA LYS D 106 -0.81 -29.71 10.41
C LYS D 106 -1.24 -30.30 9.05
N PRO D 107 -2.52 -30.68 8.90
CA PRO D 107 -3.45 -30.86 10.03
C PRO D 107 -3.05 -32.13 10.75
N MET D 108 -3.65 -32.42 11.91
CA MET D 108 -3.27 -33.60 12.70
C MET D 108 -3.26 -34.87 11.87
N ALA D 109 -4.40 -35.19 11.25
CA ALA D 109 -4.58 -36.44 10.48
C ALA D 109 -5.74 -36.27 9.50
N LEU D 110 -6.37 -37.36 9.08
CA LEU D 110 -7.45 -37.29 8.08
C LEU D 110 -8.84 -37.03 8.67
N SER D 111 -9.08 -37.47 9.89
CA SER D 111 -10.42 -37.43 10.46
C SER D 111 -10.34 -36.99 11.91
N VAL D 112 -11.51 -36.67 12.46
CA VAL D 112 -11.66 -36.35 13.86
C VAL D 112 -11.33 -37.59 14.70
N GLU D 113 -11.75 -38.76 14.26
CA GLU D 113 -11.44 -40.02 14.94
C GLU D 113 -9.94 -40.26 15.06
N ASP D 114 -9.22 -40.03 13.98
CA ASP D 114 -7.75 -40.11 14.01
C ASP D 114 -7.18 -39.21 15.10
N ALA D 115 -7.62 -37.96 15.09
CA ALA D 115 -7.11 -36.95 16.01
C ALA D 115 -7.46 -37.25 17.47
N GLN D 116 -8.64 -37.84 17.67
CA GLN D 116 -9.06 -38.34 18.97
C GLN D 116 -8.10 -39.43 19.51
N ALA D 117 -7.81 -40.43 18.68
CA ALA D 117 -6.84 -41.47 19.01
C ALA D 117 -5.46 -40.87 19.32
N MET D 118 -5.02 -39.90 18.49
CA MET D 118 -3.75 -39.20 18.70
C MET D 118 -3.73 -38.39 19.99
N GLU D 119 -4.82 -37.68 20.29
CA GLU D 119 -4.93 -36.90 21.53
C GLU D 119 -4.81 -37.77 22.80
N ALA D 120 -5.52 -38.90 22.79
CA ALA D 120 -5.43 -39.92 23.86
C ALA D 120 -4.02 -40.49 24.01
N ALA D 121 -3.35 -40.76 22.89
CA ALA D 121 -1.96 -41.27 22.89
C ALA D 121 -1.01 -40.27 23.53
N ALA D 122 -1.17 -38.99 23.19
CA ALA D 122 -0.31 -37.91 23.73
C ALA D 122 -0.42 -37.76 25.23
N ARG D 123 -1.64 -37.83 25.75
CA ARG D 123 -1.88 -37.80 27.19
C ARG D 123 -1.23 -39.03 27.87
N ALA D 124 -1.52 -40.23 27.37
CA ALA D 124 -0.90 -41.48 27.90
C ALA D 124 0.65 -41.48 27.92
N SER D 125 1.27 -40.82 26.95
CA SER D 125 2.72 -40.84 26.76
C SER D 125 3.52 -39.93 27.69
N ASP D 126 2.86 -38.91 28.24
CA ASP D 126 3.53 -37.90 29.08
C ASP D 126 4.70 -37.20 28.36
N ARG D 127 4.56 -37.02 27.04
CA ARG D 127 5.56 -36.31 26.25
C ARG D 127 4.89 -35.06 25.67
N ARG D 128 5.67 -34.03 25.42
CA ARG D 128 5.19 -32.78 24.83
C ARG D 128 4.89 -32.98 23.37
N THR D 129 3.86 -32.28 22.91
CA THR D 129 3.47 -32.25 21.50
C THR D 129 3.25 -30.79 21.12
N ILE D 130 3.46 -30.52 19.85
CA ILE D 130 3.12 -29.23 19.28
C ILE D 130 2.77 -29.50 17.83
N ILE D 131 1.80 -28.76 17.30
CA ILE D 131 1.43 -28.90 15.90
C ILE D 131 1.93 -27.66 15.15
N GLY D 132 2.37 -27.85 13.91
CA GLY D 132 3.10 -26.82 13.16
C GLY D 132 2.33 -25.65 12.59
N TYR D 133 1.59 -24.98 13.46
CA TYR D 133 0.79 -23.82 13.11
C TYR D 133 1.66 -22.56 13.19
N ASN D 134 2.55 -22.45 12.20
CA ASN D 134 3.64 -21.50 12.23
C ASN D 134 3.25 -20.06 12.01
N TYR D 135 2.03 -19.83 11.50
CA TYR D 135 1.53 -18.48 11.36
C TYR D 135 1.15 -17.84 12.71
N THR D 136 1.11 -18.65 13.78
CA THR D 136 0.96 -18.12 15.14
C THR D 136 2.29 -17.64 15.76
N ARG D 137 3.38 -17.73 15.01
CA ARG D 137 4.69 -17.49 15.59
C ARG D 137 5.33 -16.20 15.15
N SER D 138 4.74 -15.47 14.19
CA SER D 138 5.37 -14.25 13.73
C SER D 138 5.41 -13.25 14.86
N PRO D 139 6.41 -12.37 14.84
CA PRO D 139 6.39 -11.30 15.82
C PRO D 139 5.14 -10.43 15.74
N ALA D 140 4.62 -10.23 14.52
CA ALA D 140 3.45 -9.40 14.31
C ALA D 140 2.21 -10.05 14.93
N PHE D 141 2.00 -11.32 14.63
CA PHE D 141 0.92 -12.07 15.25
C PHE D 141 0.99 -12.08 16.79
N ARG D 142 2.15 -12.39 17.36
CA ARG D 142 2.27 -12.48 18.82
C ARG D 142 2.10 -11.11 19.47
N ALA D 143 2.53 -10.07 18.75
CA ALA D 143 2.32 -8.69 19.18
C ALA D 143 0.83 -8.32 19.22
N ALA D 144 0.11 -8.76 18.20
CA ALA D 144 -1.33 -8.59 18.15
C ALA D 144 -2.06 -9.22 19.33
N VAL D 145 -1.72 -10.47 19.63
CA VAL D 145 -2.32 -11.19 20.77
C VAL D 145 -2.10 -10.42 22.06
N ASP D 146 -0.90 -9.89 22.26
CA ASP D 146 -0.56 -9.16 23.46
C ASP D 146 -1.29 -7.80 23.52
N LEU D 147 -1.38 -7.12 22.39
CA LEU D 147 -2.14 -5.87 22.28
C LEU D 147 -3.59 -6.08 22.67
N ILE D 148 -4.20 -7.14 22.14
CA ILE D 148 -5.58 -7.47 22.51
C ILE D 148 -5.73 -7.75 24.00
N ALA D 149 -4.79 -8.51 24.58
CA ALA D 149 -4.83 -8.84 26.02
C ALA D 149 -4.65 -7.61 26.89
N GLU D 150 -3.88 -6.63 26.40
CA GLU D 150 -3.69 -5.36 27.08
C GLU D 150 -4.86 -4.38 26.95
N GLY D 151 -5.85 -4.71 26.12
CA GLY D 151 -7.01 -3.86 25.88
C GLY D 151 -6.79 -2.82 24.80
N ALA D 152 -5.76 -2.99 23.99
CA ALA D 152 -5.45 -1.98 22.96
C ALA D 152 -6.56 -1.72 21.94
N ILE D 153 -7.38 -2.73 21.66
CA ILE D 153 -8.54 -2.52 20.76
C ILE D 153 -9.87 -2.76 21.44
N GLY D 154 -9.87 -2.78 22.78
CA GLY D 154 -11.07 -3.05 23.52
C GLY D 154 -11.56 -4.47 23.32
N ARG D 155 -12.88 -4.63 23.34
CA ARG D 155 -13.48 -5.93 23.26
C ARG D 155 -13.62 -6.35 21.79
N PRO D 156 -13.07 -7.51 21.40
CA PRO D 156 -13.32 -7.97 20.04
C PRO D 156 -14.82 -8.16 19.75
N ILE D 157 -15.32 -7.48 18.71
CA ILE D 157 -16.72 -7.57 18.27
C ILE D 157 -16.91 -8.23 16.90
N HIS D 158 -15.85 -8.38 16.13
CA HIS D 158 -15.95 -9.11 14.87
C HIS D 158 -14.57 -9.55 14.39
N PHE D 159 -14.54 -10.76 13.85
CA PHE D 159 -13.36 -11.31 13.20
C PHE D 159 -13.68 -11.55 11.73
N ARG D 160 -12.76 -11.16 10.87
CA ARG D 160 -12.85 -11.54 9.46
C ARG D 160 -11.49 -12.07 9.06
N GLY D 161 -11.49 -13.32 8.61
CA GLY D 161 -10.27 -13.98 8.16
C GLY D 161 -10.45 -14.72 6.84
N MET D 162 -9.33 -14.83 6.13
CA MET D 162 -9.26 -15.52 4.85
C MET D 162 -7.90 -16.15 4.69
N TYR D 163 -7.82 -17.18 3.85
CA TYR D 163 -6.54 -17.77 3.49
C TYR D 163 -6.61 -18.22 2.03
N ASP D 164 -6.14 -17.32 1.17
CA ASP D 164 -6.17 -17.51 -0.27
C ASP D 164 -4.79 -17.86 -0.78
N GLU D 165 -4.74 -18.92 -1.58
CA GLU D 165 -3.59 -19.29 -2.37
C GLU D 165 -4.14 -19.82 -3.68
N ASP D 166 -3.26 -20.05 -4.65
CA ASP D 166 -3.73 -20.47 -5.96
C ASP D 166 -2.98 -21.66 -6.52
N TYR D 167 -2.32 -22.43 -5.65
CA TYR D 167 -1.47 -23.52 -6.12
C TYR D 167 -2.21 -24.56 -6.92
N MET D 168 -3.52 -24.69 -6.73
CA MET D 168 -4.29 -25.64 -7.53
C MET D 168 -4.91 -25.05 -8.79
N ALA D 169 -4.88 -23.73 -8.93
CA ALA D 169 -5.44 -23.07 -10.10
C ALA D 169 -4.60 -23.35 -11.35
N ASP D 170 -3.49 -24.05 -11.16
CA ASP D 170 -2.60 -24.39 -12.27
C ASP D 170 -1.84 -25.68 -11.99
N TRP D 175 0.55 -32.82 -9.90
CA TRP D 175 -0.35 -33.53 -8.99
C TRP D 175 0.22 -33.46 -7.58
N SER D 176 -0.67 -33.31 -6.60
CA SER D 176 -0.28 -33.36 -5.18
C SER D 176 -1.11 -34.37 -4.42
N TRP D 177 -0.45 -35.10 -3.51
CA TRP D 177 -1.16 -35.89 -2.49
C TRP D 177 -2.24 -35.09 -1.71
N ARG D 178 -2.12 -33.75 -1.68
CA ARG D 178 -3.18 -32.90 -1.10
C ARG D 178 -4.58 -33.08 -1.70
N LEU D 179 -4.66 -33.61 -2.92
CA LEU D 179 -5.92 -33.77 -3.66
C LEU D 179 -6.67 -35.05 -3.39
N THR D 180 -6.09 -35.93 -2.57
CA THR D 180 -6.72 -37.21 -2.26
C THR D 180 -7.20 -37.22 -0.81
N ARG D 181 -8.26 -37.98 -0.59
CA ARG D 181 -8.76 -38.23 0.75
C ARG D 181 -7.88 -39.19 1.58
N LYS D 182 -7.23 -40.15 0.94
CA LYS D 182 -6.34 -41.08 1.68
C LYS D 182 -5.02 -40.39 2.13
N ASP D 183 -4.56 -39.37 1.41
CA ASP D 183 -3.28 -38.71 1.75
C ASP D 183 -3.45 -37.31 2.31
N GLY D 184 -4.38 -36.55 1.73
CA GLY D 184 -4.66 -35.16 2.13
C GLY D 184 -5.79 -35.08 3.14
N GLY D 185 -6.90 -35.75 2.84
CA GLY D 185 -8.10 -35.73 3.66
C GLY D 185 -9.05 -34.68 3.11
N LEU D 186 -9.30 -33.65 3.91
CA LEU D 186 -9.95 -32.43 3.44
C LEU D 186 -9.04 -31.72 2.42
N GLY D 187 -9.65 -30.90 1.59
CA GLY D 187 -8.95 -30.09 0.61
C GLY D 187 -8.49 -28.79 1.22
N ALA D 188 -8.96 -27.66 0.68
CA ALA D 188 -8.63 -26.34 1.19
C ALA D 188 -8.82 -26.17 2.72
N LEU D 189 -9.91 -26.72 3.26
CA LEU D 189 -10.13 -26.71 4.74
C LEU D 189 -9.02 -27.36 5.54
N GLY D 190 -8.52 -28.49 5.03
CA GLY D 190 -7.47 -29.27 5.70
C GLY D 190 -6.07 -28.72 5.53
N ASP D 191 -5.80 -28.16 4.36
CA ASP D 191 -4.48 -27.65 4.05
C ASP D 191 -4.24 -26.20 4.49
N LEU D 192 -5.28 -25.37 4.39
CA LEU D 192 -5.19 -23.94 4.68
C LEU D 192 -6.13 -23.52 5.81
N GLY D 193 -7.37 -24.01 5.76
CA GLY D 193 -8.39 -23.73 6.77
C GLY D 193 -7.90 -23.89 8.19
N CYS D 194 -7.27 -25.03 8.47
CA CYS D 194 -6.73 -25.29 9.80
C CYS D 194 -5.81 -24.16 10.29
N HIS D 195 -4.96 -23.65 9.41
CA HIS D 195 -4.09 -22.53 9.76
C HIS D 195 -4.89 -21.30 10.21
N LEU D 196 -5.92 -20.97 9.45
CA LEU D 196 -6.75 -19.82 9.75
C LEU D 196 -7.48 -20.05 11.06
N VAL D 197 -7.93 -21.29 11.30
CA VAL D 197 -8.52 -21.63 12.59
C VAL D 197 -7.51 -21.39 13.73
N SER D 198 -6.27 -21.84 13.58
CA SER D 198 -5.26 -21.72 14.64
C SER D 198 -5.06 -20.25 15.07
N VAL D 199 -5.04 -19.37 14.07
CA VAL D 199 -4.94 -17.93 14.26
C VAL D 199 -6.22 -17.36 14.88
N MET D 200 -7.36 -17.72 14.28
CA MET D 200 -8.67 -17.22 14.68
C MET D 200 -8.96 -17.52 16.14
N VAL D 201 -8.81 -18.76 16.55
CA VAL D 201 -9.09 -19.10 17.97
C VAL D 201 -8.11 -18.45 18.94
N SER D 202 -6.87 -18.20 18.49
CA SER D 202 -5.88 -17.57 19.33
C SER D 202 -6.22 -16.10 19.58
N LEU D 203 -6.89 -15.48 18.61
CA LEU D 203 -7.37 -14.11 18.72
C LEU D 203 -8.72 -13.97 19.45
N MET D 204 -9.66 -14.86 19.11
CA MET D 204 -11.09 -14.74 19.48
C MET D 204 -11.60 -15.70 20.55
N GLY D 205 -10.82 -16.73 20.89
CA GLY D 205 -11.27 -17.78 21.78
C GLY D 205 -12.00 -18.88 21.02
N PRO D 206 -12.53 -19.89 21.74
CA PRO D 206 -13.10 -21.05 21.06
C PRO D 206 -14.34 -20.74 20.21
N VAL D 207 -14.52 -21.54 19.16
CA VAL D 207 -15.69 -21.49 18.28
C VAL D 207 -16.88 -22.25 18.86
N ALA D 208 -18.05 -21.61 18.87
CA ALA D 208 -19.29 -22.26 19.31
C ALA D 208 -20.13 -22.83 18.17
N ARG D 209 -20.18 -22.12 17.04
CA ARG D 209 -21.06 -22.49 15.92
C ARG D 209 -20.45 -22.09 14.59
N VAL D 210 -20.64 -22.94 13.59
CA VAL D 210 -20.32 -22.65 12.21
C VAL D 210 -21.48 -22.97 11.27
N TYR D 211 -21.64 -22.14 10.24
CA TYR D 211 -22.48 -22.45 9.11
C TYR D 211 -21.53 -22.29 7.94
N ALA D 212 -21.40 -23.31 7.09
CA ALA D 212 -20.39 -23.28 6.03
C ALA D 212 -20.92 -23.71 4.68
N GLN D 213 -20.13 -23.39 3.66
CA GLN D 213 -20.38 -23.78 2.28
C GLN D 213 -19.03 -24.01 1.59
N ALA D 214 -19.01 -24.80 0.51
CA ALA D 214 -17.78 -25.18 -0.14
C ALA D 214 -18.00 -25.46 -1.60
N ASP D 215 -16.91 -25.48 -2.37
CA ASP D 215 -16.97 -25.73 -3.81
C ASP D 215 -15.72 -26.43 -4.29
N THR D 216 -15.86 -27.23 -5.35
CA THR D 216 -14.71 -27.73 -6.11
C THR D 216 -14.82 -27.05 -7.47
N VAL D 217 -13.81 -26.29 -7.85
CA VAL D 217 -13.84 -25.56 -9.13
C VAL D 217 -13.08 -26.28 -10.24
N ILE D 218 -12.01 -27.01 -9.86
CA ILE D 218 -11.18 -27.78 -10.79
C ILE D 218 -11.36 -29.23 -10.39
N THR D 219 -12.04 -29.99 -11.25
CA THR D 219 -12.49 -31.35 -10.88
C THR D 219 -11.46 -32.41 -11.16
N ASP D 220 -10.51 -32.10 -12.00
CA ASP D 220 -9.61 -33.12 -12.49
C ASP D 220 -8.36 -32.36 -12.89
N ARG D 221 -7.20 -32.95 -12.61
CA ARG D 221 -5.92 -32.33 -13.02
C ARG D 221 -5.71 -32.55 -14.53
N PRO D 222 -5.89 -31.47 -15.34
CA PRO D 222 -5.98 -31.63 -16.82
C PRO D 222 -4.74 -32.13 -17.55
N HIS D 223 -3.56 -32.00 -16.93
CA HIS D 223 -2.30 -32.48 -17.53
C HIS D 223 -1.81 -33.85 -17.03
N GLN D 224 -2.61 -34.53 -16.21
CA GLN D 224 -2.25 -35.87 -15.71
C GLN D 224 -2.30 -37.05 -16.68
N GLY D 225 -2.90 -36.85 -17.85
CA GLY D 225 -3.02 -37.94 -18.82
C GLY D 225 -4.18 -38.85 -18.43
N GLY D 226 -3.95 -39.65 -17.38
CA GLY D 226 -4.98 -40.55 -16.86
C GLY D 226 -5.98 -39.84 -15.97
N THR D 227 -7.03 -40.56 -15.57
CA THR D 227 -8.06 -40.00 -14.69
C THR D 227 -7.36 -39.52 -13.41
N ALA D 228 -7.67 -38.28 -13.02
CA ALA D 228 -6.95 -37.59 -11.94
C ALA D 228 -7.97 -36.71 -11.22
N ARG D 229 -8.93 -37.38 -10.59
CA ARG D 229 -10.08 -36.76 -9.95
C ARG D 229 -9.66 -36.06 -8.67
N VAL D 230 -9.99 -34.77 -8.57
CA VAL D 230 -9.70 -34.01 -7.34
C VAL D 230 -10.77 -34.42 -6.34
N GLU D 231 -10.34 -35.01 -5.22
CA GLU D 231 -11.25 -35.69 -4.32
C GLU D 231 -11.80 -34.83 -3.18
N ASN D 232 -11.40 -33.56 -3.10
CA ASN D 232 -11.79 -32.71 -1.97
C ASN D 232 -11.94 -31.24 -2.43
N GLU D 233 -12.41 -30.39 -1.52
CA GLU D 233 -12.84 -29.04 -1.88
C GLU D 233 -11.71 -28.08 -2.21
N ASP D 234 -11.97 -27.15 -3.13
CA ASP D 234 -11.01 -26.10 -3.49
C ASP D 234 -11.16 -24.78 -2.70
N GLN D 235 -12.34 -24.55 -2.14
CA GLN D 235 -12.60 -23.36 -1.34
C GLN D 235 -13.77 -23.60 -0.42
N ALA D 236 -13.80 -22.88 0.70
CA ALA D 236 -14.93 -22.92 1.61
C ALA D 236 -15.01 -21.64 2.41
N GLN D 237 -16.22 -21.31 2.84
CA GLN D 237 -16.48 -20.11 3.62
C GLN D 237 -17.38 -20.47 4.76
N ALA D 238 -17.27 -19.76 5.88
CA ALA D 238 -18.14 -20.00 7.01
C ALA D 238 -18.45 -18.73 7.78
N LEU D 239 -19.63 -18.70 8.38
CA LEU D 239 -19.91 -17.73 9.43
C LEU D 239 -19.73 -18.42 10.76
N ILE D 240 -19.16 -17.67 11.69
CA ILE D 240 -18.79 -18.16 13.01
C ILE D 240 -19.57 -17.45 14.11
N ARG D 241 -19.91 -18.17 15.17
CA ARG D 241 -20.17 -17.59 16.48
C ARG D 241 -19.18 -18.17 17.44
N PHE D 242 -18.46 -17.30 18.13
CA PHE D 242 -17.50 -17.72 19.14
C PHE D 242 -18.22 -17.97 20.45
N ALA D 243 -17.56 -18.67 21.37
CA ALA D 243 -18.14 -18.99 22.70
C ALA D 243 -18.42 -17.73 23.50
N SER D 244 -17.66 -16.66 23.24
CA SER D 244 -17.97 -15.31 23.71
C SER D 244 -19.33 -14.73 23.25
N GLY D 245 -19.89 -15.27 22.17
CA GLY D 245 -21.04 -14.66 21.48
C GLY D 245 -20.70 -13.78 20.28
N THR D 246 -19.43 -13.45 20.12
CA THR D 246 -18.95 -12.59 19.03
C THR D 246 -19.05 -13.31 17.65
N SER D 247 -19.11 -12.52 16.59
CA SER D 247 -19.28 -13.01 15.23
C SER D 247 -17.94 -13.14 14.52
N GLY D 248 -17.93 -13.98 13.49
CA GLY D 248 -16.80 -14.11 12.61
C GLY D 248 -17.15 -14.48 11.19
N GLU D 249 -16.24 -14.14 10.29
CA GLU D 249 -16.23 -14.57 8.89
C GLU D 249 -14.92 -15.31 8.64
N PHE D 250 -15.01 -16.33 7.81
CA PHE D 250 -13.93 -17.28 7.61
C PHE D 250 -14.02 -17.77 6.19
N SER D 251 -12.90 -17.80 5.48
CA SER D 251 -12.81 -18.47 4.19
C SER D 251 -11.43 -19.05 3.99
N CYS D 252 -11.33 -19.99 3.04
CA CYS D 252 -10.07 -20.46 2.53
C CYS D 252 -10.23 -20.89 1.08
N SER D 253 -9.13 -20.87 0.36
CA SER D 253 -9.11 -21.27 -1.07
C SER D 253 -7.71 -21.59 -1.52
N ARG D 254 -7.62 -22.65 -2.33
CA ARG D 254 -6.42 -23.01 -3.05
C ARG D 254 -6.53 -22.72 -4.57
N VAL D 255 -7.57 -21.99 -4.95
CA VAL D 255 -7.79 -21.58 -6.35
C VAL D 255 -8.00 -20.06 -6.55
N ALA D 256 -7.61 -19.24 -5.59
CA ALA D 256 -7.86 -17.80 -5.67
C ALA D 256 -6.68 -17.13 -6.36
N ARG D 257 -6.85 -16.85 -7.65
CA ARG D 257 -5.74 -16.54 -8.54
C ARG D 257 -5.10 -15.23 -8.23
N GLY D 258 -3.77 -15.24 -8.18
CA GLY D 258 -2.95 -14.08 -7.80
C GLY D 258 -2.42 -14.12 -6.37
N TYR D 259 -3.07 -14.89 -5.49
CA TYR D 259 -2.67 -15.00 -4.10
C TYR D 259 -1.78 -16.24 -3.89
N ARG D 260 -0.76 -16.06 -3.07
CA ARG D 260 0.24 -17.10 -2.85
C ARG D 260 0.32 -17.55 -1.40
N CYS D 261 0.14 -16.64 -0.45
CA CYS D 261 0.12 -17.00 0.97
C CYS D 261 -0.69 -15.96 1.73
N ARG D 262 -1.88 -15.68 1.20
CA ARG D 262 -2.67 -14.56 1.69
C ARG D 262 -3.56 -15.04 2.86
N LEU D 263 -2.90 -15.36 3.96
CA LEU D 263 -3.55 -15.58 5.22
C LEU D 263 -3.68 -14.19 5.81
N ALA D 264 -4.91 -13.66 5.78
CA ALA D 264 -5.18 -12.28 6.19
C ALA D 264 -6.35 -12.25 7.13
N TRP D 265 -6.25 -11.43 8.16
CA TRP D 265 -7.25 -11.43 9.20
C TRP D 265 -7.35 -10.06 9.78
N GLU D 266 -8.50 -9.78 10.38
CA GLU D 266 -8.61 -8.61 11.23
C GLU D 266 -9.54 -8.86 12.38
N VAL D 267 -9.25 -8.14 13.46
CA VAL D 267 -10.09 -8.14 14.65
C VAL D 267 -10.58 -6.73 14.80
N GLN D 268 -11.89 -6.56 14.66
CA GLN D 268 -12.57 -5.31 14.93
C GLN D 268 -13.02 -5.30 16.37
N GLY D 269 -12.45 -4.36 17.13
CA GLY D 269 -12.77 -4.20 18.54
C GLY D 269 -13.63 -2.99 18.81
N THR D 270 -14.15 -2.90 20.03
CA THR D 270 -14.94 -1.72 20.44
C THR D 270 -14.06 -0.48 20.57
N GLU D 271 -12.77 -0.68 20.78
CA GLU D 271 -11.83 0.47 20.94
C GLU D 271 -10.73 0.57 19.88
N GLY D 272 -10.77 -0.28 18.87
CA GLY D 272 -9.73 -0.28 17.85
C GLY D 272 -9.91 -1.41 16.87
N THR D 273 -9.00 -1.48 15.90
CA THR D 273 -8.96 -2.58 14.94
C THR D 273 -7.51 -3.02 14.73
N LEU D 274 -7.30 -4.32 14.58
CA LEU D 274 -6.01 -4.87 14.18
C LEU D 274 -6.20 -5.60 12.87
N ARG D 275 -5.26 -5.42 11.94
CA ARG D 275 -5.31 -6.08 10.65
C ARG D 275 -3.93 -6.54 10.19
N PHE D 276 -3.90 -7.67 9.48
CA PHE D 276 -2.68 -8.38 9.09
C PHE D 276 -2.90 -9.18 7.81
N ASP D 277 -1.86 -9.24 7.00
CA ASP D 277 -1.83 -10.01 5.78
C ASP D 277 -0.44 -10.67 5.73
N GLN D 278 -0.43 -11.99 5.79
CA GLN D 278 0.80 -12.81 5.78
C GLN D 278 1.70 -12.58 4.55
N GLU D 279 1.12 -12.12 3.44
CA GLU D 279 1.96 -11.74 2.32
C GLU D 279 2.88 -10.55 2.63
N ARG D 280 2.55 -9.74 3.63
CA ARG D 280 3.45 -8.72 4.18
C ARG D 280 3.54 -8.97 5.66
N MET D 281 4.20 -10.06 6.02
CA MET D 281 4.15 -10.57 7.39
C MET D 281 4.86 -9.70 8.42
N ASN D 282 5.61 -8.71 7.95
CA ASN D 282 6.23 -7.71 8.79
C ASN D 282 5.41 -6.45 9.11
N GLU D 283 4.13 -6.38 8.73
CA GLU D 283 3.30 -5.23 9.05
C GLU D 283 2.09 -5.61 9.86
N LEU D 284 1.85 -4.87 10.93
CA LEU D 284 0.63 -5.03 11.72
C LEU D 284 -0.06 -3.68 11.75
N TRP D 285 -1.30 -3.64 11.28
CA TRP D 285 -2.04 -2.38 11.21
C TRP D 285 -2.90 -2.24 12.44
N LEU D 286 -2.70 -1.15 13.18
CA LEU D 286 -3.46 -0.86 14.41
C LEU D 286 -4.18 0.48 14.32
N TYR D 287 -5.50 0.46 14.43
CA TYR D 287 -6.27 1.68 14.61
C TYR D 287 -6.70 1.80 16.07
N GLN D 288 -6.48 2.98 16.65
CA GLN D 288 -7.10 3.37 17.92
C GLN D 288 -7.56 4.80 17.76
N PRO D 289 -8.72 5.18 18.34
CA PRO D 289 -9.13 6.57 18.16
C PRO D 289 -8.02 7.55 18.56
N GLY D 290 -7.88 8.61 17.80
CA GLY D 290 -6.94 9.68 18.15
C GLY D 290 -7.55 11.01 17.82
N ARG D 291 -6.78 12.06 18.07
CA ARG D 291 -7.21 13.42 17.75
C ARG D 291 -7.59 13.50 16.25
N PRO D 292 -8.64 14.28 15.91
CA PRO D 292 -9.13 14.32 14.51
C PRO D 292 -8.06 14.58 13.45
N GLU D 293 -7.15 15.49 13.76
CA GLU D 293 -6.10 15.89 12.83
C GLU D 293 -5.07 14.80 12.49
N ILE D 294 -4.86 13.84 13.39
CA ILE D 294 -3.87 12.77 13.17
C ILE D 294 -4.49 11.36 13.07
N ASP D 295 -5.81 11.27 13.03
CA ASP D 295 -6.51 10.00 13.16
C ASP D 295 -6.25 9.05 11.98
N GLY D 296 -5.97 7.78 12.27
CA GLY D 296 -5.77 6.76 11.24
C GLY D 296 -5.04 5.53 11.73
N PHE D 297 -5.10 4.48 10.94
CA PHE D 297 -4.35 3.25 11.18
C PHE D 297 -2.85 3.53 11.22
N ARG D 298 -2.17 2.91 12.18
CA ARG D 298 -0.72 2.87 12.27
C ARG D 298 -0.20 1.61 11.58
N ARG D 299 0.82 1.76 10.75
CA ARG D 299 1.59 0.64 10.20
C ARG D 299 2.70 0.29 11.17
N ILE D 300 2.55 -0.78 11.94
CA ILE D 300 3.59 -1.21 12.89
C ILE D 300 4.51 -2.16 12.12
N LEU D 301 5.73 -1.71 11.88
CA LEU D 301 6.76 -2.52 11.24
C LEU D 301 7.48 -3.41 12.26
N THR D 302 7.56 -4.69 11.96
CA THR D 302 8.15 -5.68 12.85
C THR D 302 9.58 -5.31 13.25
N GLY D 303 9.83 -5.42 14.54
CA GLY D 303 11.07 -5.01 15.15
C GLY D 303 11.23 -5.64 16.53
N PRO D 304 12.31 -5.27 17.26
CA PRO D 304 12.64 -5.84 18.57
C PRO D 304 11.61 -5.61 19.67
N ALA D 305 10.68 -4.69 19.50
CA ALA D 305 9.62 -4.56 20.50
C ALA D 305 8.64 -5.72 20.41
N GLN D 306 8.70 -6.52 19.35
CA GLN D 306 7.72 -7.60 19.19
C GLN D 306 8.28 -8.94 19.63
N PRO D 307 7.43 -9.82 20.17
CA PRO D 307 7.92 -11.11 20.70
C PRO D 307 8.76 -11.89 19.71
N GLY D 308 9.91 -12.39 20.16
CA GLY D 308 10.78 -13.24 19.37
C GLY D 308 11.74 -12.53 18.44
N PHE D 309 11.44 -11.29 18.02
CA PHE D 309 12.25 -10.65 16.98
C PHE D 309 13.71 -10.45 17.38
N ALA D 310 13.93 -9.95 18.60
CA ALA D 310 15.27 -9.59 19.06
C ALA D 310 16.25 -10.75 19.14
N ALA D 311 15.78 -12.00 19.12
CA ALA D 311 16.67 -13.18 19.04
C ALA D 311 17.30 -13.32 17.65
N PHE D 312 16.69 -12.68 16.65
CA PHE D 312 17.12 -12.76 15.25
C PHE D 312 17.83 -11.52 14.76
N CYS D 313 17.51 -10.35 15.33
CA CYS D 313 18.04 -9.08 14.84
C CYS D 313 17.75 -7.99 15.85
N PRO D 314 18.76 -7.13 16.16
CA PRO D 314 18.54 -6.06 17.11
C PRO D 314 17.94 -4.79 16.49
N GLY D 315 17.88 -4.71 15.16
CA GLY D 315 17.34 -3.51 14.50
C GLY D 315 15.97 -3.77 13.86
N GLY D 316 15.01 -2.87 14.11
CA GLY D 316 13.68 -2.96 13.50
C GLY D 316 13.74 -2.87 11.97
N GLY D 317 12.75 -3.45 11.30
CA GLY D 317 12.57 -3.26 9.88
C GLY D 317 13.40 -4.13 8.94
N HIS D 318 14.28 -4.95 9.51
CA HIS D 318 14.98 -5.99 8.79
C HIS D 318 14.06 -7.18 8.84
N ASN D 319 13.42 -7.41 7.70
CA ASN D 319 12.23 -8.24 7.63
C ASN D 319 12.46 -9.68 8.12
N PHE D 320 11.62 -10.09 9.08
CA PHE D 320 11.54 -11.44 9.61
C PHE D 320 10.93 -12.32 8.55
N GLY D 321 11.43 -13.54 8.39
CA GLY D 321 11.01 -14.40 7.28
C GLY D 321 10.10 -15.54 7.73
N PHE D 322 9.39 -16.11 6.76
CA PHE D 322 8.58 -17.30 6.98
C PHE D 322 9.36 -18.38 7.74
N ASN D 323 10.54 -18.74 7.26
CA ASN D 323 11.31 -19.83 7.90
C ASN D 323 11.65 -19.56 9.34
N GLU D 324 11.83 -18.29 9.69
CA GLU D 324 12.13 -17.91 11.06
C GLU D 324 10.98 -18.11 12.04
N GLN D 325 9.73 -18.14 11.52
CA GLN D 325 8.58 -18.57 12.31
C GLN D 325 8.85 -19.97 12.89
N LYS D 326 9.42 -20.84 12.07
CA LYS D 326 9.71 -22.22 12.46
C LYS D 326 10.80 -22.32 13.52
N VAL D 327 11.77 -21.41 13.48
CA VAL D 327 12.78 -21.33 14.54
C VAL D 327 12.12 -20.93 15.87
N VAL D 328 11.20 -19.98 15.83
CA VAL D 328 10.40 -19.63 17.02
C VAL D 328 9.59 -20.86 17.54
N GLU D 329 8.93 -21.59 16.63
CA GLU D 329 8.15 -22.78 16.98
C GLU D 329 9.01 -23.84 17.69
N ALA D 330 10.17 -24.13 17.09
CA ALA D 330 11.16 -25.03 17.67
C ALA D 330 11.53 -24.62 19.09
N GLU D 331 11.80 -23.32 19.26
CA GLU D 331 12.13 -22.79 20.58
C GLU D 331 11.01 -22.95 21.61
N MET D 332 9.78 -22.72 21.18
CA MET D 332 8.64 -22.99 22.06
C MET D 332 8.58 -24.46 22.46
N LEU D 333 8.85 -25.38 21.53
CA LEU D 333 8.87 -26.80 21.85
C LEU D 333 9.98 -27.11 22.86
N ARG D 334 11.15 -26.56 22.59
CA ARG D 334 12.33 -26.70 23.43
C ARG D 334 12.07 -26.24 24.88
N GLN D 335 11.45 -25.08 25.03
CA GLN D 335 11.08 -24.59 26.35
C GLN D 335 10.00 -25.42 27.03
N ALA D 336 9.04 -25.95 26.26
CA ALA D 336 8.02 -26.85 26.80
C ALA D 336 8.65 -28.13 27.30
N ILE D 337 9.54 -28.73 26.50
CA ILE D 337 10.29 -29.94 26.89
C ILE D 337 11.06 -29.76 28.21
N ALA D 338 11.61 -28.57 28.41
CA ALA D 338 12.37 -28.24 29.60
C ALA D 338 11.47 -27.81 30.77
N GLY D 339 10.15 -27.86 30.59
CA GLY D 339 9.20 -27.51 31.64
C GLY D 339 9.17 -26.02 31.96
N ARG D 340 9.59 -25.20 31.00
CA ARG D 340 9.68 -23.74 31.22
C ARG D 340 8.53 -22.95 30.59
N GLY D 341 7.78 -23.56 29.68
CA GLY D 341 6.55 -22.97 29.16
C GLY D 341 5.65 -24.07 28.62
N LYS D 342 4.43 -23.71 28.29
CA LYS D 342 3.49 -24.66 27.67
C LYS D 342 3.48 -24.35 26.18
N ALA D 343 3.64 -25.37 25.33
CA ALA D 343 3.54 -25.22 23.88
C ALA D 343 2.08 -25.20 23.46
N TRP D 344 1.79 -24.47 22.38
CA TRP D 344 0.43 -24.38 21.86
C TRP D 344 0.50 -24.47 20.35
N PRO D 345 -0.34 -25.28 19.71
CA PRO D 345 -1.27 -26.19 20.35
C PRO D 345 -0.69 -27.58 20.47
N ASP D 346 -0.86 -28.20 21.63
CA ASP D 346 -0.61 -29.63 21.81
C ASP D 346 -1.72 -30.45 21.17
N PHE D 347 -1.63 -31.77 21.21
CA PHE D 347 -2.62 -32.62 20.54
C PHE D 347 -4.05 -32.46 21.08
N THR D 348 -4.20 -32.02 22.33
CA THR D 348 -5.52 -31.70 22.90
C THR D 348 -6.08 -30.40 22.32
N ASP D 349 -5.27 -29.35 22.30
CA ASP D 349 -5.69 -28.09 21.66
C ASP D 349 -5.95 -28.30 20.15
N GLY D 350 -5.09 -29.12 19.52
CA GLY D 350 -5.21 -29.44 18.11
C GLY D 350 -6.45 -30.21 17.73
N LEU D 351 -6.88 -31.10 18.61
CA LEU D 351 -8.11 -31.86 18.40
C LEU D 351 -9.32 -30.94 18.20
N THR D 352 -9.41 -29.89 19.00
CA THR D 352 -10.49 -28.91 18.88
C THR D 352 -10.47 -28.26 17.48
N ILE D 353 -9.27 -27.90 17.01
CA ILE D 353 -9.10 -27.31 15.68
C ILE D 353 -9.61 -28.26 14.61
N GLU D 354 -9.26 -29.53 14.72
CA GLU D 354 -9.75 -30.55 13.81
C GLU D 354 -11.28 -30.63 13.82
N ARG D 355 -11.88 -30.57 15.01
CA ARG D 355 -13.35 -30.57 15.15
C ARG D 355 -13.98 -29.39 14.43
N VAL D 356 -13.35 -28.23 14.50
CA VAL D 356 -13.83 -27.04 13.77
C VAL D 356 -13.81 -27.24 12.25
N ILE D 357 -12.65 -27.58 11.66
CA ILE D 357 -12.57 -27.72 10.20
C ILE D 357 -13.46 -28.85 9.69
N HIS D 358 -13.51 -29.96 10.44
CA HIS D 358 -14.41 -31.08 10.07
C HIS D 358 -15.89 -30.73 10.27
N GLY D 359 -16.20 -29.94 11.29
CA GLY D 359 -17.55 -29.37 11.46
C GLY D 359 -17.95 -28.42 10.34
N MET D 360 -17.02 -27.61 9.85
CA MET D 360 -17.26 -26.79 8.68
C MET D 360 -17.58 -27.67 7.46
N ALA D 361 -16.76 -28.70 7.25
CA ALA D 361 -16.99 -29.66 6.15
C ALA D 361 -18.38 -30.28 6.26
N THR D 362 -18.77 -30.71 7.46
CA THR D 362 -20.10 -31.30 7.67
C THR D 362 -21.20 -30.31 7.35
N SER D 363 -21.05 -29.10 7.88
CA SER D 363 -22.01 -28.03 7.63
C SER D 363 -22.18 -27.76 6.12
N ALA D 364 -21.09 -27.74 5.38
CA ALA D 364 -21.16 -27.51 3.92
C ALA D 364 -21.86 -28.66 3.20
N GLN D 365 -21.60 -29.89 3.65
CA GLN D 365 -22.26 -31.06 3.10
C GLN D 365 -23.77 -31.08 3.34
N THR D 366 -24.20 -30.68 4.55
CA THR D 366 -25.60 -30.79 4.96
C THR D 366 -26.44 -29.52 4.80
N GLY D 367 -25.78 -28.38 4.58
CA GLY D 367 -26.50 -27.10 4.53
C GLY D 367 -27.10 -26.71 5.86
N GLN D 368 -26.54 -27.26 6.95
CA GLN D 368 -27.03 -26.99 8.29
C GLN D 368 -25.91 -26.43 9.16
N PRO D 369 -26.26 -25.54 10.10
CA PRO D 369 -25.29 -25.12 11.11
C PRO D 369 -24.84 -26.29 12.01
N VAL D 370 -23.60 -26.20 12.49
CA VAL D 370 -22.99 -27.18 13.38
C VAL D 370 -22.56 -26.44 14.64
N ASN D 371 -23.00 -26.95 15.79
CA ASN D 371 -22.67 -26.41 17.11
C ASN D 371 -21.63 -27.29 17.75
N PHE D 372 -20.74 -26.68 18.53
CA PHE D 372 -19.67 -27.37 19.23
C PHE D 372 -19.88 -27.39 20.75
PA NAD E . -5.48 22.21 -23.89
O1A NAD E . -4.94 22.25 -25.32
O2A NAD E . -6.15 21.02 -23.23
O5B NAD E . -6.40 23.51 -23.70
C5B NAD E . -6.01 24.80 -24.21
C4B NAD E . -7.31 25.57 -24.34
O4B NAD E . -6.98 26.89 -24.75
C3B NAD E . -8.24 24.96 -25.41
O3B NAD E . -9.63 25.05 -25.05
C2B NAD E . -7.92 25.80 -26.63
O2B NAD E . -8.95 25.76 -27.62
C1B NAD E . -7.75 27.14 -25.92
N9A NAD E . -7.07 28.17 -26.71
C8A NAD E . -5.89 28.07 -27.35
N7A NAD E . -5.59 29.27 -27.94
C5A NAD E . -6.60 30.12 -27.65
C6A NAD E . -6.94 31.54 -27.94
N6A NAD E . -6.09 32.26 -28.69
N1A NAD E . -8.11 32.06 -27.46
C2A NAD E . -8.96 31.33 -26.70
N3A NAD E . -8.70 30.04 -26.39
C4A NAD E . -7.57 29.41 -26.83
O3 NAD E . -4.30 22.59 -22.85
PN NAD E . -4.34 22.28 -21.24
O1N NAD E . -5.61 22.71 -20.52
O2N NAD E . -3.68 20.94 -20.94
O5D NAD E . -3.27 23.42 -20.83
C5D NAD E . -3.54 24.81 -20.96
C4D NAD E . -2.91 25.50 -19.76
O4D NAD E . -3.30 24.83 -18.55
C3D NAD E . -1.38 25.44 -19.83
O3D NAD E . -0.82 26.62 -19.28
C2D NAD E . -1.02 24.26 -18.94
O2D NAD E . 0.27 24.35 -18.34
C1D NAD E . -2.09 24.35 -17.89
N1N NAD E . -2.36 23.12 -17.14
C2N NAD E . -2.40 23.20 -15.80
C3N NAD E . -2.67 22.09 -14.98
C7N NAD E . -2.78 22.22 -13.45
O7N NAD E . -2.92 21.20 -12.76
N7N NAD E . -2.80 23.46 -12.88
C4N NAD E . -2.91 20.86 -15.62
C5N NAD E . -2.88 20.80 -17.02
C6N NAD E . -2.61 21.94 -17.77
PA NAD F . -29.03 14.59 6.60
O1A NAD F . -29.60 14.50 7.99
O2A NAD F . -27.61 15.09 6.30
O5B NAD F . -30.03 15.41 5.65
C5B NAD F . -31.45 15.23 5.74
C4B NAD F . -32.05 16.38 4.94
O4B NAD F . -33.47 16.21 4.80
C3B NAD F . -31.83 17.70 5.66
O3B NAD F . -31.60 18.74 4.70
C2B NAD F . -33.12 17.94 6.43
O2B NAD F . -33.30 19.32 6.76
C1B NAD F . -34.08 17.39 5.38
N9A NAD F . -35.46 17.11 5.83
C8A NAD F . -35.88 16.32 6.84
N7A NAD F . -37.25 16.35 6.91
C5A NAD F . -37.69 17.17 5.94
C6A NAD F . -39.01 17.65 5.44
N6A NAD F . -40.16 17.24 6.05
N1A NAD F . -39.03 18.50 4.38
C2A NAD F . -37.89 18.92 3.76
N3A NAD F . -36.65 18.53 4.16
C4A NAD F . -36.51 17.66 5.22
O3 NAD F . -29.12 13.10 5.98
PN NAD F . -28.22 12.54 4.77
O1N NAD F . -26.99 11.88 5.40
O2N NAD F . -28.13 13.50 3.60
O5D NAD F . -29.13 11.30 4.35
C5D NAD F . -30.40 11.54 3.76
C4D NAD F . -30.63 10.39 2.79
O4D NAD F . -29.47 10.25 1.97
C3D NAD F . -30.82 9.07 3.54
O3D NAD F . -31.85 8.36 2.88
C2D NAD F . -29.50 8.32 3.41
O2D NAD F . -29.68 6.88 3.33
C1D NAD F . -28.97 8.90 2.11
N1N NAD F . -27.50 8.94 1.96
C2N NAD F . -27.00 8.41 0.83
C3N NAD F . -25.64 8.43 0.53
C7N NAD F . -25.11 7.81 -0.76
O7N NAD F . -23.88 7.73 -0.90
N7N NAD F . -26.00 7.37 -1.70
C4N NAD F . -24.78 9.02 1.48
C5N NAD F . -25.32 9.59 2.64
C6N NAD F . -26.69 9.54 2.85
C1 ISE G . -22.88 6.08 2.49
O1 ISE G . -22.47 6.60 1.24
C2 ISE G . -24.35 6.27 2.73
O2 ISE G . -25.18 6.24 1.81
C3 ISE G . -24.82 6.38 4.15
O3 ISE G . -26.14 6.92 4.31
C4 ISE G . -23.87 7.24 5.00
O4 ISE G . -24.25 7.08 6.37
C5 ISE G . -22.45 6.75 4.88
O5 ISE G . -21.59 7.44 5.77
C6 ISE G . -22.05 6.93 3.42
O6 ISE G . -20.70 6.52 3.26
PA NAD H . 28.21 -4.53 17.16
O1A NAD H . 28.88 -3.53 18.11
O2A NAD H . 26.83 -5.10 17.35
O5B NAD H . 29.18 -5.82 16.99
C5B NAD H . 30.60 -5.75 16.86
C4B NAD H . 31.12 -7.06 17.43
O4B NAD H . 32.55 -7.03 17.39
C3B NAD H . 30.71 -7.26 18.90
O3B NAD H . 30.40 -8.63 19.17
C2B NAD H . 31.95 -6.82 19.65
O2B NAD H . 32.02 -7.41 20.95
C1B NAD H . 33.02 -7.36 18.71
N9A NAD H . 34.37 -6.81 18.96
C8A NAD H . 34.72 -5.52 19.20
N7A NAD H . 36.07 -5.42 19.37
C5A NAD H . 36.59 -6.67 19.22
C6A NAD H . 37.94 -7.30 19.26
N6A NAD H . 39.02 -6.54 19.51
N1A NAD H . 38.04 -8.65 19.06
C2A NAD H . 36.97 -9.42 18.81
N3A NAD H . 35.71 -8.92 18.75
C4A NAD H . 35.47 -7.59 18.95
O3 NAD H . 28.19 -3.82 15.70
PN NAD H . 27.41 -4.37 14.38
O1N NAD H . 26.11 -3.60 14.22
O2N NAD H . 27.41 -5.90 14.29
O5D NAD H . 28.47 -3.85 13.28
C5D NAD H . 29.62 -4.63 12.96
C4D NAD H . 29.93 -4.54 11.47
O4D NAD H . 28.86 -5.01 10.65
C3D NAD H . 30.18 -3.09 11.07
O3D NAD H . 31.31 -3.07 10.19
C2D NAD H . 28.91 -2.62 10.38
O2D NAD H . 29.11 -1.60 9.39
C1D NAD H . 28.42 -3.94 9.77
N1N NAD H . 26.99 -4.13 9.64
C2N NAD H . 26.49 -4.58 8.46
C3N NAD H . 25.12 -4.84 8.26
C7N NAD H . 24.60 -5.34 6.92
O7N NAD H . 23.40 -5.28 6.64
N7N NAD H . 25.49 -5.84 6.02
C4N NAD H . 24.27 -4.61 9.35
C5N NAD H . 24.80 -4.15 10.57
C6N NAD H . 26.17 -3.94 10.70
C1 ISE I . 22.36 -1.69 7.68
O1 ISE I . 22.01 -2.93 7.08
C2 ISE I . 23.80 -1.66 8.08
O2 ISE I . 24.66 -2.30 7.48
C3 ISE I . 24.22 -0.77 9.22
O3 ISE I . 25.47 -1.19 9.82
C4 ISE I . 23.17 -0.70 10.31
O4 ISE I . 23.48 0.46 11.08
C5 ISE I . 21.78 -0.50 9.79
O5 ISE I . 20.91 -0.42 10.92
C6 ISE I . 21.44 -1.66 8.89
O6 ISE I . 20.09 -1.56 8.45
PA NAD J . 6.12 -32.50 0.49
O1A NAD J . 5.42 -33.39 -0.53
O2A NAD J . 6.90 -31.31 0.02
O5B NAD J . 7.05 -33.39 1.47
C5B NAD J . 6.56 -34.59 2.04
C4B NAD J . 7.79 -35.39 2.46
O4B NAD J . 7.38 -36.63 3.03
C3B NAD J . 8.68 -35.72 1.27
O3B NAD J . 10.03 -35.57 1.71
C2B NAD J . 8.32 -37.15 0.95
O2B NAD J . 9.32 -37.84 0.20
C1B NAD J . 8.17 -37.65 2.38
N9A NAD J . 7.53 -38.97 2.56
C8A NAD J . 6.41 -39.44 1.96
N7A NAD J . 6.16 -40.70 2.41
C5A NAD J . 7.12 -41.05 3.31
C6A NAD J . 7.46 -42.21 4.17
N6A NAD J . 6.71 -43.32 4.17
N1A NAD J . 8.55 -42.16 4.96
C2A NAD J . 9.34 -41.07 5.00
N3A NAD J . 9.09 -39.96 4.26
C4A NAD J . 8.02 -39.89 3.41
O3 NAD J . 4.94 -32.01 1.47
PN NAD J . 5.03 -30.75 2.47
O1N NAD J . 4.46 -29.54 1.75
O2N NAD J . 6.42 -30.69 3.09
O5D NAD J . 3.96 -31.15 3.59
C5D NAD J . 4.29 -32.01 4.65
C4D NAD J . 3.40 -31.72 5.84
O4D NAD J . 3.61 -30.39 6.27
C3D NAD J . 1.93 -31.84 5.48
O3D NAD J . 1.25 -32.43 6.58
C2D NAD J . 1.46 -30.41 5.22
O2D NAD J . 0.09 -30.17 5.59
C1D NAD J . 2.40 -29.63 6.11
N1N NAD J . 2.84 -28.32 5.61
C2N NAD J . 2.82 -27.33 6.49
C3N NAD J . 3.24 -26.04 6.17
C7N NAD J . 3.16 -24.97 7.26
O7N NAD J . 3.18 -23.78 6.89
N7N NAD J . 3.05 -25.35 8.56
C4N NAD J . 3.70 -25.80 4.85
C5N NAD J . 3.74 -26.86 3.93
C6N NAD J . 3.32 -28.12 4.37
C1 ISE K . 0.76 -23.56 4.10
O1 ISE K . 1.66 -22.90 4.99
C2 ISE K . 0.71 -25.02 4.39
O2 ISE K . 1.00 -25.42 5.52
C3 ISE K . 0.25 -25.94 3.27
O3 ISE K . 0.56 -27.36 3.45
C4 ISE K . 0.86 -25.51 1.94
O4 ISE K . 0.27 -26.27 0.89
C5 ISE K . 0.65 -24.04 1.66
O5 ISE K . 1.22 -23.67 0.39
C6 ISE K . 1.34 -23.26 2.74
O6 ISE K . 1.19 -21.87 2.47
#